data_6B4G
#
_entry.id   6B4G
#
_cell.length_a   84.482
_cell.length_b   93.055
_cell.length_c   229.669
_cell.angle_alpha   90.00
_cell.angle_beta   90.00
_cell.angle_gamma   90.00
#
_symmetry.space_group_name_H-M   'P 21 21 21'
#
loop_
_entity.id
_entity.type
_entity.pdbx_description
1 polymer 'Nucleoporin GLE1'
2 polymer 'Nucleoporin AMO1'
3 non-polymer '2-(N-MORPHOLINO)-ETHANESULFONIC ACID'
4 water water
#
loop_
_entity_poly.entity_id
_entity_poly.type
_entity_poly.pdbx_seq_one_letter_code
_entity_poly.pdbx_strand_id
1 'polypeptide(L)'
;GPHMRYVEIHRNLKGLRKYMAEQAKTNLKLKQRMGDMRREIRKSVGQLTTGGMAANKDKQQKIKSILTEALSNQVESALV
DPNNFVVEPRKPVEGATNNDPLLPSIFVYLINIFAKAAISQFINEAGARPETADPVGICVAAILSEPDFLWRGASLIDIL
IAKFRIVCPVLFGYRGSEKTEQGRQRLGWWKESGQWISEQQHMDRMTGLGAGFAAISLRKFALSKKQNPYPPRFYWMAMA
KIVNTPPAEISNTQCVVLKAMVQNYEAKFIEFYGSAAIAALRTALIDFPARAPHKSAAVNSLEVLAQMLKRDTGLDLG
;
A,C,E,G
2 'polypeptide(L)' GPHMGSPEFDGTLVRIWMPDGAPAYTADTEAEDPKVYEDEGVKRQWQSFLEKGRFEGGMPEVPPRREWCVWDF B,D,F,H
#
loop_
_chem_comp.id
_chem_comp.type
_chem_comp.name
_chem_comp.formula
MES non-polymer '2-(N-MORPHOLINO)-ETHANESULFONIC ACID' 'C6 H13 N O4 S'
#
# COMPACT_ATOMS: atom_id res chain seq x y z
N GLY A 1 -27.62 20.55 14.44
CA GLY A 1 -27.89 20.67 13.02
C GLY A 1 -27.07 21.72 12.30
N PRO A 2 -27.28 21.83 10.97
CA PRO A 2 -28.26 21.07 10.18
C PRO A 2 -27.82 19.65 9.80
N HIS A 3 -26.59 19.49 9.29
CA HIS A 3 -26.10 18.21 8.79
C HIS A 3 -24.61 18.32 8.47
N MET A 4 -23.90 17.20 8.59
CA MET A 4 -22.45 17.18 8.31
C MET A 4 -21.97 15.81 7.82
N ARG A 5 -20.65 15.73 7.66
CA ARG A 5 -19.94 14.59 7.07
C ARG A 5 -20.13 13.26 7.80
N TYR A 6 -20.37 13.25 9.12
CA TYR A 6 -20.44 11.96 9.82
C TYR A 6 -21.35 10.96 9.13
N VAL A 7 -22.33 11.45 8.36
CA VAL A 7 -23.18 10.55 7.58
C VAL A 7 -22.42 9.99 6.38
N GLU A 8 -21.53 10.80 5.78
CA GLU A 8 -20.75 10.33 4.65
C GLU A 8 -19.89 9.13 5.02
N ILE A 9 -19.32 9.13 6.23
CA ILE A 9 -18.53 7.99 6.69
C ILE A 9 -19.39 6.75 6.77
N HIS A 10 -20.65 6.92 7.21
CA HIS A 10 -21.56 5.79 7.32
C HIS A 10 -21.76 5.13 5.96
N ARG A 11 -21.84 5.92 4.89
CA ARG A 11 -22.02 5.36 3.56
C ARG A 11 -20.76 4.65 3.09
N ASN A 12 -19.59 5.25 3.30
CA ASN A 12 -18.34 4.62 2.89
C ASN A 12 -18.12 3.31 3.62
N LEU A 13 -18.52 3.24 4.89
CA LEU A 13 -18.41 2.00 5.64
C LEU A 13 -19.34 0.93 5.08
N LYS A 14 -20.54 1.33 4.64
CA LYS A 14 -21.42 0.39 3.96
C LYS A 14 -20.80 -0.12 2.65
N GLY A 15 -20.17 0.77 1.89
CA GLY A 15 -19.47 0.34 0.70
C GLY A 15 -18.25 -0.51 0.97
N LEU A 16 -17.67 -0.39 2.16
CA LEU A 16 -16.55 -1.25 2.53
C LEU A 16 -17.01 -2.68 2.79
N ARG A 17 -18.22 -2.85 3.32
CA ARG A 17 -18.73 -4.20 3.58
C ARG A 17 -18.86 -4.99 2.29
N LYS A 18 -19.43 -4.38 1.25
CA LYS A 18 -19.51 -5.04 -0.05
C LYS A 18 -18.12 -5.35 -0.61
N TYR A 19 -17.17 -4.42 -0.42
CA TYR A 19 -15.83 -4.63 -0.94
C TYR A 19 -15.19 -5.86 -0.33
N MET A 20 -15.36 -6.06 0.97
CA MET A 20 -14.78 -7.24 1.61
C MET A 20 -15.46 -8.52 1.15
N ALA A 21 -16.76 -8.45 0.84
CA ALA A 21 -17.47 -9.63 0.34
C ALA A 21 -17.01 -9.99 -1.06
N GLU A 22 -16.70 -8.99 -1.90
CA GLU A 22 -16.22 -9.26 -3.25
C GLU A 22 -14.85 -9.91 -3.21
N GLN A 23 -13.94 -9.37 -2.40
CA GLN A 23 -12.61 -9.97 -2.28
C GLN A 23 -12.70 -11.40 -1.81
N ALA A 24 -13.67 -11.69 -0.93
CA ALA A 24 -13.78 -13.05 -0.37
C ALA A 24 -14.03 -14.08 -1.46
N LYS A 25 -14.62 -13.67 -2.59
CA LYS A 25 -14.86 -14.60 -3.68
C LYS A 25 -13.54 -14.99 -4.35
N THR A 26 -12.78 -13.99 -4.77
CA THR A 26 -11.49 -14.23 -5.43
C THR A 26 -10.40 -14.59 -4.43
N ASN A 27 -10.40 -13.95 -3.26
CA ASN A 27 -9.34 -14.12 -2.28
C ASN A 27 -9.74 -15.22 -1.30
N LEU A 28 -9.04 -16.36 -1.41
CA LEU A 28 -9.33 -17.48 -0.53
C LEU A 28 -8.76 -17.28 0.87
N LYS A 29 -7.53 -16.74 0.98
CA LYS A 29 -7.00 -16.46 2.30
C LYS A 29 -7.89 -15.51 3.09
N LEU A 30 -8.60 -14.61 2.42
CA LEU A 30 -9.51 -13.71 3.10
C LEU A 30 -10.80 -14.40 3.51
N LYS A 31 -11.28 -15.34 2.68
CA LYS A 31 -12.50 -16.05 3.01
C LYS A 31 -12.26 -17.01 4.15
N GLN A 32 -11.07 -17.59 4.22
CA GLN A 32 -10.76 -18.57 5.25
C GLN A 32 -10.84 -17.93 6.64
N ARG A 33 -10.29 -16.73 6.78
CA ARG A 33 -10.08 -16.09 8.07
C ARG A 33 -11.05 -14.96 8.42
N MET A 34 -11.54 -14.19 7.44
CA MET A 34 -12.32 -12.99 7.76
C MET A 34 -13.50 -13.29 8.68
N GLY A 35 -14.25 -14.36 8.42
CA GLY A 35 -15.43 -14.65 9.23
C GLY A 35 -15.10 -14.90 10.69
N ASP A 36 -14.09 -15.72 10.96
CA ASP A 36 -13.73 -16.03 12.34
C ASP A 36 -13.22 -14.79 13.06
N MET A 37 -12.58 -13.89 12.32
CA MET A 37 -12.02 -12.68 12.93
C MET A 37 -13.15 -11.78 13.40
N ARG A 38 -14.20 -11.67 12.57
CA ARG A 38 -15.38 -10.88 12.91
C ARG A 38 -16.04 -11.39 14.19
N ARG A 39 -16.22 -12.71 14.29
CA ARG A 39 -16.97 -13.28 15.41
C ARG A 39 -16.22 -13.14 16.72
N GLU A 40 -14.90 -13.34 16.70
CA GLU A 40 -14.14 -13.30 17.93
C GLU A 40 -14.10 -11.90 18.52
N ILE A 41 -14.28 -10.87 17.68
CA ILE A 41 -14.36 -9.52 18.21
C ILE A 41 -15.71 -9.32 18.90
N ARG A 42 -16.80 -9.71 18.23
CA ARG A 42 -18.12 -9.59 18.85
C ARG A 42 -18.21 -10.39 20.13
N LYS A 43 -17.63 -11.59 20.15
CA LYS A 43 -17.72 -12.42 21.33
C LYS A 43 -16.97 -11.77 22.49
N SER A 44 -15.79 -11.24 22.20
CA SER A 44 -14.99 -10.58 23.22
C SER A 44 -15.66 -9.32 23.74
N VAL A 45 -16.33 -8.58 22.86
CA VAL A 45 -17.07 -7.39 23.29
C VAL A 45 -18.25 -7.77 24.18
N GLY A 46 -19.02 -8.78 23.78
CA GLY A 46 -20.17 -9.19 24.58
C GLY A 46 -19.76 -9.66 25.96
N GLN A 47 -18.62 -10.34 26.07
CA GLN A 47 -18.15 -10.87 27.34
C GLN A 47 -17.67 -9.80 28.31
N LEU A 48 -17.38 -8.59 27.83
CA LEU A 48 -16.87 -7.56 28.74
C LEU A 48 -17.79 -7.34 29.93
N THR A 49 -19.11 -7.40 29.71
CA THR A 49 -20.06 -7.18 30.79
C THR A 49 -20.00 -8.31 31.82
N THR A 50 -20.28 -9.54 31.40
CA THR A 50 -20.17 -10.69 32.28
C THR A 50 -20.37 -11.98 31.49
N ALA A 54 -12.50 -6.46 37.03
CA ALA A 54 -11.48 -6.78 38.01
C ALA A 54 -10.45 -7.74 37.42
N ALA A 55 -9.36 -7.18 36.90
CA ALA A 55 -8.28 -7.94 36.28
C ALA A 55 -8.75 -8.74 35.06
N ASN A 56 -9.95 -8.48 34.55
CA ASN A 56 -10.41 -9.15 33.34
C ASN A 56 -9.83 -8.39 32.15
N LYS A 57 -8.63 -8.79 31.75
CA LYS A 57 -7.93 -8.19 30.62
C LYS A 57 -7.77 -9.15 29.45
N ASP A 58 -8.25 -10.39 29.57
CA ASP A 58 -8.10 -11.36 28.49
C ASP A 58 -9.03 -11.11 27.32
N LYS A 59 -10.10 -10.34 27.50
CA LYS A 59 -11.03 -10.09 26.41
C LYS A 59 -10.62 -8.90 25.58
N GLN A 60 -9.95 -7.93 26.21
CA GLN A 60 -9.42 -6.77 25.49
C GLN A 60 -8.21 -7.16 24.65
N GLN A 61 -7.38 -8.10 25.15
CA GLN A 61 -6.23 -8.55 24.38
C GLN A 61 -6.65 -9.34 23.14
N LYS A 62 -7.66 -10.20 23.27
CA LYS A 62 -8.12 -10.95 22.11
C LYS A 62 -8.56 -10.01 20.99
N ILE A 63 -9.16 -8.87 21.36
CA ILE A 63 -9.57 -7.90 20.35
C ILE A 63 -8.36 -7.18 19.78
N LYS A 64 -7.37 -6.87 20.62
CA LYS A 64 -6.15 -6.22 20.12
C LYS A 64 -5.39 -7.15 19.19
N SER A 65 -5.27 -8.43 19.56
CA SER A 65 -4.49 -9.36 18.75
C SER A 65 -5.09 -9.53 17.36
N ILE A 66 -6.43 -9.49 17.27
CA ILE A 66 -7.07 -9.65 15.96
C ILE A 66 -6.82 -8.43 15.11
N LEU A 67 -6.87 -7.24 15.72
CA LEU A 67 -6.64 -6.01 14.95
C LEU A 67 -5.18 -5.91 14.53
N THR A 68 -4.26 -6.36 15.38
CA THR A 68 -2.85 -6.41 14.98
C THR A 68 -2.67 -7.40 13.83
N GLU A 69 -3.39 -8.51 13.86
CA GLU A 69 -3.33 -9.49 12.77
C GLU A 69 -3.90 -8.90 11.48
N ALA A 70 -5.00 -8.15 11.60
CA ALA A 70 -5.58 -7.54 10.41
C ALA A 70 -4.69 -6.44 9.85
N LEU A 71 -3.92 -5.77 10.71
CA LEU A 71 -3.04 -4.72 10.23
C LEU A 71 -1.85 -5.31 9.48
N SER A 72 -1.33 -6.45 9.94
CA SER A 72 -0.25 -7.12 9.22
C SER A 72 -0.73 -7.56 7.83
N ASN A 73 -2.02 -7.88 7.71
CA ASN A 73 -2.66 -8.14 6.42
C ASN A 73 -2.15 -9.43 5.77
N GLN A 74 -1.99 -10.49 6.57
CA GLN A 74 -1.63 -11.78 6.00
C GLN A 74 -2.65 -12.23 4.98
N VAL A 75 -3.91 -11.80 5.14
CA VAL A 75 -4.98 -12.23 4.23
C VAL A 75 -4.91 -11.51 2.90
N GLU A 76 -3.91 -10.65 2.70
CA GLU A 76 -3.67 -10.02 1.42
C GLU A 76 -4.93 -9.32 0.93
N SER A 77 -5.45 -8.44 1.77
CA SER A 77 -6.62 -7.66 1.43
C SER A 77 -6.22 -6.38 0.72
N ALA A 78 -7.13 -5.88 -0.11
CA ALA A 78 -6.86 -4.65 -0.84
C ALA A 78 -6.69 -3.50 0.15
N LEU A 79 -5.98 -2.47 -0.28
CA LEU A 79 -5.74 -1.30 0.53
C LEU A 79 -6.76 -0.21 0.20
N VAL A 80 -7.12 0.57 1.22
CA VAL A 80 -8.13 1.61 1.08
C VAL A 80 -7.61 2.91 1.68
N ASP A 81 -8.26 4.01 1.30
CA ASP A 81 -7.89 5.33 1.77
C ASP A 81 -8.61 5.63 3.08
N PRO A 82 -7.90 5.75 4.20
CA PRO A 82 -8.58 6.02 5.47
C PRO A 82 -9.26 7.39 5.53
N ASN A 83 -8.93 8.30 4.62
CA ASN A 83 -9.61 9.60 4.61
C ASN A 83 -11.10 9.48 4.36
N ASN A 84 -11.54 8.35 3.80
CA ASN A 84 -12.96 8.09 3.60
C ASN A 84 -13.67 7.72 4.90
N PHE A 85 -12.93 7.60 6.00
CA PHE A 85 -13.51 7.13 7.26
C PHE A 85 -13.13 8.03 8.43
N VAL A 86 -12.75 9.27 8.15
CA VAL A 86 -12.42 10.25 9.17
C VAL A 86 -13.02 11.58 8.76
N VAL A 87 -13.38 12.40 9.75
CA VAL A 87 -14.02 13.68 9.48
C VAL A 87 -13.08 14.60 8.72
N GLU A 88 -11.86 14.74 9.21
CA GLU A 88 -10.89 15.67 8.67
C GLU A 88 -9.79 14.91 7.94
N PRO A 89 -9.53 15.19 6.65
CA PRO A 89 -8.38 14.55 6.00
C PRO A 89 -7.08 14.85 6.74
N ARG A 90 -6.31 13.80 6.98
CA ARG A 90 -5.09 13.90 7.79
C ARG A 90 -3.84 13.90 6.92
N LYS A 91 -2.87 14.70 7.34
CA LYS A 91 -1.57 14.79 6.71
C LYS A 91 -0.57 13.95 7.50
N PRO A 92 0.53 13.54 6.88
CA PRO A 92 1.56 12.81 7.64
C PRO A 92 2.06 13.65 8.81
N VAL A 93 2.11 13.02 9.99
CA VAL A 93 2.49 13.69 11.22
C VAL A 93 3.89 13.26 11.63
N GLU A 94 4.68 14.22 12.11
CA GLU A 94 6.04 13.93 12.57
C GLU A 94 6.02 13.00 13.78
N GLY A 95 6.82 11.94 13.71
CA GLY A 95 6.93 10.98 14.78
C GLY A 95 5.80 9.99 14.88
N ALA A 96 4.83 10.04 13.97
CA ALA A 96 3.71 9.12 14.01
C ALA A 96 4.15 7.72 13.63
N THR A 97 3.42 6.73 14.15
CA THR A 97 3.73 5.32 13.91
C THR A 97 3.24 4.82 12.56
N ASN A 98 2.39 5.57 11.86
CA ASN A 98 1.84 5.08 10.61
C ASN A 98 1.36 6.30 9.81
N ASN A 99 2.18 6.71 8.84
CA ASN A 99 1.84 7.80 7.93
C ASN A 99 1.49 7.30 6.54
N ASP A 100 1.53 5.99 6.30
CA ASP A 100 1.24 5.47 4.98
C ASP A 100 -0.15 5.91 4.54
N PRO A 101 -0.33 6.31 3.27
CA PRO A 101 -1.64 6.85 2.87
C PRO A 101 -2.75 5.83 2.79
N LEU A 102 -2.46 4.53 2.69
CA LEU A 102 -3.49 3.52 2.61
C LEU A 102 -3.34 2.53 3.76
N LEU A 103 -4.40 1.79 4.01
CA LEU A 103 -4.45 0.80 5.08
C LEU A 103 -5.11 -0.46 4.56
N PRO A 104 -4.83 -1.60 5.18
CA PRO A 104 -5.51 -2.84 4.75
C PRO A 104 -7.01 -2.73 4.96
N SER A 105 -7.77 -3.12 3.93
CA SER A 105 -9.22 -3.07 4.02
C SER A 105 -9.78 -4.00 5.09
N ILE A 106 -9.03 -5.04 5.48
CA ILE A 106 -9.49 -5.91 6.56
C ILE A 106 -9.38 -5.21 7.89
N PHE A 107 -8.41 -4.31 8.04
CA PHE A 107 -8.23 -3.58 9.29
C PHE A 107 -9.36 -2.59 9.52
N VAL A 108 -9.59 -1.70 8.54
CA VAL A 108 -10.70 -0.76 8.63
C VAL A 108 -12.02 -1.51 8.84
N TYR A 109 -12.16 -2.66 8.20
CA TYR A 109 -13.38 -3.44 8.33
C TYR A 109 -13.56 -3.97 9.74
N LEU A 110 -12.51 -4.56 10.31
CA LEU A 110 -12.63 -5.11 11.66
C LEU A 110 -12.69 -4.01 12.71
N ILE A 111 -12.06 -2.86 12.46
CA ILE A 111 -12.28 -1.70 13.32
C ILE A 111 -13.76 -1.32 13.28
N ASN A 112 -14.36 -1.39 12.09
CA ASN A 112 -15.79 -1.09 11.96
C ASN A 112 -16.65 -2.11 12.69
N ILE A 113 -16.23 -3.38 12.72
CA ILE A 113 -16.97 -4.39 13.45
C ILE A 113 -16.85 -4.15 14.95
N PHE A 114 -15.67 -3.70 15.39
CA PHE A 114 -15.50 -3.36 16.79
C PHE A 114 -16.40 -2.22 17.21
N ALA A 115 -16.58 -1.24 16.32
CA ALA A 115 -17.48 -0.13 16.59
C ALA A 115 -18.93 -0.59 16.59
N LYS A 116 -19.32 -1.40 15.60
CA LYS A 116 -20.68 -1.93 15.60
C LYS A 116 -20.95 -2.76 16.86
N ALA A 117 -19.96 -3.53 17.31
CA ALA A 117 -20.18 -4.38 18.48
C ALA A 117 -20.42 -3.54 19.72
N ALA A 118 -19.71 -2.42 19.86
CA ALA A 118 -19.91 -1.57 21.03
C ALA A 118 -21.25 -0.86 20.97
N ILE A 119 -21.67 -0.41 19.78
CA ILE A 119 -22.97 0.23 19.64
C ILE A 119 -24.09 -0.73 20.02
N SER A 120 -24.01 -1.98 19.57
CA SER A 120 -25.07 -2.94 19.87
C SER A 120 -25.11 -3.26 21.36
N GLN A 121 -23.94 -3.32 22.02
CA GLN A 121 -23.92 -3.55 23.45
C GLN A 121 -24.56 -2.39 24.20
N PHE A 122 -24.29 -1.16 23.78
CA PHE A 122 -24.96 -0.01 24.39
C PHE A 122 -26.47 -0.13 24.22
N ILE A 123 -26.91 -0.55 23.04
CA ILE A 123 -28.32 -0.62 22.73
C ILE A 123 -28.98 -1.79 23.48
N ASN A 124 -28.39 -2.99 23.39
CA ASN A 124 -29.09 -4.19 23.84
C ASN A 124 -28.98 -4.41 25.34
N GLU A 125 -27.81 -4.10 25.94
CA GLU A 125 -27.57 -4.37 27.34
C GLU A 125 -27.58 -3.12 28.21
N ALA A 126 -26.91 -2.05 27.76
CA ALA A 126 -26.90 -0.83 28.56
C ALA A 126 -28.26 -0.14 28.59
N GLY A 127 -29.15 -0.47 27.65
CA GLY A 127 -30.49 0.09 27.69
C GLY A 127 -31.30 -0.42 28.87
N ALA A 128 -31.10 -1.69 29.24
CA ALA A 128 -31.77 -2.28 30.39
C ALA A 128 -30.95 -2.20 31.66
N ARG A 129 -29.63 -2.19 31.53
CA ARG A 129 -28.71 -2.15 32.68
C ARG A 129 -27.61 -1.16 32.31
N PRO A 130 -27.84 0.14 32.57
CA PRO A 130 -26.86 1.14 32.14
C PRO A 130 -25.45 0.95 32.70
N GLU A 131 -25.28 0.11 33.73
CA GLU A 131 -23.95 -0.09 34.30
C GLU A 131 -23.00 -0.69 33.28
N THR A 132 -23.54 -1.47 32.35
CA THR A 132 -22.72 -2.26 31.44
C THR A 132 -22.06 -1.45 30.34
N ALA A 133 -22.36 -0.16 30.24
CA ALA A 133 -21.75 0.65 29.19
C ALA A 133 -20.32 1.02 29.52
N ASP A 134 -20.01 1.18 30.81
CA ASP A 134 -18.68 1.64 31.21
C ASP A 134 -17.59 0.65 30.82
N PRO A 135 -17.67 -0.64 31.15
CA PRO A 135 -16.60 -1.56 30.73
C PRO A 135 -16.40 -1.56 29.22
N VAL A 136 -17.47 -1.42 28.44
CA VAL A 136 -17.34 -1.33 26.99
C VAL A 136 -16.56 -0.07 26.60
N GLY A 137 -16.96 1.07 27.16
CA GLY A 137 -16.27 2.31 26.85
C GLY A 137 -14.78 2.25 27.18
N ILE A 138 -14.45 1.58 28.27
CA ILE A 138 -13.04 1.38 28.62
C ILE A 138 -12.33 0.64 27.48
N CYS A 139 -12.98 -0.41 26.97
CA CYS A 139 -12.37 -1.22 25.92
C CYS A 139 -12.21 -0.40 24.64
N VAL A 140 -13.25 0.36 24.26
CA VAL A 140 -13.16 1.18 23.05
C VAL A 140 -11.99 2.15 23.16
N ALA A 141 -11.89 2.86 24.28
CA ALA A 141 -10.84 3.86 24.43
C ALA A 141 -9.46 3.20 24.50
N ALA A 142 -9.37 2.02 25.14
CA ALA A 142 -8.09 1.34 25.25
C ALA A 142 -7.59 0.90 23.88
N ILE A 143 -8.46 0.28 23.08
CA ILE A 143 -8.04 -0.29 21.80
C ILE A 143 -7.68 0.81 20.82
N LEU A 144 -8.64 1.71 20.56
CA LEU A 144 -8.45 2.74 19.54
C LEU A 144 -7.32 3.69 19.87
N SER A 145 -6.85 3.71 21.12
CA SER A 145 -5.73 4.57 21.48
C SER A 145 -4.38 3.87 21.40
N GLU A 146 -4.37 2.57 21.15
CA GLU A 146 -3.11 1.86 21.03
C GLU A 146 -2.30 2.49 19.89
N PRO A 147 -1.00 2.77 20.08
CA PRO A 147 -0.23 3.38 18.98
C PRO A 147 -0.31 2.57 17.70
N ASP A 148 -0.42 1.24 17.80
CA ASP A 148 -0.49 0.40 16.61
C ASP A 148 -1.63 0.81 15.69
N PHE A 149 -2.70 1.38 16.25
CA PHE A 149 -3.92 1.60 15.49
C PHE A 149 -4.14 3.08 15.20
N LEU A 150 -3.17 3.93 15.50
CA LEU A 150 -3.27 5.35 15.16
C LEU A 150 -2.83 5.54 13.71
N TRP A 151 -3.72 6.10 12.90
CA TRP A 151 -3.39 6.44 11.53
C TRP A 151 -3.03 7.92 11.47
N ARG A 152 -1.73 8.20 11.32
CA ARG A 152 -1.24 9.58 11.20
C ARG A 152 -1.44 10.36 12.50
N GLY A 153 -1.15 9.71 13.63
CA GLY A 153 -1.13 10.38 14.93
C GLY A 153 -2.46 10.47 15.64
N ALA A 154 -3.55 10.03 15.01
CA ALA A 154 -4.87 10.12 15.61
C ALA A 154 -5.60 8.80 15.44
N SER A 155 -6.56 8.56 16.33
CA SER A 155 -7.26 7.29 16.34
C SER A 155 -8.31 7.27 15.23
N LEU A 156 -8.97 6.12 15.08
CA LEU A 156 -10.03 5.96 14.10
C LEU A 156 -11.40 6.07 14.75
N ILE A 157 -11.49 6.83 15.85
CA ILE A 157 -12.73 6.93 16.61
C ILE A 157 -13.86 7.43 15.73
N ASP A 158 -13.54 8.21 14.68
CA ASP A 158 -14.60 8.76 13.84
C ASP A 158 -15.49 7.68 13.23
N ILE A 159 -15.00 6.44 13.16
CA ILE A 159 -15.85 5.34 12.69
C ILE A 159 -16.96 5.07 13.69
N LEU A 160 -16.66 5.19 14.99
CA LEU A 160 -17.67 4.97 16.01
C LEU A 160 -18.60 6.16 16.16
N ILE A 161 -18.04 7.37 16.20
CA ILE A 161 -18.85 8.57 16.38
C ILE A 161 -19.86 8.71 15.26
N ALA A 162 -19.51 8.28 14.05
CA ALA A 162 -20.44 8.36 12.93
C ALA A 162 -21.69 7.53 13.18
N LYS A 163 -21.56 6.45 13.97
CA LYS A 163 -22.72 5.62 14.29
C LYS A 163 -23.57 6.27 15.37
N PHE A 164 -22.94 6.88 16.38
CA PHE A 164 -23.68 7.65 17.36
C PHE A 164 -24.53 8.72 16.69
N ARG A 165 -24.04 9.29 15.59
CA ARG A 165 -24.79 10.32 14.89
C ARG A 165 -26.06 9.76 14.28
N ILE A 166 -26.04 8.49 13.86
CA ILE A 166 -27.22 7.90 13.23
C ILE A 166 -28.26 7.54 14.29
N VAL A 167 -27.82 6.89 15.37
CA VAL A 167 -28.75 6.34 16.35
C VAL A 167 -29.07 7.26 17.52
N CYS A 168 -28.33 8.35 17.70
CA CYS A 168 -28.59 9.29 18.80
C CYS A 168 -28.22 10.70 18.36
N PRO A 169 -28.96 11.26 17.40
CA PRO A 169 -28.62 12.61 16.91
C PRO A 169 -28.70 13.69 17.96
N VAL A 170 -29.45 13.47 19.05
CA VAL A 170 -29.63 14.53 20.05
C VAL A 170 -28.29 14.90 20.68
N LEU A 171 -27.36 13.95 20.77
CA LEU A 171 -26.03 14.24 21.31
C LEU A 171 -25.29 15.28 20.50
N PHE A 172 -25.69 15.52 19.24
CA PHE A 172 -24.99 16.41 18.34
C PHE A 172 -25.81 17.65 18.00
N GLY A 173 -26.79 17.99 18.83
CA GLY A 173 -27.56 19.21 18.68
C GLY A 173 -28.87 19.06 17.96
N TYR A 174 -29.23 17.85 17.51
CA TYR A 174 -30.46 17.67 16.76
C TYR A 174 -31.66 17.64 17.69
N ARG A 175 -32.75 18.22 17.21
CA ARG A 175 -33.99 18.40 17.94
C ARG A 175 -35.12 17.87 17.08
N GLY A 176 -36.31 17.86 17.66
CA GLY A 176 -37.48 17.46 16.92
C GLY A 176 -38.66 17.27 17.83
N SER A 177 -39.85 17.23 17.23
CA SER A 177 -41.06 16.97 17.99
C SER A 177 -41.37 15.49 17.83
N GLU A 178 -41.61 14.82 18.94
CA GLU A 178 -41.93 13.41 18.86
C GLU A 178 -43.30 13.19 18.24
N LYS A 179 -44.05 14.25 17.95
CA LYS A 179 -45.40 14.13 17.39
C LYS A 179 -45.41 14.05 15.88
N THR A 180 -44.42 14.61 15.20
CA THR A 180 -44.34 14.59 13.75
C THR A 180 -43.39 13.48 13.29
N GLU A 181 -43.61 13.01 12.06
CA GLU A 181 -42.68 12.02 11.50
C GLU A 181 -41.35 12.65 11.14
N GLN A 182 -41.36 13.90 10.69
CA GLN A 182 -40.10 14.58 10.38
C GLN A 182 -39.25 14.75 11.63
N GLY A 183 -39.89 14.91 12.79
CA GLY A 183 -39.19 15.08 14.04
C GLY A 183 -38.68 13.78 14.62
N ARG A 184 -39.51 12.74 14.57
CA ARG A 184 -39.08 11.43 15.07
C ARG A 184 -37.87 10.92 14.30
N GLN A 185 -37.80 11.20 13.00
CA GLN A 185 -36.63 10.83 12.22
C GLN A 185 -35.41 11.59 12.71
N ARG A 186 -35.56 12.92 12.88
CA ARG A 186 -34.44 13.75 13.33
C ARG A 186 -33.99 13.40 14.74
N LEU A 187 -34.86 12.76 15.54
CA LEU A 187 -34.50 12.31 16.88
C LEU A 187 -33.92 10.90 16.89
N GLY A 188 -33.85 10.23 15.74
CA GLY A 188 -33.35 8.87 15.71
C GLY A 188 -34.33 7.81 16.14
N TRP A 189 -35.63 8.10 16.11
CA TRP A 189 -36.64 7.09 16.44
C TRP A 189 -36.58 5.98 15.40
N TRP A 190 -36.32 4.75 15.86
CA TRP A 190 -36.06 3.66 14.94
C TRP A 190 -37.35 3.11 14.33
N LYS A 191 -37.21 2.37 13.23
CA LYS A 191 -38.32 1.75 12.53
C LYS A 191 -38.03 0.28 12.28
N GLU A 192 -38.81 -0.60 12.91
CA GLU A 192 -38.79 -2.02 12.59
C GLU A 192 -39.96 -2.33 11.65
N SER A 193 -39.64 -2.64 10.39
CA SER A 193 -40.64 -3.06 9.40
C SER A 193 -41.60 -1.91 9.04
N GLY A 194 -41.03 -0.75 8.74
CA GLY A 194 -41.81 0.36 8.20
C GLY A 194 -42.40 1.29 9.24
N GLN A 195 -42.84 0.75 10.37
CA GLN A 195 -43.52 1.50 11.41
C GLN A 195 -42.61 1.78 12.60
N TRP A 196 -42.88 2.90 13.26
CA TRP A 196 -42.06 3.32 14.40
C TRP A 196 -42.08 2.27 15.49
N ILE A 197 -40.95 2.11 16.18
CA ILE A 197 -40.88 1.19 17.31
C ILE A 197 -41.67 1.79 18.47
N SER A 198 -41.96 0.99 19.48
CA SER A 198 -42.71 1.47 20.63
C SER A 198 -41.90 2.54 21.36
N GLU A 199 -42.61 3.39 22.09
CA GLU A 199 -41.95 4.47 22.82
C GLU A 199 -41.00 3.92 23.87
N GLN A 200 -41.28 2.73 24.41
CA GLN A 200 -40.39 2.15 25.41
C GLN A 200 -39.09 1.66 24.78
N GLN A 201 -39.16 1.04 23.60
CA GLN A 201 -37.93 0.60 22.94
C GLN A 201 -37.09 1.77 22.49
N HIS A 202 -37.73 2.89 22.10
CA HIS A 202 -36.99 4.09 21.76
C HIS A 202 -36.24 4.63 22.98
N MET A 203 -36.95 4.88 24.07
CA MET A 203 -36.32 5.42 25.26
C MET A 203 -35.26 4.47 25.82
N ASP A 204 -35.43 3.16 25.63
CA ASP A 204 -34.39 2.23 26.04
C ASP A 204 -33.14 2.39 25.18
N ARG A 205 -33.32 2.54 23.86
CA ARG A 205 -32.19 2.84 22.99
C ARG A 205 -31.48 4.11 23.44
N MET A 206 -32.24 5.18 23.67
CA MET A 206 -31.65 6.45 24.09
C MET A 206 -30.89 6.30 25.40
N THR A 207 -31.40 5.48 26.32
CA THR A 207 -30.73 5.30 27.60
C THR A 207 -29.38 4.63 27.42
N GLY A 208 -29.34 3.55 26.64
CA GLY A 208 -28.10 2.84 26.43
C GLY A 208 -27.09 3.66 25.65
N LEU A 209 -27.55 4.38 24.63
CA LEU A 209 -26.65 5.21 23.83
C LEU A 209 -26.17 6.41 24.64
N GLY A 210 -27.04 7.00 25.45
CA GLY A 210 -26.60 8.09 26.31
C GLY A 210 -25.54 7.64 27.30
N ALA A 211 -25.74 6.46 27.91
CA ALA A 211 -24.74 5.93 28.82
C ALA A 211 -23.48 5.53 28.07
N GLY A 212 -23.62 4.99 26.86
CA GLY A 212 -22.45 4.65 26.07
C GLY A 212 -21.62 5.87 25.72
N PHE A 213 -22.27 6.96 25.32
CA PHE A 213 -21.55 8.19 24.99
C PHE A 213 -20.71 8.67 26.16
N ALA A 214 -21.29 8.67 27.36
CA ALA A 214 -20.52 9.04 28.54
C ALA A 214 -19.38 8.06 28.80
N ALA A 215 -19.58 6.78 28.47
CA ALA A 215 -18.53 5.79 28.71
C ALA A 215 -17.30 6.07 27.87
N ILE A 216 -17.49 6.55 26.63
CA ILE A 216 -16.34 6.83 25.78
C ILE A 216 -15.83 8.26 25.97
N SER A 217 -16.68 9.20 26.37
CA SER A 217 -16.28 10.59 26.45
C SER A 217 -15.77 11.01 27.83
N LEU A 218 -15.91 10.19 28.87
CA LEU A 218 -15.49 10.55 30.22
C LEU A 218 -14.37 9.64 30.75
N ARG A 219 -13.46 9.24 29.86
CA ARG A 219 -12.29 8.47 30.25
C ARG A 219 -11.13 9.40 30.63
N LYS A 220 -10.33 8.97 31.60
CA LYS A 220 -9.17 9.73 32.07
C LYS A 220 -7.88 9.08 31.56
N PHE A 221 -7.10 9.83 30.80
CA PHE A 221 -5.89 9.31 30.16
C PHE A 221 -4.59 9.90 30.71
N ALA A 222 -4.65 10.82 31.67
CA ALA A 222 -3.42 11.44 32.15
C ALA A 222 -2.41 10.43 32.71
N LEU A 223 -2.88 9.34 33.33
CA LEU A 223 -1.92 8.33 33.78
C LEU A 223 -1.33 7.55 32.62
N SER A 224 -2.02 7.50 31.49
CA SER A 224 -1.58 6.66 30.40
C SER A 224 -0.57 7.41 29.53
N LYS A 225 0.23 6.63 28.81
CA LYS A 225 1.17 7.19 27.86
C LYS A 225 0.50 7.49 26.52
N LYS A 226 -0.74 7.03 26.35
CA LYS A 226 -1.58 7.22 25.18
C LYS A 226 -2.42 8.49 25.25
N GLN A 227 -2.79 8.97 24.06
CA GLN A 227 -3.63 10.15 23.90
C GLN A 227 -5.10 9.74 23.91
N ASN A 228 -5.93 10.52 24.61
CA ASN A 228 -7.36 10.23 24.70
C ASN A 228 -8.01 10.34 23.32
N PRO A 229 -8.62 9.27 22.79
CA PRO A 229 -9.22 9.36 21.44
C PRO A 229 -10.45 10.25 21.38
N TYR A 230 -11.15 10.43 22.50
CA TYR A 230 -12.38 11.22 22.53
C TYR A 230 -12.44 11.92 23.88
N PRO A 231 -11.70 13.01 24.03
CA PRO A 231 -11.50 13.59 25.37
C PRO A 231 -12.79 14.16 25.93
N PRO A 232 -12.80 14.52 27.22
CA PRO A 232 -14.04 14.96 27.87
C PRO A 232 -14.63 16.25 27.31
N ARG A 233 -13.91 17.01 26.49
CA ARG A 233 -14.51 18.20 25.91
C ARG A 233 -15.74 17.84 25.08
N PHE A 234 -15.79 16.62 24.54
CA PHE A 234 -16.94 16.21 23.74
C PHE A 234 -18.15 15.87 24.60
N TYR A 235 -17.92 15.42 25.83
CA TYR A 235 -19.03 15.28 26.77
C TYR A 235 -19.61 16.65 27.10
N TRP A 236 -18.74 17.62 27.35
CA TRP A 236 -19.20 18.98 27.65
C TRP A 236 -20.02 19.55 26.51
N MET A 237 -19.51 19.46 25.28
CA MET A 237 -20.24 20.03 24.15
C MET A 237 -21.58 19.35 23.95
N ALA A 238 -21.62 18.02 24.08
CA ALA A 238 -22.85 17.28 23.89
C ALA A 238 -23.92 17.72 24.89
N MET A 239 -23.54 17.82 26.17
CA MET A 239 -24.51 18.25 27.18
C MET A 239 -25.01 19.65 26.88
N ALA A 240 -24.09 20.58 26.54
CA ALA A 240 -24.49 21.97 26.32
C ALA A 240 -25.48 22.09 25.17
N LYS A 241 -25.31 21.31 24.09
CA LYS A 241 -26.25 21.42 22.98
C LYS A 241 -27.64 20.99 23.39
N ILE A 242 -27.75 20.03 24.32
CA ILE A 242 -29.05 19.56 24.76
C ILE A 242 -29.69 20.55 25.73
N VAL A 243 -28.97 20.94 26.76
CA VAL A 243 -29.56 21.79 27.80
C VAL A 243 -29.88 23.19 27.27
N ASN A 244 -29.12 23.68 26.28
CA ASN A 244 -29.40 24.99 25.72
C ASN A 244 -30.59 24.99 24.77
N THR A 245 -31.26 23.85 24.61
CA THR A 245 -32.43 23.80 23.75
C THR A 245 -33.48 24.79 24.26
N PRO A 246 -34.10 25.57 23.38
CA PRO A 246 -35.19 26.43 23.83
C PRO A 246 -36.36 25.61 24.33
N PRO A 247 -37.04 26.06 25.39
CA PRO A 247 -38.08 25.20 26.02
C PRO A 247 -39.11 24.64 25.05
N ALA A 248 -39.53 25.43 24.04
CA ALA A 248 -40.59 24.97 23.15
C ALA A 248 -40.20 23.71 22.40
N GLU A 249 -38.90 23.47 22.21
CA GLU A 249 -38.43 22.37 21.39
C GLU A 249 -37.94 21.18 22.19
N ILE A 250 -37.99 21.24 23.52
CA ILE A 250 -37.53 20.11 24.32
C ILE A 250 -38.44 18.92 24.09
N SER A 251 -37.84 17.73 24.12
CA SER A 251 -38.56 16.48 23.95
C SER A 251 -38.12 15.51 25.03
N ASN A 252 -38.95 14.48 25.27
CA ASN A 252 -38.57 13.46 26.24
C ASN A 252 -37.34 12.71 25.78
N THR A 253 -37.16 12.56 24.47
CA THR A 253 -35.94 11.94 23.95
C THR A 253 -34.70 12.61 24.54
N GLN A 254 -34.69 13.94 24.55
CA GLN A 254 -33.57 14.68 25.12
C GLN A 254 -33.39 14.37 26.60
N CYS A 255 -34.50 14.34 27.36
CA CYS A 255 -34.39 14.12 28.79
C CYS A 255 -33.86 12.74 29.11
N VAL A 256 -34.22 11.74 28.30
CA VAL A 256 -33.77 10.38 28.55
C VAL A 256 -32.25 10.27 28.31
N VAL A 257 -31.78 10.81 27.20
CA VAL A 257 -30.34 10.78 26.91
C VAL A 257 -29.58 11.53 27.98
N LEU A 258 -30.06 12.71 28.35
CA LEU A 258 -29.38 13.51 29.37
C LEU A 258 -29.29 12.77 30.69
N LYS A 259 -30.35 12.06 31.08
CA LYS A 259 -30.30 11.28 32.32
C LYS A 259 -29.24 10.19 32.22
N ALA A 260 -29.22 9.47 31.10
CA ALA A 260 -28.23 8.40 30.92
C ALA A 260 -26.82 8.98 30.84
N MET A 261 -26.67 10.19 30.32
CA MET A 261 -25.36 10.84 30.31
C MET A 261 -24.85 11.10 31.72
N VAL A 262 -25.74 11.46 32.64
CA VAL A 262 -25.35 11.95 33.96
C VAL A 262 -25.30 10.82 34.99
N GLN A 263 -26.35 10.01 35.06
CA GLN A 263 -26.43 8.98 36.10
C GLN A 263 -25.24 8.04 36.00
N ASN A 264 -24.49 7.92 37.09
CA ASN A 264 -23.31 7.07 37.24
C ASN A 264 -22.05 7.75 36.73
N TYR A 265 -22.15 8.97 36.19
CA TYR A 265 -21.00 9.71 35.71
C TYR A 265 -20.85 11.06 36.40
N GLU A 266 -21.59 11.30 37.48
CA GLU A 266 -21.51 12.58 38.16
C GLU A 266 -20.12 12.81 38.73
N ALA A 267 -19.57 11.78 39.41
CA ALA A 267 -18.25 11.90 40.01
C ALA A 267 -17.19 12.20 38.95
N LYS A 268 -17.16 11.42 37.87
CA LYS A 268 -16.16 11.65 36.83
C LYS A 268 -16.33 13.04 36.21
N PHE A 269 -17.57 13.45 35.96
CA PHE A 269 -17.81 14.78 35.42
C PHE A 269 -17.28 15.85 36.36
N ILE A 270 -17.43 15.65 37.67
CA ILE A 270 -16.96 16.65 38.64
C ILE A 270 -15.44 16.62 38.77
N GLU A 271 -14.84 15.43 38.72
CA GLU A 271 -13.39 15.34 38.77
C GLU A 271 -12.75 16.13 37.63
N PHE A 272 -13.35 16.07 36.44
CA PHE A 272 -12.77 16.77 35.30
C PHE A 272 -12.99 18.27 35.38
N TYR A 273 -14.23 18.68 35.66
CA TYR A 273 -14.63 20.08 35.52
C TYR A 273 -14.99 20.76 36.84
N GLY A 274 -14.89 20.07 37.98
CA GLY A 274 -15.07 20.69 39.27
C GLY A 274 -16.21 21.68 39.37
N SER A 275 -15.90 22.94 39.74
CA SER A 275 -16.94 23.93 39.94
C SER A 275 -17.75 24.17 38.68
N ALA A 276 -17.14 23.99 37.51
CA ALA A 276 -17.91 24.15 36.27
C ALA A 276 -18.87 22.99 36.06
N ALA A 277 -18.53 21.79 36.52
CA ALA A 277 -19.46 20.67 36.42
C ALA A 277 -20.69 20.91 37.30
N ILE A 278 -20.51 21.44 38.50
CA ILE A 278 -21.66 21.73 39.37
C ILE A 278 -22.58 22.73 38.68
N ALA A 279 -22.02 23.80 38.13
CA ALA A 279 -22.84 24.77 37.40
C ALA A 279 -23.58 24.09 36.26
N ALA A 280 -22.91 23.16 35.57
CA ALA A 280 -23.54 22.46 34.45
C ALA A 280 -24.61 21.50 34.94
N LEU A 281 -24.33 20.75 36.01
CA LEU A 281 -25.33 19.83 36.54
C LEU A 281 -26.55 20.59 37.04
N ARG A 282 -26.34 21.79 37.59
CA ARG A 282 -27.45 22.64 37.95
C ARG A 282 -28.30 22.97 36.72
N THR A 283 -27.65 23.29 35.60
CA THR A 283 -28.40 23.58 34.37
C THR A 283 -29.09 22.33 33.83
N ALA A 284 -28.47 21.16 33.97
CA ALA A 284 -29.02 19.95 33.36
C ALA A 284 -30.11 19.32 34.22
N LEU A 285 -29.99 19.41 35.54
CA LEU A 285 -30.90 18.71 36.45
C LEU A 285 -31.90 19.61 37.15
N ILE A 286 -31.80 20.93 37.01
CA ILE A 286 -32.74 21.85 37.66
C ILE A 286 -33.40 22.72 36.60
N ASP A 287 -32.60 23.57 35.95
CA ASP A 287 -33.16 24.51 34.98
C ASP A 287 -33.78 23.79 33.80
N PHE A 288 -33.06 22.80 33.23
CA PHE A 288 -33.56 22.14 32.04
C PHE A 288 -34.88 21.41 32.30
N PRO A 289 -35.01 20.57 33.33
CA PRO A 289 -36.31 19.95 33.60
C PRO A 289 -37.42 20.95 33.82
N ALA A 290 -37.13 22.07 34.50
CA ALA A 290 -38.15 23.09 34.72
C ALA A 290 -38.57 23.71 33.39
N ARG A 291 -37.65 23.81 32.44
CA ARG A 291 -37.95 24.35 31.12
C ARG A 291 -38.76 23.37 30.27
N ALA A 292 -38.81 22.10 30.66
CA ALA A 292 -39.49 21.10 29.84
C ALA A 292 -40.97 21.46 29.72
N PRO A 293 -41.58 21.29 28.55
CA PRO A 293 -42.98 21.71 28.39
C PRO A 293 -43.98 20.77 29.07
N HIS A 294 -43.65 19.50 29.25
CA HIS A 294 -44.55 18.54 29.86
C HIS A 294 -43.76 17.63 30.80
N LYS A 295 -44.34 17.36 31.97
CA LYS A 295 -43.73 16.43 32.91
C LYS A 295 -43.85 15.01 32.40
N SER A 296 -42.97 14.15 32.90
CA SER A 296 -42.95 12.74 32.53
C SER A 296 -42.00 12.03 33.49
N ALA A 297 -41.94 10.70 33.37
CA ALA A 297 -40.99 9.94 34.15
C ALA A 297 -39.57 10.39 33.88
N ALA A 298 -39.28 10.83 32.65
CA ALA A 298 -37.94 11.31 32.32
C ALA A 298 -37.62 12.60 33.05
N VAL A 299 -38.53 13.58 32.99
CA VAL A 299 -38.32 14.84 33.70
C VAL A 299 -38.21 14.59 35.21
N ASN A 300 -39.08 13.73 35.76
CA ASN A 300 -38.99 13.43 37.18
C ASN A 300 -37.65 12.85 37.54
N SER A 301 -37.16 11.89 36.73
CA SER A 301 -35.89 11.25 37.03
C SER A 301 -34.78 12.28 37.14
N LEU A 302 -34.79 13.28 36.26
CA LEU A 302 -33.82 14.37 36.37
C LEU A 302 -33.97 15.11 37.68
N GLU A 303 -35.20 15.45 38.04
CA GLU A 303 -35.43 16.17 39.30
C GLU A 303 -34.99 15.34 40.49
N VAL A 304 -35.16 14.02 40.42
CA VAL A 304 -34.69 13.16 41.52
C VAL A 304 -33.17 13.24 41.62
N LEU A 305 -32.48 13.16 40.48
CA LEU A 305 -31.03 13.29 40.48
C LEU A 305 -30.61 14.66 40.99
N ALA A 306 -31.38 15.69 40.64
CA ALA A 306 -31.10 17.03 41.14
C ALA A 306 -31.11 17.07 42.66
N GLN A 307 -32.06 16.38 43.30
CA GLN A 307 -32.11 16.38 44.76
C GLN A 307 -30.91 15.66 45.36
N MET A 308 -30.56 14.49 44.82
CA MET A 308 -29.42 13.75 45.37
C MET A 308 -28.15 14.57 45.26
N LEU A 309 -27.96 15.25 44.12
CA LEU A 309 -26.77 16.09 43.97
C LEU A 309 -26.86 17.36 44.78
N LYS A 310 -28.05 17.92 44.97
CA LYS A 310 -28.18 19.09 45.82
C LYS A 310 -27.81 18.72 47.26
N ARG A 311 -28.16 17.51 47.69
CA ARG A 311 -27.73 17.03 49.00
C ARG A 311 -26.22 16.78 49.04
N ASP A 312 -25.68 16.10 48.03
CA ASP A 312 -24.27 15.74 48.07
C ASP A 312 -23.37 16.95 47.82
N THR A 313 -23.66 17.71 46.77
CA THR A 313 -22.82 18.86 46.39
C THR A 313 -23.31 20.17 46.96
N GLY A 314 -24.60 20.28 47.30
CA GLY A 314 -25.23 21.55 47.57
C GLY A 314 -25.62 22.33 46.34
N LEU A 315 -25.17 21.92 45.15
CA LEU A 315 -25.50 22.60 43.88
C LEU A 315 -25.57 24.10 44.05
N ASP A 316 -24.62 24.65 44.81
CA ASP A 316 -24.57 26.08 45.09
C ASP A 316 -23.10 26.48 45.12
N LEU A 317 -22.69 27.29 44.15
CA LEU A 317 -21.37 27.91 44.18
C LEU A 317 -21.43 29.36 44.60
N GLY A 318 -22.54 30.04 44.28
CA GLY A 318 -22.75 31.42 44.69
C GLY A 318 -22.40 31.69 46.15
N THR B 26 -5.71 18.09 31.95
CA THR B 26 -4.83 18.50 30.87
C THR B 26 -5.64 19.21 29.78
N ALA B 27 -5.06 19.30 28.58
CA ALA B 27 -5.74 19.95 27.47
C ALA B 27 -6.97 19.19 27.01
N ASP B 28 -7.19 17.96 27.50
CA ASP B 28 -8.33 17.17 27.07
C ASP B 28 -9.66 17.83 27.44
N THR B 29 -9.73 18.45 28.61
CA THR B 29 -11.00 19.01 29.07
C THR B 29 -11.30 20.35 28.41
N GLU B 30 -10.28 21.07 27.96
CA GLU B 30 -10.45 22.37 27.33
C GLU B 30 -10.71 22.22 25.83
N ALA B 31 -11.09 23.33 25.21
CA ALA B 31 -11.14 23.37 23.75
C ALA B 31 -9.76 23.02 23.18
N GLU B 32 -9.75 22.36 22.03
CA GLU B 32 -8.48 21.91 21.48
C GLU B 32 -7.61 23.08 21.06
N ASP B 33 -8.22 24.24 20.78
CA ASP B 33 -7.52 25.44 20.35
C ASP B 33 -7.59 26.48 21.46
N PRO B 34 -6.53 26.65 22.27
CA PRO B 34 -6.62 27.64 23.36
C PRO B 34 -6.90 29.06 22.89
N LYS B 35 -6.66 29.37 21.62
CA LYS B 35 -6.91 30.71 21.12
C LYS B 35 -8.39 31.08 21.20
N VAL B 36 -9.27 30.08 21.30
CA VAL B 36 -10.71 30.33 21.33
C VAL B 36 -11.11 31.15 22.55
N TYR B 37 -10.39 31.01 23.66
CA TYR B 37 -10.71 31.77 24.85
C TYR B 37 -10.42 33.26 24.69
N GLU B 38 -9.68 33.63 23.65
CA GLU B 38 -9.45 35.04 23.32
C GLU B 38 -10.64 35.66 22.59
N ASP B 39 -11.46 34.86 21.91
CA ASP B 39 -12.65 35.39 21.25
C ASP B 39 -13.57 36.05 22.27
N GLU B 40 -14.08 37.23 21.92
CA GLU B 40 -14.99 37.93 22.82
C GLU B 40 -16.31 37.18 22.95
N GLY B 41 -16.73 36.49 21.89
CA GLY B 41 -17.95 35.71 21.97
C GLY B 41 -17.90 34.69 23.08
N VAL B 42 -16.76 33.98 23.18
CA VAL B 42 -16.61 32.95 24.20
C VAL B 42 -16.50 33.57 25.59
N LYS B 43 -15.92 34.75 25.70
CA LYS B 43 -15.88 35.43 26.99
C LYS B 43 -17.30 35.73 27.49
N ARG B 44 -18.18 36.15 26.58
CA ARG B 44 -19.55 36.46 26.97
C ARG B 44 -20.28 35.22 27.48
N GLN B 45 -20.02 34.06 26.89
CA GLN B 45 -20.69 32.84 27.33
C GLN B 45 -20.30 32.51 28.76
N TRP B 46 -19.06 32.81 29.13
CA TRP B 46 -18.50 32.49 30.43
C TRP B 46 -18.61 33.63 31.44
N GLN B 47 -19.00 34.83 30.98
CA GLN B 47 -19.10 35.96 31.90
C GLN B 47 -20.04 35.67 33.06
N SER B 48 -21.14 34.94 32.81
CA SER B 48 -22.09 34.67 33.88
C SER B 48 -21.51 33.72 34.91
N PHE B 49 -20.76 32.71 34.47
CA PHE B 49 -20.20 31.76 35.42
C PHE B 49 -19.06 32.37 36.21
N LEU B 50 -18.21 33.17 35.56
CA LEU B 50 -17.06 33.74 36.24
C LEU B 50 -17.49 34.81 37.24
N GLU B 51 -18.56 35.54 36.93
CA GLU B 51 -19.06 36.56 37.84
C GLU B 51 -19.99 36.00 38.91
N LYS B 52 -21.00 35.22 38.51
CA LYS B 52 -22.03 34.76 39.44
C LYS B 52 -21.96 33.29 39.82
N GLY B 53 -20.98 32.52 39.32
CA GLY B 53 -20.90 31.11 39.66
C GLY B 53 -21.88 30.20 38.93
N ARG B 54 -23.03 30.70 38.49
CA ARG B 54 -24.02 29.93 37.76
C ARG B 54 -24.09 30.34 36.28
N PHE B 55 -24.71 29.49 35.48
CA PHE B 55 -24.98 29.77 34.06
C PHE B 55 -26.33 30.47 33.94
N GLU B 56 -26.30 31.77 33.59
CA GLU B 56 -27.53 32.53 33.40
C GLU B 56 -28.06 32.41 31.97
N GLY B 57 -27.24 32.73 30.99
CA GLY B 57 -27.69 32.75 29.61
C GLY B 57 -27.49 31.45 28.85
N GLY B 58 -27.30 30.35 29.56
CA GLY B 58 -27.14 29.06 28.93
C GLY B 58 -25.77 28.45 29.18
N MET B 59 -25.65 27.15 28.95
CA MET B 59 -24.38 26.47 29.19
C MET B 59 -23.43 26.72 28.02
N PRO B 60 -22.22 27.22 28.27
CA PRO B 60 -21.30 27.50 27.15
C PRO B 60 -20.96 26.23 26.39
N GLU B 61 -21.03 26.32 25.05
CA GLU B 61 -20.66 25.19 24.21
C GLU B 61 -19.17 24.94 24.23
N VAL B 62 -18.38 25.96 24.54
CA VAL B 62 -16.93 25.79 24.63
C VAL B 62 -16.64 25.38 26.07
N PRO B 63 -15.91 24.28 26.30
CA PRO B 63 -15.60 23.87 27.67
C PRO B 63 -14.72 24.88 28.36
N PRO B 64 -14.64 24.85 29.69
CA PRO B 64 -13.86 25.84 30.42
C PRO B 64 -12.36 25.56 30.40
N ARG B 65 -11.62 26.60 30.78
CA ARG B 65 -10.21 26.46 31.10
C ARG B 65 -10.01 25.75 32.43
N ARG B 66 -8.88 25.07 32.57
CA ARG B 66 -8.61 24.31 33.79
C ARG B 66 -8.69 25.20 35.03
N GLU B 67 -8.16 26.43 34.95
CA GLU B 67 -8.16 27.30 36.11
C GLU B 67 -9.56 27.70 36.53
N TRP B 68 -10.51 27.79 35.60
CA TRP B 68 -11.86 28.21 35.97
C TRP B 68 -12.59 27.15 36.80
N CYS B 69 -12.17 25.89 36.71
CA CYS B 69 -12.81 24.81 37.42
C CYS B 69 -12.23 24.59 38.82
N VAL B 70 -11.10 25.23 39.13
CA VAL B 70 -10.54 25.14 40.47
C VAL B 70 -11.58 25.50 41.52
N TRP B 71 -11.55 24.79 42.64
CA TRP B 71 -12.35 25.16 43.79
C TRP B 71 -11.73 26.38 44.45
N ASP B 72 -12.55 27.38 44.76
CA ASP B 72 -12.07 28.58 45.40
C ASP B 72 -11.88 28.36 46.90
N PRO C 23 1.79 50.57 -9.66
CA PRO C 23 0.83 49.62 -9.10
C PRO C 23 1.34 48.92 -7.84
N ALA C 24 0.68 49.19 -6.72
CA ALA C 24 1.13 48.64 -5.44
C ALA C 24 0.93 47.13 -5.40
N TYR C 25 1.69 46.48 -4.51
CA TYR C 25 1.66 45.04 -4.38
C TYR C 25 0.41 44.58 -3.65
N THR C 26 -0.05 43.38 -3.97
CA THR C 26 -1.19 42.76 -3.31
C THR C 26 -1.25 41.29 -3.73
N ALA C 27 -1.67 40.44 -2.80
CA ALA C 27 -1.87 39.02 -3.09
C ALA C 27 -3.11 38.78 -3.93
N ASP C 28 -3.96 39.78 -4.13
CA ASP C 28 -5.22 39.58 -4.84
C ASP C 28 -4.98 39.13 -6.27
N THR C 29 -3.97 39.69 -6.93
CA THR C 29 -3.71 39.38 -8.33
C THR C 29 -3.00 38.05 -8.49
N GLU C 30 -2.23 37.62 -7.49
CA GLU C 30 -1.50 36.37 -7.56
C GLU C 30 -2.38 35.21 -7.10
N ALA C 31 -1.92 33.99 -7.36
CA ALA C 31 -2.57 32.81 -6.80
C ALA C 31 -2.56 32.88 -5.28
N GLU C 32 -3.62 32.34 -4.67
CA GLU C 32 -3.73 32.41 -3.21
C GLU C 32 -2.69 31.58 -2.50
N ASP C 33 -2.16 30.55 -3.17
CA ASP C 33 -1.17 29.67 -2.57
C ASP C 33 0.18 29.89 -3.25
N PRO C 34 1.08 30.69 -2.68
CA PRO C 34 2.38 30.91 -3.34
C PRO C 34 3.15 29.64 -3.58
N LYS C 35 2.84 28.55 -2.87
CA LYS C 35 3.53 27.29 -3.08
C LYS C 35 3.32 26.75 -4.49
N VAL C 36 2.27 27.20 -5.18
CA VAL C 36 2.03 26.72 -6.54
C VAL C 36 3.12 27.18 -7.48
N TYR C 37 3.75 28.34 -7.20
CA TYR C 37 4.81 28.84 -8.05
C TYR C 37 6.07 28.00 -7.97
N GLU C 38 6.22 27.15 -6.96
CA GLU C 38 7.33 26.21 -6.95
C GLU C 38 7.08 25.01 -7.83
N ASP C 39 5.82 24.67 -8.09
CA ASP C 39 5.55 23.64 -9.07
C ASP C 39 6.12 24.08 -10.40
N GLU C 40 6.80 23.14 -11.09
CA GLU C 40 7.42 23.51 -12.36
C GLU C 40 6.36 23.81 -13.41
N GLY C 41 5.16 23.24 -13.26
CA GLY C 41 4.12 23.45 -14.26
C GLY C 41 3.89 24.92 -14.54
N VAL C 42 3.81 25.73 -13.48
CA VAL C 42 3.65 27.17 -13.66
C VAL C 42 4.93 27.75 -14.21
N LYS C 43 6.08 27.20 -13.80
CA LYS C 43 7.36 27.67 -14.33
C LYS C 43 7.48 27.41 -15.84
N ARG C 44 7.03 26.26 -16.32
CA ARG C 44 7.15 25.98 -17.76
C ARG C 44 6.38 27.00 -18.59
N GLN C 45 5.16 27.35 -18.19
CA GLN C 45 4.36 28.28 -18.98
C GLN C 45 4.85 29.72 -18.85
N TRP C 46 5.34 30.13 -17.68
CA TRP C 46 5.72 31.52 -17.49
C TRP C 46 7.18 31.80 -17.79
N GLN C 47 8.03 30.77 -17.85
CA GLN C 47 9.41 30.99 -18.28
C GLN C 47 9.44 31.51 -19.71
N SER C 48 8.51 31.04 -20.55
CA SER C 48 8.43 31.48 -21.94
C SER C 48 7.92 32.92 -22.03
N PHE C 49 7.05 33.34 -21.11
CA PHE C 49 6.51 34.70 -21.16
C PHE C 49 7.58 35.74 -20.90
N LEU C 50 8.54 35.44 -20.03
CA LEU C 50 9.56 36.43 -19.67
C LEU C 50 10.53 36.69 -20.82
N GLU C 51 10.86 35.67 -21.62
CA GLU C 51 11.76 35.89 -22.75
C GLU C 51 11.03 36.47 -23.96
N LYS C 52 9.86 35.93 -24.30
CA LYS C 52 9.13 36.32 -25.50
C LYS C 52 8.12 37.43 -25.25
N GLY C 53 7.33 37.36 -24.17
CA GLY C 53 6.35 38.36 -23.84
C GLY C 53 4.92 37.93 -24.13
N ARG C 54 4.73 37.06 -25.12
CA ARG C 54 3.42 36.53 -25.45
C ARG C 54 3.25 35.12 -24.89
N PHE C 55 2.00 34.66 -24.85
CA PHE C 55 1.68 33.29 -24.47
C PHE C 55 1.72 32.41 -25.71
N GLU C 56 2.69 31.49 -25.72
CA GLU C 56 2.92 30.61 -26.87
C GLU C 56 2.07 29.35 -26.83
N GLY C 57 2.21 28.57 -25.77
CA GLY C 57 1.51 27.30 -25.68
C GLY C 57 0.19 27.41 -24.97
N GLY C 58 -0.35 28.62 -24.89
CA GLY C 58 -1.63 28.83 -24.23
C GLY C 58 -1.51 29.70 -23.00
N MET C 59 -2.64 30.19 -22.51
CA MET C 59 -2.65 31.08 -21.37
C MET C 59 -2.49 30.26 -20.08
N PRO C 60 -1.48 30.54 -19.26
CA PRO C 60 -1.31 29.77 -18.01
C PRO C 60 -2.49 30.01 -17.08
N GLU C 61 -3.01 28.92 -16.50
CA GLU C 61 -4.16 29.04 -15.62
C GLU C 61 -3.80 29.73 -14.30
N VAL C 62 -2.54 29.67 -13.89
CA VAL C 62 -2.10 30.31 -12.66
C VAL C 62 -1.65 31.73 -12.96
N PRO C 63 -2.12 32.74 -12.24
CA PRO C 63 -1.70 34.12 -12.54
C PRO C 63 -0.22 34.31 -12.28
N PRO C 64 0.38 35.35 -12.85
CA PRO C 64 1.82 35.58 -12.67
C PRO C 64 2.14 36.25 -11.33
N ARG C 65 3.43 36.23 -11.01
CA ARG C 65 3.91 37.08 -9.93
C ARG C 65 3.95 38.53 -10.43
N ARG C 66 3.71 39.46 -9.51
CA ARG C 66 3.60 40.86 -9.90
C ARG C 66 4.88 41.35 -10.57
N GLU C 67 6.05 40.91 -10.10
CA GLU C 67 7.29 41.42 -10.67
C GLU C 67 7.39 41.11 -12.15
N TRP C 68 6.76 40.01 -12.60
CA TRP C 68 6.82 39.64 -14.01
C TRP C 68 6.03 40.62 -14.88
N CYS C 69 5.08 41.34 -14.28
CA CYS C 69 4.22 42.27 -15.00
C CYS C 69 4.87 43.64 -15.04
N VAL C 70 5.24 44.11 -16.23
CA VAL C 70 5.72 45.46 -16.42
C VAL C 70 4.55 46.34 -16.86
N TRP C 71 4.72 47.66 -16.67
CA TRP C 71 3.72 48.66 -17.08
C TRP C 71 4.44 49.73 -17.91
N ASP C 72 4.68 49.44 -19.18
CA ASP C 72 5.36 50.38 -20.07
C ASP C 72 4.68 50.41 -21.45
N PRO D 23 30.46 -12.57 -7.39
CA PRO D 23 30.55 -12.07 -6.01
C PRO D 23 31.97 -11.66 -5.60
N ALA D 24 32.10 -11.14 -4.39
CA ALA D 24 33.36 -10.66 -3.86
C ALA D 24 33.54 -11.21 -2.44
N TYR D 25 34.80 -11.24 -1.99
CA TYR D 25 35.13 -11.81 -0.69
C TYR D 25 35.09 -10.75 0.41
N THR D 26 34.44 -11.10 1.51
CA THR D 26 34.45 -10.30 2.72
C THR D 26 34.79 -11.20 3.90
N ALA D 27 35.41 -10.61 4.94
CA ALA D 27 35.80 -11.37 6.11
C ALA D 27 34.59 -11.87 6.90
N ASP D 28 33.38 -11.42 6.58
CA ASP D 28 32.21 -11.81 7.35
C ASP D 28 31.92 -13.30 7.22
N THR D 29 32.05 -13.86 6.01
CA THR D 29 31.63 -15.24 5.80
C THR D 29 32.65 -16.25 6.33
N GLU D 30 33.93 -15.91 6.33
CA GLU D 30 34.96 -16.81 6.78
C GLU D 30 35.24 -16.63 8.27
N ALA D 31 35.98 -17.59 8.84
CA ALA D 31 36.50 -17.44 10.18
C ALA D 31 37.39 -16.21 10.28
N GLU D 32 37.39 -15.59 11.47
CA GLU D 32 38.13 -14.36 11.68
C GLU D 32 39.65 -14.55 11.62
N ASP D 33 40.14 -15.77 11.80
CA ASP D 33 41.58 -16.03 11.80
C ASP D 33 41.97 -16.82 10.55
N PRO D 34 42.43 -16.17 9.49
CA PRO D 34 42.81 -16.90 8.27
C PRO D 34 43.95 -17.89 8.45
N LYS D 35 44.78 -17.73 9.48
CA LYS D 35 45.92 -18.61 9.68
C LYS D 35 45.53 -20.06 9.92
N VAL D 36 44.30 -20.31 10.37
CA VAL D 36 43.89 -21.67 10.71
C VAL D 36 43.88 -22.57 9.48
N TYR D 37 43.66 -22.00 8.30
CA TYR D 37 43.64 -22.83 7.10
C TYR D 37 45.00 -23.45 6.81
N GLU D 38 46.07 -22.93 7.42
CA GLU D 38 47.36 -23.61 7.35
C GLU D 38 47.45 -24.73 8.37
N ASP D 39 46.69 -24.65 9.45
CA ASP D 39 46.62 -25.76 10.39
C ASP D 39 46.09 -26.98 9.65
N GLU D 40 46.70 -28.14 9.93
CA GLU D 40 46.33 -29.36 9.22
C GLU D 40 44.90 -29.79 9.56
N GLY D 41 44.41 -29.44 10.75
CA GLY D 41 43.08 -29.89 11.14
C GLY D 41 42.00 -29.50 10.16
N VAL D 42 41.94 -28.21 9.79
CA VAL D 42 40.90 -27.77 8.86
C VAL D 42 41.19 -28.21 7.44
N LYS D 43 42.46 -28.33 7.05
CA LYS D 43 42.76 -28.80 5.70
C LYS D 43 42.12 -30.17 5.47
N ARG D 44 42.18 -31.04 6.48
CA ARG D 44 41.57 -32.35 6.36
C ARG D 44 40.07 -32.27 6.12
N GLN D 45 39.41 -31.35 6.81
CA GLN D 45 37.96 -31.26 6.69
C GLN D 45 37.55 -30.72 5.33
N TRP D 46 38.32 -29.75 4.80
CA TRP D 46 37.95 -29.14 3.54
C TRP D 46 38.67 -29.74 2.33
N GLN D 47 39.82 -30.40 2.53
CA GLN D 47 40.44 -31.10 1.40
C GLN D 47 39.53 -32.22 0.94
N SER D 48 38.79 -32.82 1.88
CA SER D 48 37.83 -33.87 1.58
C SER D 48 36.62 -33.31 0.83
N PHE D 49 36.26 -32.06 1.09
CA PHE D 49 35.10 -31.47 0.42
C PHE D 49 35.35 -31.30 -1.07
N LEU D 50 36.60 -31.00 -1.45
CA LEU D 50 36.91 -30.75 -2.85
C LEU D 50 36.84 -32.03 -3.68
N GLU D 51 37.15 -33.18 -3.07
CA GLU D 51 37.07 -34.44 -3.81
C GLU D 51 35.64 -34.95 -3.87
N LYS D 52 34.99 -35.08 -2.72
CA LYS D 52 33.59 -35.50 -2.63
C LYS D 52 32.79 -34.27 -2.19
N GLY D 53 31.86 -33.84 -3.04
CA GLY D 53 31.12 -32.61 -2.75
C GLY D 53 30.30 -32.67 -1.49
N ARG D 54 29.76 -33.85 -1.17
CA ARG D 54 29.00 -34.00 0.06
C ARG D 54 29.92 -34.06 1.27
N PHE D 55 29.35 -33.80 2.44
CA PHE D 55 30.06 -34.02 3.71
C PHE D 55 29.78 -35.45 4.15
N GLU D 56 30.79 -36.31 4.06
CA GLU D 56 30.60 -37.67 4.55
C GLU D 56 30.93 -37.77 6.03
N GLY D 57 32.11 -37.30 6.44
CA GLY D 57 32.54 -37.41 7.82
C GLY D 57 32.17 -36.25 8.71
N GLY D 58 31.19 -35.44 8.31
CA GLY D 58 30.71 -34.35 9.14
C GLY D 58 30.93 -32.95 8.58
N MET D 59 30.20 -31.98 9.17
CA MET D 59 30.27 -30.59 8.73
C MET D 59 31.48 -29.91 9.34
N PRO D 60 32.34 -29.28 8.54
CA PRO D 60 33.53 -28.62 9.09
C PRO D 60 33.15 -27.48 10.03
N GLU D 61 33.84 -27.41 11.17
CA GLU D 61 33.55 -26.39 12.16
C GLU D 61 33.91 -24.99 11.66
N VAL D 62 34.92 -24.89 10.79
CA VAL D 62 35.34 -23.61 10.23
C VAL D 62 34.64 -23.40 8.89
N PRO D 63 34.04 -22.25 8.63
CA PRO D 63 33.40 -22.01 7.33
C PRO D 63 34.43 -21.99 6.22
N PRO D 64 34.00 -22.17 4.96
CA PRO D 64 34.96 -22.16 3.85
C PRO D 64 35.34 -20.74 3.46
N ARG D 65 36.41 -20.65 2.68
CA ARG D 65 36.77 -19.37 2.07
C ARG D 65 35.86 -19.02 0.91
N ARG D 66 35.72 -17.72 0.65
CA ARG D 66 34.81 -17.24 -0.39
C ARG D 66 35.09 -17.89 -1.73
N GLU D 67 36.38 -18.08 -2.07
CA GLU D 67 36.72 -18.64 -3.37
C GLU D 67 36.18 -20.06 -3.55
N TRP D 68 36.06 -20.82 -2.47
CA TRP D 68 35.63 -22.21 -2.59
C TRP D 68 34.16 -22.35 -2.93
N CYS D 69 33.35 -21.33 -2.66
CA CYS D 69 31.90 -21.42 -2.83
C CYS D 69 31.49 -21.05 -4.25
N VAL D 70 30.97 -22.03 -5.00
CA VAL D 70 30.37 -21.79 -6.31
C VAL D 70 28.86 -21.64 -6.15
N TRP D 71 28.24 -20.83 -7.02
CA TRP D 71 26.81 -20.60 -6.99
C TRP D 71 26.07 -21.11 -8.21
N ASP D 72 26.77 -21.62 -9.23
CA ASP D 72 26.12 -22.17 -10.41
C ASP D 72 26.91 -23.36 -10.94
N THR E 26 10.02 -25.96 -47.65
CA THR E 26 10.97 -25.32 -48.55
C THR E 26 12.18 -24.83 -47.78
N ALA E 27 12.08 -23.63 -47.18
CA ALA E 27 13.18 -23.12 -46.38
C ALA E 27 13.35 -23.88 -45.07
N ASP E 28 12.37 -24.68 -44.68
CA ASP E 28 12.46 -25.41 -43.43
C ASP E 28 13.55 -26.47 -43.48
N THR E 29 13.60 -27.23 -44.56
CA THR E 29 14.45 -28.40 -44.64
C THR E 29 15.89 -28.10 -45.04
N GLU E 30 16.15 -26.99 -45.74
CA GLU E 30 17.53 -26.65 -46.06
C GLU E 30 18.18 -25.91 -44.91
N ALA E 31 19.49 -25.75 -44.99
CA ALA E 31 20.18 -24.84 -44.09
C ALA E 31 19.60 -23.43 -44.27
N GLU E 32 19.54 -22.68 -43.17
CA GLU E 32 18.94 -21.35 -43.22
C GLU E 32 19.76 -20.38 -44.05
N ASP E 33 21.05 -20.66 -44.26
CA ASP E 33 21.95 -19.76 -44.99
C ASP E 33 22.33 -20.37 -46.33
N PRO E 34 21.70 -19.99 -47.44
CA PRO E 34 22.09 -20.58 -48.74
C PRO E 34 23.52 -20.31 -49.15
N LYS E 35 24.17 -19.28 -48.59
CA LYS E 35 25.57 -19.02 -48.95
C LYS E 35 26.48 -20.17 -48.54
N VAL E 36 26.07 -20.99 -47.58
CA VAL E 36 26.92 -22.08 -47.13
C VAL E 36 27.13 -23.09 -48.24
N TYR E 37 26.14 -23.26 -49.12
CA TYR E 37 26.29 -24.19 -50.24
C TYR E 37 27.29 -23.69 -51.27
N GLU E 38 27.62 -22.39 -51.26
CA GLU E 38 28.64 -21.88 -52.15
C GLU E 38 30.04 -22.12 -51.62
N ASP E 39 30.19 -22.22 -50.31
CA ASP E 39 31.49 -22.56 -49.74
C ASP E 39 31.94 -23.92 -50.26
N GLU E 40 33.23 -24.01 -50.61
CA GLU E 40 33.73 -25.26 -51.16
C GLU E 40 33.73 -26.36 -50.11
N GLY E 41 33.85 -26.01 -48.83
CA GLY E 41 33.92 -27.02 -47.79
C GLY E 41 32.76 -27.98 -47.85
N VAL E 42 31.54 -27.45 -47.98
CA VAL E 42 30.35 -28.30 -48.04
C VAL E 42 30.28 -29.03 -49.38
N LYS E 43 30.75 -28.41 -50.46
CA LYS E 43 30.75 -29.07 -51.76
C LYS E 43 31.60 -30.34 -51.69
N ARG E 44 32.70 -30.29 -50.94
CA ARG E 44 33.57 -31.45 -50.77
C ARG E 44 32.80 -32.62 -50.17
N GLN E 45 31.92 -32.35 -49.20
CA GLN E 45 31.13 -33.43 -48.60
C GLN E 45 30.05 -33.94 -49.54
N TRP E 46 29.46 -33.05 -50.36
CA TRP E 46 28.34 -33.43 -51.23
C TRP E 46 28.77 -33.86 -52.62
N GLN E 47 29.99 -33.56 -53.04
CA GLN E 47 30.43 -33.99 -54.36
C GLN E 47 30.38 -35.51 -54.49
N SER E 48 30.63 -36.25 -53.41
CA SER E 48 30.59 -37.70 -53.48
C SER E 48 29.16 -38.21 -53.69
N PHE E 49 28.18 -37.56 -53.05
CA PHE E 49 26.79 -37.97 -53.22
C PHE E 49 26.28 -37.62 -54.62
N LEU E 50 26.73 -36.47 -55.15
CA LEU E 50 26.27 -36.04 -56.46
C LEU E 50 26.81 -36.94 -57.56
N GLU E 51 28.01 -37.48 -57.38
CA GLU E 51 28.56 -38.40 -58.38
C GLU E 51 28.08 -39.83 -58.18
N LYS E 52 28.19 -40.37 -56.96
CA LYS E 52 27.91 -41.78 -56.74
C LYS E 52 26.58 -42.07 -56.07
N GLY E 53 25.95 -41.10 -55.42
CA GLY E 53 24.69 -41.33 -54.75
C GLY E 53 24.82 -41.67 -53.27
N ARG E 54 25.92 -42.28 -52.87
CA ARG E 54 26.17 -42.56 -51.46
C ARG E 54 27.13 -41.54 -50.84
N PHE E 55 27.17 -41.55 -49.51
CA PHE E 55 28.13 -40.75 -48.76
C PHE E 55 29.39 -41.59 -48.56
N GLU E 56 30.47 -41.20 -49.23
CA GLU E 56 31.75 -41.89 -49.14
C GLU E 56 32.58 -41.40 -47.96
N GLY E 57 32.83 -40.09 -47.90
CA GLY E 57 33.67 -39.53 -46.86
C GLY E 57 32.92 -39.06 -45.64
N GLY E 58 31.70 -39.56 -45.46
CA GLY E 58 30.90 -39.20 -44.28
C GLY E 58 29.65 -38.43 -44.64
N MET E 59 28.71 -38.36 -43.70
CA MET E 59 27.45 -37.68 -43.93
C MET E 59 27.65 -36.17 -43.83
N PRO E 60 27.27 -35.39 -44.84
CA PRO E 60 27.49 -33.94 -44.76
C PRO E 60 26.72 -33.33 -43.60
N GLU E 61 27.39 -32.47 -42.83
CA GLU E 61 26.74 -31.83 -41.70
C GLU E 61 25.70 -30.82 -42.15
N VAL E 62 25.85 -30.27 -43.34
CA VAL E 62 24.88 -29.33 -43.88
C VAL E 62 23.82 -30.13 -44.64
N PRO E 63 22.53 -29.92 -44.38
CA PRO E 63 21.51 -30.65 -45.15
C PRO E 63 21.58 -30.26 -46.60
N PRO E 64 20.98 -31.03 -47.50
CA PRO E 64 21.07 -30.72 -48.92
C PRO E 64 20.18 -29.55 -49.28
N ARG E 65 20.39 -29.03 -50.48
CA ARG E 65 19.43 -28.11 -51.05
C ARG E 65 18.21 -28.93 -51.44
N ARG E 66 17.03 -28.35 -51.28
CA ARG E 66 15.79 -29.06 -51.55
C ARG E 66 15.68 -29.67 -52.94
N GLU E 67 16.36 -29.09 -53.92
CA GLU E 67 16.25 -29.57 -55.29
C GLU E 67 16.79 -31.00 -55.41
N TRP E 68 17.77 -31.33 -54.57
CA TRP E 68 18.48 -32.59 -54.66
C TRP E 68 17.70 -33.80 -54.16
N CYS E 69 16.74 -33.60 -53.25
CA CYS E 69 16.06 -34.71 -52.60
C CYS E 69 14.81 -35.20 -53.34
N VAL E 70 14.68 -34.90 -54.62
CA VAL E 70 13.59 -35.46 -55.41
C VAL E 70 14.04 -36.81 -55.99
N HIS F 3 -14.80 22.30 -5.62
CA HIS F 3 -14.99 22.12 -7.06
C HIS F 3 -16.38 21.53 -7.26
N MET F 4 -16.61 20.41 -6.56
CA MET F 4 -17.90 19.75 -6.58
C MET F 4 -18.89 20.41 -5.62
N ARG F 5 -18.37 20.99 -4.54
CA ARG F 5 -19.21 21.54 -3.49
C ARG F 5 -20.17 22.61 -4.01
N TYR F 6 -19.75 23.39 -5.02
CA TYR F 6 -20.62 24.45 -5.53
C TYR F 6 -21.98 23.92 -5.95
N VAL F 7 -22.05 22.66 -6.39
CA VAL F 7 -23.35 22.07 -6.68
C VAL F 7 -24.06 21.70 -5.38
N GLU F 8 -23.32 21.18 -4.40
CA GLU F 8 -23.90 20.88 -3.09
C GLU F 8 -24.40 22.15 -2.41
N ILE F 9 -23.66 23.26 -2.54
CA ILE F 9 -24.10 24.52 -1.95
C ILE F 9 -25.41 24.96 -2.58
N HIS F 10 -25.54 24.80 -3.90
CA HIS F 10 -26.77 25.18 -4.59
C HIS F 10 -27.95 24.39 -4.05
N ARG F 11 -27.74 23.11 -3.76
CA ARG F 11 -28.80 22.27 -3.22
C ARG F 11 -29.15 22.68 -1.79
N ASN F 12 -28.14 22.94 -0.97
CA ASN F 12 -28.40 23.38 0.40
C ASN F 12 -29.15 24.70 0.43
N LEU F 13 -28.86 25.59 -0.53
CA LEU F 13 -29.59 26.85 -0.60
C LEU F 13 -31.05 26.61 -0.97
N LYS F 14 -31.31 25.63 -1.84
CA LYS F 14 -32.70 25.24 -2.10
C LYS F 14 -33.36 24.70 -0.85
N GLY F 15 -32.65 23.85 -0.10
CA GLY F 15 -33.16 23.35 1.16
C GLY F 15 -33.29 24.40 2.24
N LEU F 16 -32.51 25.47 2.14
CA LEU F 16 -32.64 26.57 3.09
C LEU F 16 -33.93 27.36 2.84
N ARG F 17 -34.30 27.49 1.56
CA ARG F 17 -35.52 28.22 1.24
C ARG F 17 -36.74 27.49 1.80
N LYS F 18 -36.77 26.16 1.66
CA LYS F 18 -37.83 25.38 2.28
C LYS F 18 -37.84 25.57 3.80
N TYR F 19 -36.64 25.61 4.40
CA TYR F 19 -36.57 25.76 5.86
C TYR F 19 -37.17 27.09 6.30
N MET F 20 -36.89 28.16 5.56
CA MET F 20 -37.44 29.46 5.92
C MET F 20 -38.95 29.49 5.72
N ALA F 21 -39.46 28.73 4.75
CA ALA F 21 -40.90 28.66 4.56
C ALA F 21 -41.56 27.91 5.72
N GLU F 22 -40.87 26.90 6.27
CA GLU F 22 -41.41 26.18 7.42
C GLU F 22 -41.48 27.08 8.65
N GLN F 23 -40.39 27.79 8.94
CA GLN F 23 -40.37 28.68 10.11
C GLN F 23 -41.43 29.76 10.01
N ALA F 24 -41.69 30.26 8.80
CA ALA F 24 -42.67 31.32 8.62
C ALA F 24 -44.04 30.90 9.12
N LYS F 25 -44.32 29.59 9.15
CA LYS F 25 -45.58 29.11 9.67
C LYS F 25 -45.65 29.26 11.18
N THR F 26 -44.65 28.74 11.89
CA THR F 26 -44.63 28.81 13.36
C THR F 26 -44.24 30.19 13.87
N ASN F 27 -43.25 30.83 13.24
CA ASN F 27 -42.72 32.11 13.69
C ASN F 27 -43.44 33.23 12.95
N LEU F 28 -44.28 33.97 13.67
CA LEU F 28 -45.08 35.01 13.03
C LEU F 28 -44.28 36.31 12.81
N LYS F 29 -43.44 36.71 13.76
CA LYS F 29 -42.54 37.84 13.48
C LYS F 29 -41.65 37.55 12.29
N LEU F 30 -41.32 36.28 12.05
CA LEU F 30 -40.50 35.95 10.90
C LEU F 30 -41.29 36.07 9.61
N LYS F 31 -42.58 35.73 9.67
CA LYS F 31 -43.41 35.82 8.47
C LYS F 31 -43.71 37.29 8.14
N GLN F 32 -43.95 38.11 9.17
CA GLN F 32 -44.29 39.50 8.94
C GLN F 32 -43.15 40.26 8.26
N ARG F 33 -41.91 40.03 8.69
CA ARG F 33 -40.78 40.81 8.21
C ARG F 33 -39.98 40.15 7.11
N MET F 34 -39.89 38.82 7.08
CA MET F 34 -39.12 38.16 6.05
C MET F 34 -39.60 38.57 4.66
N GLY F 35 -40.92 38.65 4.47
CA GLY F 35 -41.44 39.05 3.17
C GLY F 35 -41.04 40.46 2.78
N ASP F 36 -41.20 41.41 3.69
CA ASP F 36 -40.82 42.79 3.40
C ASP F 36 -39.32 42.92 3.23
N MET F 37 -38.55 42.07 3.92
CA MET F 37 -37.10 42.15 3.85
C MET F 37 -36.61 41.67 2.49
N ARG F 38 -37.20 40.59 1.99
CA ARG F 38 -36.82 40.06 0.67
C ARG F 38 -37.07 41.09 -0.42
N ARG F 39 -38.25 41.72 -0.41
CA ARG F 39 -38.62 42.63 -1.48
C ARG F 39 -37.75 43.87 -1.46
N GLU F 40 -37.43 44.36 -0.27
CA GLU F 40 -36.68 45.61 -0.15
C GLU F 40 -35.24 45.45 -0.59
N ILE F 41 -34.69 44.23 -0.52
CA ILE F 41 -33.35 43.98 -1.04
C ILE F 41 -33.38 43.91 -2.57
N ARG F 42 -34.33 43.14 -3.12
CA ARG F 42 -34.48 43.06 -4.57
C ARG F 42 -34.70 44.45 -5.17
N LYS F 43 -35.45 45.31 -4.49
CA LYS F 43 -35.68 46.65 -5.00
C LYS F 43 -34.42 47.49 -4.95
N SER F 44 -33.65 47.40 -3.86
CA SER F 44 -32.41 48.18 -3.77
C SER F 44 -31.42 47.75 -4.84
N VAL F 45 -31.40 46.47 -5.19
CA VAL F 45 -30.56 46.00 -6.28
C VAL F 45 -31.02 46.57 -7.61
N GLY F 46 -32.33 46.58 -7.87
CA GLY F 46 -32.83 47.10 -9.13
C GLY F 46 -32.47 48.56 -9.36
N GLN F 47 -32.48 49.37 -8.31
CA GLN F 47 -32.22 50.80 -8.45
C GLN F 47 -30.77 51.11 -8.78
N LEU F 48 -29.85 50.16 -8.56
CA LEU F 48 -28.45 50.40 -8.87
C LEU F 48 -28.26 50.82 -10.33
N THR F 49 -29.09 50.31 -11.24
CA THR F 49 -28.97 50.64 -12.66
C THR F 49 -29.24 52.13 -12.89
N ALA F 54 -23.33 57.67 -11.56
CA ALA F 54 -23.32 58.45 -10.33
C ALA F 54 -22.96 57.56 -9.14
N ALA F 55 -23.04 58.13 -7.94
CA ALA F 55 -22.73 57.39 -6.72
C ALA F 55 -24.00 56.78 -6.14
N ASN F 56 -23.93 55.50 -5.81
CA ASN F 56 -25.10 54.73 -5.37
C ASN F 56 -24.92 54.24 -3.94
N LYS F 57 -24.16 54.98 -3.12
CA LYS F 57 -23.93 54.55 -1.74
C LYS F 57 -25.17 54.63 -0.85
N ASP F 58 -26.28 55.19 -1.34
CA ASP F 58 -27.51 55.20 -0.55
C ASP F 58 -28.24 53.87 -0.59
N LYS F 59 -27.98 53.05 -1.62
CA LYS F 59 -28.64 51.77 -1.77
C LYS F 59 -27.85 50.65 -1.11
N GLN F 60 -26.52 50.82 -1.01
CA GLN F 60 -25.71 49.85 -0.30
C GLN F 60 -26.00 49.90 1.19
N GLN F 61 -26.24 51.10 1.72
CA GLN F 61 -26.59 51.22 3.14
C GLN F 61 -27.96 50.63 3.41
N LYS F 62 -28.91 50.83 2.48
CA LYS F 62 -30.23 50.24 2.64
C LYS F 62 -30.13 48.72 2.71
N ILE F 63 -29.26 48.13 1.90
CA ILE F 63 -29.05 46.68 1.94
C ILE F 63 -28.24 46.28 3.16
N LYS F 64 -27.26 47.10 3.53
CA LYS F 64 -26.44 46.79 4.70
C LYS F 64 -27.29 46.78 5.98
N SER F 65 -28.19 47.75 6.12
CA SER F 65 -29.00 47.83 7.33
C SER F 65 -29.92 46.61 7.43
N ILE F 66 -30.43 46.12 6.31
CA ILE F 66 -31.31 44.95 6.35
C ILE F 66 -30.51 43.71 6.75
N LEU F 67 -29.29 43.58 6.23
CA LEU F 67 -28.48 42.43 6.60
C LEU F 67 -27.98 42.55 8.04
N THR F 68 -27.67 43.77 8.47
CA THR F 68 -27.29 43.98 9.86
C THR F 68 -28.46 43.66 10.79
N GLU F 69 -29.68 44.00 10.35
CA GLU F 69 -30.88 43.67 11.13
C GLU F 69 -31.12 42.17 11.17
N ALA F 70 -30.90 41.49 10.04
CA ALA F 70 -31.13 40.04 10.00
C ALA F 70 -30.10 39.29 10.80
N LEU F 71 -28.89 39.84 10.94
CA LEU F 71 -27.85 39.17 11.71
C LEU F 71 -28.17 39.17 13.20
N SER F 72 -28.74 40.27 13.70
CA SER F 72 -29.16 40.31 15.10
C SER F 72 -30.24 39.28 15.37
N ASN F 73 -31.07 38.98 14.38
CA ASN F 73 -32.06 37.90 14.44
C ASN F 73 -33.13 38.19 15.48
N GLN F 74 -33.58 39.45 15.55
CA GLN F 74 -34.67 39.78 16.46
C GLN F 74 -35.92 38.96 16.14
N VAL F 75 -36.06 38.50 14.89
CA VAL F 75 -37.19 37.65 14.54
C VAL F 75 -37.01 36.22 15.01
N GLU F 76 -35.90 35.93 15.68
CA GLU F 76 -35.65 34.64 16.32
C GLU F 76 -35.83 33.49 15.34
N SER F 77 -35.08 33.54 14.26
CA SER F 77 -35.09 32.45 13.27
C SER F 77 -34.12 31.38 13.71
N ALA F 78 -34.38 30.14 13.28
CA ALA F 78 -33.52 29.04 13.66
C ALA F 78 -32.11 29.29 13.13
N LEU F 79 -31.13 28.67 13.79
CA LEU F 79 -29.74 28.82 13.41
C LEU F 79 -29.33 27.68 12.50
N VAL F 80 -28.40 27.98 11.58
CA VAL F 80 -27.94 27.01 10.60
C VAL F 80 -26.41 27.02 10.63
N ASP F 81 -25.83 25.97 10.06
CA ASP F 81 -24.39 25.83 10.00
C ASP F 81 -23.88 26.50 8.73
N PRO F 82 -23.11 27.59 8.82
CA PRO F 82 -22.65 28.26 7.59
C PRO F 82 -21.72 27.39 6.76
N ASN F 83 -21.12 26.34 7.33
CA ASN F 83 -20.27 25.46 6.57
C ASN F 83 -21.03 24.76 5.45
N ASN F 84 -22.36 24.69 5.54
CA ASN F 84 -23.14 24.12 4.46
C ASN F 84 -23.23 25.05 3.26
N PHE F 85 -22.66 26.26 3.35
CA PHE F 85 -22.78 27.25 2.30
C PHE F 85 -21.42 27.84 1.90
N VAL F 86 -20.33 27.11 2.18
CA VAL F 86 -18.99 27.51 1.79
C VAL F 86 -18.26 26.28 1.29
N VAL F 87 -17.34 26.48 0.35
CA VAL F 87 -16.64 25.35 -0.26
C VAL F 87 -15.77 24.65 0.78
N GLU F 88 -14.95 25.40 1.49
CA GLU F 88 -14.01 24.82 2.44
C GLU F 88 -14.50 25.11 3.85
N PRO F 89 -14.70 24.11 4.70
CA PRO F 89 -15.12 24.38 6.09
C PRO F 89 -14.13 25.28 6.82
N ARG F 90 -14.65 26.29 7.50
CA ARG F 90 -13.83 27.28 8.18
C ARG F 90 -13.81 27.04 9.67
N LYS F 91 -12.63 27.17 10.28
CA LYS F 91 -12.44 27.09 11.72
C LYS F 91 -12.28 28.49 12.30
N PRO F 92 -12.49 28.64 13.61
CA PRO F 92 -12.32 29.96 14.22
C PRO F 92 -10.93 30.54 13.97
N VAL F 93 -10.90 31.80 13.54
CA VAL F 93 -9.67 32.51 13.22
C VAL F 93 -9.39 33.52 14.34
N GLU F 94 -8.12 33.65 14.70
CA GLU F 94 -7.73 34.59 15.75
C GLU F 94 -8.03 36.01 15.32
N GLY F 95 -8.72 36.75 16.20
CA GLY F 95 -9.06 38.13 15.92
C GLY F 95 -10.22 38.33 14.99
N ALA F 96 -10.88 37.27 14.54
CA ALA F 96 -11.99 37.41 13.61
C ALA F 96 -13.17 38.09 14.28
N THR F 97 -13.98 38.76 13.47
CA THR F 97 -15.12 39.52 13.97
C THR F 97 -16.31 38.64 14.33
N ASN F 98 -16.33 37.38 13.90
CA ASN F 98 -17.45 36.51 14.18
C ASN F 98 -17.00 35.06 13.96
N ASN F 99 -16.73 34.35 15.06
CA ASN F 99 -16.36 32.95 15.02
C ASN F 99 -17.51 32.04 15.46
N ASP F 100 -18.69 32.57 15.72
CA ASP F 100 -19.79 31.75 16.20
C ASP F 100 -20.00 30.58 15.26
N PRO F 101 -20.23 29.37 15.76
CA PRO F 101 -20.33 28.21 14.86
C PRO F 101 -21.61 28.21 14.04
N LEU F 102 -22.64 28.94 14.45
CA LEU F 102 -23.90 29.00 13.74
C LEU F 102 -24.23 30.45 13.41
N LEU F 103 -25.14 30.63 12.46
CA LEU F 103 -25.63 31.94 12.04
C LEU F 103 -27.14 31.88 11.90
N PRO F 104 -27.82 33.01 12.00
CA PRO F 104 -29.27 33.01 11.81
C PRO F 104 -29.66 32.59 10.41
N SER F 105 -30.66 31.71 10.32
CA SER F 105 -31.16 31.29 9.02
C SER F 105 -31.73 32.44 8.21
N ILE F 106 -32.16 33.52 8.87
CA ILE F 106 -32.67 34.68 8.15
C ILE F 106 -31.54 35.45 7.49
N PHE F 107 -30.35 35.45 8.10
CA PHE F 107 -29.22 36.18 7.53
C PHE F 107 -28.68 35.47 6.30
N VAL F 108 -28.38 34.17 6.42
CA VAL F 108 -27.95 33.38 5.27
C VAL F 108 -28.97 33.45 4.15
N TYR F 109 -30.26 33.47 4.50
CA TYR F 109 -31.30 33.51 3.48
C TYR F 109 -31.29 34.83 2.73
N LEU F 110 -31.20 35.95 3.46
CA LEU F 110 -31.21 37.25 2.79
C LEU F 110 -29.90 37.47 2.03
N ILE F 111 -28.80 36.89 2.49
CA ILE F 111 -27.59 36.87 1.69
C ILE F 111 -27.85 36.14 0.38
N ASN F 112 -28.56 35.01 0.45
CA ASN F 112 -28.92 34.26 -0.75
C ASN F 112 -29.86 35.05 -1.64
N ILE F 113 -30.76 35.85 -1.05
CA ILE F 113 -31.64 36.70 -1.85
C ILE F 113 -30.84 37.82 -2.50
N PHE F 114 -29.86 38.37 -1.78
CA PHE F 114 -29.01 39.41 -2.34
C PHE F 114 -28.23 38.88 -3.53
N ALA F 115 -27.77 37.62 -3.45
CA ALA F 115 -27.06 37.00 -4.57
C ALA F 115 -28.00 36.73 -5.73
N LYS F 116 -29.18 36.18 -5.45
CA LYS F 116 -30.17 35.94 -6.50
C LYS F 116 -30.54 37.24 -7.21
N ALA F 117 -30.66 38.32 -6.44
CA ALA F 117 -31.03 39.61 -7.03
C ALA F 117 -29.96 40.12 -7.98
N ALA F 118 -28.69 39.93 -7.62
CA ALA F 118 -27.59 40.39 -8.47
C ALA F 118 -27.49 39.57 -9.74
N ILE F 119 -27.68 38.25 -9.63
CA ILE F 119 -27.67 37.40 -10.82
C ILE F 119 -28.76 37.83 -11.78
N SER F 120 -29.95 38.13 -11.26
CA SER F 120 -31.06 38.51 -12.12
C SER F 120 -30.77 39.82 -12.85
N GLN F 121 -30.11 40.76 -12.19
CA GLN F 121 -29.73 41.99 -12.86
C GLN F 121 -28.73 41.71 -13.98
N PHE F 122 -27.78 40.82 -13.73
CA PHE F 122 -26.86 40.41 -14.78
C PHE F 122 -27.62 39.81 -15.95
N ILE F 123 -28.57 38.93 -15.67
CA ILE F 123 -29.30 38.26 -16.74
C ILE F 123 -30.22 39.25 -17.44
N ASN F 124 -31.04 39.97 -16.68
CA ASN F 124 -32.12 40.74 -17.28
C ASN F 124 -31.72 42.12 -17.78
N GLU F 125 -30.84 42.81 -17.06
CA GLU F 125 -30.51 44.18 -17.44
C GLU F 125 -29.15 44.24 -18.11
N ALA F 126 -28.15 43.56 -17.56
CA ALA F 126 -26.82 43.57 -18.17
C ALA F 126 -26.79 42.77 -19.47
N GLY F 127 -27.76 41.88 -19.70
CA GLY F 127 -27.80 41.15 -20.95
C GLY F 127 -28.08 42.05 -22.13
N ALA F 128 -28.90 43.08 -21.93
CA ALA F 128 -29.18 44.06 -22.97
C ALA F 128 -28.27 45.27 -22.87
N ARG F 129 -27.77 45.59 -21.68
CA ARG F 129 -26.87 46.71 -21.47
C ARG F 129 -25.76 46.27 -20.53
N PRO F 130 -24.67 45.71 -21.06
CA PRO F 130 -23.60 45.21 -20.17
C PRO F 130 -22.98 46.27 -19.27
N GLU F 131 -23.15 47.56 -19.56
CA GLU F 131 -22.57 48.59 -18.69
C GLU F 131 -23.21 48.61 -17.32
N THR F 132 -24.47 48.16 -17.20
CA THR F 132 -25.17 48.23 -15.93
C THR F 132 -24.71 47.17 -14.93
N ALA F 133 -23.82 46.26 -15.35
CA ALA F 133 -23.34 45.19 -14.49
C ALA F 133 -22.31 45.68 -13.49
N ASP F 134 -21.54 46.72 -13.84
CA ASP F 134 -20.46 47.17 -12.97
C ASP F 134 -20.96 47.66 -11.63
N PRO F 135 -21.94 48.58 -11.55
CA PRO F 135 -22.39 49.02 -10.22
C PRO F 135 -22.93 47.88 -9.35
N VAL F 136 -23.58 46.89 -9.97
CA VAL F 136 -24.04 45.73 -9.21
C VAL F 136 -22.85 44.99 -8.62
N GLY F 137 -21.85 44.71 -9.45
CA GLY F 137 -20.65 44.06 -8.94
C GLY F 137 -19.99 44.84 -7.83
N ILE F 138 -20.00 46.17 -7.94
CA ILE F 138 -19.46 47.02 -6.88
C ILE F 138 -20.23 46.80 -5.59
N CYS F 139 -21.56 46.75 -5.68
CA CYS F 139 -22.40 46.57 -4.49
C CYS F 139 -22.15 45.21 -3.88
N VAL F 140 -22.08 44.17 -4.70
CA VAL F 140 -21.82 42.82 -4.21
C VAL F 140 -20.51 42.79 -3.43
N ALA F 141 -19.46 43.36 -4.00
CA ALA F 141 -18.15 43.34 -3.35
C ALA F 141 -18.15 44.20 -2.10
N ALA F 142 -18.87 45.33 -2.13
CA ALA F 142 -18.92 46.22 -0.97
C ALA F 142 -19.57 45.54 0.22
N ILE F 143 -20.72 44.92 0.00
CA ILE F 143 -21.49 44.33 1.10
C ILE F 143 -20.77 43.11 1.65
N LEU F 144 -20.48 42.14 0.79
CA LEU F 144 -19.94 40.86 1.23
C LEU F 144 -18.57 41.02 1.89
N SER F 145 -17.89 42.14 1.67
CA SER F 145 -16.61 42.41 2.32
C SER F 145 -16.77 43.20 3.61
N GLU F 146 -18.00 43.61 3.93
CA GLU F 146 -18.23 44.36 5.15
C GLU F 146 -17.75 43.54 6.34
N PRO F 147 -17.01 44.12 7.28
CA PRO F 147 -16.53 43.32 8.42
C PRO F 147 -17.65 42.65 9.19
N ASP F 148 -18.80 43.32 9.34
CA ASP F 148 -19.91 42.72 10.08
C ASP F 148 -20.36 41.39 9.47
N PHE F 149 -20.14 41.19 8.18
CA PHE F 149 -20.73 40.07 7.46
C PHE F 149 -19.71 38.99 7.12
N LEU F 150 -18.48 39.09 7.62
CA LEU F 150 -17.49 38.03 7.44
C LEU F 150 -17.68 36.99 8.53
N TRP F 151 -17.86 35.74 8.12
CA TRP F 151 -17.97 34.62 9.06
C TRP F 151 -16.62 33.93 9.13
N ARG F 152 -15.91 34.11 10.26
CA ARG F 152 -14.63 33.46 10.49
C ARG F 152 -13.54 33.97 9.54
N GLY F 153 -13.51 35.28 9.33
CA GLY F 153 -12.44 35.92 8.60
C GLY F 153 -12.61 36.00 7.09
N ALA F 154 -13.64 35.38 6.54
CA ALA F 154 -13.84 35.39 5.09
C ALA F 154 -15.32 35.63 4.77
N SER F 155 -15.57 36.11 3.56
CA SER F 155 -16.91 36.49 3.15
C SER F 155 -17.73 35.26 2.79
N LEU F 156 -19.01 35.49 2.50
CA LEU F 156 -19.93 34.44 2.09
C LEU F 156 -20.11 34.42 0.58
N ILE F 157 -19.08 34.84 -0.17
CA ILE F 157 -19.17 34.97 -1.62
C ILE F 157 -19.54 33.65 -2.28
N ASP F 158 -19.20 32.52 -1.66
CA ASP F 158 -19.48 31.23 -2.28
C ASP F 158 -20.96 31.02 -2.57
N ILE F 159 -21.85 31.74 -1.87
CA ILE F 159 -23.27 31.63 -2.20
C ILE F 159 -23.54 32.22 -3.57
N LEU F 160 -22.82 33.27 -3.96
CA LEU F 160 -22.98 33.83 -5.29
C LEU F 160 -22.25 32.99 -6.34
N ILE F 161 -21.01 32.59 -6.05
CA ILE F 161 -20.23 31.81 -7.01
C ILE F 161 -20.94 30.50 -7.31
N ALA F 162 -21.62 29.92 -6.32
CA ALA F 162 -22.35 28.69 -6.57
C ALA F 162 -23.43 28.90 -7.62
N LYS F 163 -23.95 30.12 -7.73
CA LYS F 163 -24.99 30.41 -8.71
C LYS F 163 -24.39 30.66 -10.09
N PHE F 164 -23.27 31.38 -10.17
CA PHE F 164 -22.56 31.51 -11.43
C PHE F 164 -22.24 30.15 -12.03
N ARG F 165 -21.92 29.17 -11.18
CA ARG F 165 -21.57 27.85 -11.67
C ARG F 165 -22.76 27.16 -12.33
N ILE F 166 -23.97 27.45 -11.86
CA ILE F 166 -25.16 26.82 -12.43
C ILE F 166 -25.54 27.50 -13.75
N VAL F 167 -25.56 28.84 -13.78
CA VAL F 167 -26.06 29.56 -14.94
C VAL F 167 -24.99 29.95 -15.96
N CYS F 168 -23.70 29.79 -15.64
CA CYS F 168 -22.62 30.11 -16.57
C CYS F 168 -21.45 29.18 -16.34
N PRO F 169 -21.63 27.88 -16.63
CA PRO F 169 -20.54 26.91 -16.37
C PRO F 169 -19.27 27.14 -17.17
N VAL F 170 -19.31 27.84 -18.31
CA VAL F 170 -18.09 27.98 -19.11
C VAL F 170 -17.01 28.71 -18.32
N LEU F 171 -17.41 29.62 -17.43
CA LEU F 171 -16.44 30.34 -16.61
C LEU F 171 -15.64 29.39 -15.72
N PHE F 172 -16.12 28.17 -15.50
CA PHE F 172 -15.50 27.24 -14.57
C PHE F 172 -14.91 26.03 -15.27
N GLY F 173 -14.62 26.15 -16.58
CA GLY F 173 -13.92 25.14 -17.32
C GLY F 173 -14.79 24.16 -18.10
N TYR F 174 -16.11 24.28 -18.01
CA TYR F 174 -17.00 23.34 -18.68
C TYR F 174 -17.09 23.66 -20.17
N ARG F 175 -17.17 22.60 -20.97
CA ARG F 175 -17.21 22.69 -22.42
C ARG F 175 -18.43 21.90 -22.92
N GLY F 176 -18.74 22.03 -24.20
CA GLY F 176 -19.88 21.31 -24.74
C GLY F 176 -20.25 21.80 -26.12
N SER F 177 -21.08 21.01 -26.78
CA SER F 177 -21.62 21.32 -28.09
C SER F 177 -23.05 21.84 -27.95
N GLU F 178 -23.34 22.97 -28.62
CA GLU F 178 -24.68 23.53 -28.59
C GLU F 178 -25.69 22.73 -29.41
N LYS F 179 -25.26 21.72 -30.17
CA LYS F 179 -26.18 20.97 -31.01
C LYS F 179 -26.79 19.77 -30.30
N THR F 180 -26.12 19.19 -29.31
CA THR F 180 -26.65 18.05 -28.59
C THR F 180 -27.30 18.51 -27.29
N GLU F 181 -28.24 17.71 -26.79
CA GLU F 181 -28.88 18.05 -25.52
C GLU F 181 -27.93 17.84 -24.36
N GLN F 182 -27.06 16.84 -24.44
CA GLN F 182 -26.06 16.64 -23.40
C GLN F 182 -25.09 17.81 -23.34
N GLY F 183 -24.83 18.46 -24.48
CA GLY F 183 -23.93 19.58 -24.55
C GLY F 183 -24.60 20.86 -24.07
N ARG F 184 -25.84 21.09 -24.50
CA ARG F 184 -26.58 22.26 -24.03
C ARG F 184 -26.74 22.23 -22.52
N GLN F 185 -26.85 21.02 -21.93
CA GLN F 185 -26.91 20.89 -20.48
C GLN F 185 -25.62 21.39 -19.84
N ARG F 186 -24.48 20.87 -20.30
CA ARG F 186 -23.20 21.21 -19.71
C ARG F 186 -22.82 22.68 -19.93
N LEU F 187 -23.39 23.33 -20.94
CA LEU F 187 -23.11 24.73 -21.19
C LEU F 187 -24.05 25.69 -20.46
N GLY F 188 -25.02 25.17 -19.72
CA GLY F 188 -25.95 26.03 -19.02
C GLY F 188 -27.05 26.62 -19.87
N TRP F 189 -27.35 26.04 -21.03
CA TRP F 189 -28.47 26.51 -21.83
C TRP F 189 -29.77 26.33 -21.07
N TRP F 190 -30.50 27.43 -20.85
CA TRP F 190 -31.66 27.40 -19.98
C TRP F 190 -32.86 26.78 -20.68
N LYS F 191 -33.86 26.41 -19.87
CA LYS F 191 -35.09 25.80 -20.36
C LYS F 191 -36.28 26.55 -19.76
N GLU F 192 -37.05 27.21 -20.62
CA GLU F 192 -38.30 27.85 -20.23
C GLU F 192 -39.46 26.91 -20.56
N SER F 193 -40.02 26.26 -19.54
CA SER F 193 -41.22 25.42 -19.70
C SER F 193 -40.93 24.20 -20.58
N GLY F 194 -39.88 23.46 -20.24
CA GLY F 194 -39.58 22.18 -20.87
C GLY F 194 -38.67 22.21 -22.07
N GLN F 195 -38.83 23.19 -22.96
CA GLN F 195 -38.01 23.30 -24.15
C GLN F 195 -37.00 24.43 -24.01
N TRP F 196 -35.88 24.28 -24.70
CA TRP F 196 -34.79 25.24 -24.63
C TRP F 196 -35.28 26.62 -25.06
N ILE F 197 -34.70 27.65 -24.43
CA ILE F 197 -34.96 29.03 -24.82
C ILE F 197 -34.33 29.28 -26.18
N SER F 198 -34.72 30.39 -26.82
CA SER F 198 -34.17 30.73 -28.12
C SER F 198 -32.67 31.00 -28.02
N GLU F 199 -31.98 30.86 -29.16
CA GLU F 199 -30.54 31.10 -29.20
C GLU F 199 -30.22 32.54 -28.84
N GLN F 200 -31.13 33.48 -29.16
CA GLN F 200 -30.90 34.88 -28.83
C GLN F 200 -31.01 35.13 -27.33
N GLN F 201 -31.98 34.49 -26.67
CA GLN F 201 -32.12 34.64 -25.24
C GLN F 201 -30.97 33.98 -24.49
N HIS F 202 -30.44 32.87 -25.02
CA HIS F 202 -29.27 32.23 -24.42
C HIS F 202 -28.05 33.14 -24.51
N MET F 203 -27.73 33.62 -25.71
CA MET F 203 -26.55 34.48 -25.85
C MET F 203 -26.69 35.74 -25.02
N ASP F 204 -27.91 36.24 -24.83
CA ASP F 204 -28.11 37.42 -23.98
C ASP F 204 -27.83 37.10 -22.52
N ARG F 205 -28.31 35.94 -22.04
CA ARG F 205 -27.97 35.52 -20.68
C ARG F 205 -26.46 35.45 -20.51
N MET F 206 -25.77 34.77 -21.43
CA MET F 206 -24.32 34.66 -21.33
C MET F 206 -23.64 36.02 -21.35
N THR F 207 -24.19 36.98 -22.11
CA THR F 207 -23.60 38.30 -22.17
C THR F 207 -23.67 38.99 -20.80
N GLY F 208 -24.84 38.93 -20.17
CA GLY F 208 -24.99 39.56 -18.87
C GLY F 208 -24.16 38.86 -17.80
N LEU F 209 -24.14 37.53 -17.82
CA LEU F 209 -23.37 36.78 -16.83
C LEU F 209 -21.87 36.98 -17.02
N GLY F 210 -21.41 37.03 -18.27
CA GLY F 210 -20.00 37.29 -18.50
C GLY F 210 -19.57 38.64 -17.99
N ALA F 211 -20.38 39.68 -18.26
CA ALA F 211 -20.08 41.01 -17.75
C ALA F 211 -20.22 41.06 -16.24
N GLY F 212 -21.20 40.33 -15.69
CA GLY F 212 -21.35 40.30 -14.25
C GLY F 212 -20.16 39.65 -13.56
N PHE F 213 -19.67 38.54 -14.11
CA PHE F 213 -18.51 37.88 -13.53
C PHE F 213 -17.31 38.81 -13.50
N ALA F 214 -17.07 39.54 -14.59
CA ALA F 214 -15.99 40.52 -14.60
C ALA F 214 -16.26 41.63 -13.60
N ALA F 215 -17.53 41.97 -13.39
CA ALA F 215 -17.88 43.03 -12.44
C ALA F 215 -17.49 42.67 -11.02
N ILE F 216 -17.59 41.39 -10.64
CA ILE F 216 -17.23 40.99 -9.28
C ILE F 216 -15.76 40.61 -9.15
N SER F 217 -15.12 40.14 -10.22
CA SER F 217 -13.77 39.61 -10.12
C SER F 217 -12.67 40.64 -10.39
N LEU F 218 -13.02 41.83 -10.85
CA LEU F 218 -12.04 42.86 -11.20
C LEU F 218 -12.17 44.09 -10.31
N ARG F 219 -12.49 43.89 -9.04
CA ARG F 219 -12.55 44.96 -8.06
C ARG F 219 -11.19 45.16 -7.41
N LYS F 220 -10.86 46.41 -7.11
CA LYS F 220 -9.61 46.78 -6.46
C LYS F 220 -9.90 47.15 -5.02
N PHE F 221 -9.32 46.40 -4.07
CA PHE F 221 -9.59 46.59 -2.66
C PHE F 221 -8.42 47.15 -1.86
N ALA F 222 -7.27 47.39 -2.50
CA ALA F 222 -6.16 47.99 -1.78
C ALA F 222 -6.54 49.33 -1.17
N LEU F 223 -7.55 50.00 -1.75
CA LEU F 223 -7.98 51.30 -1.24
C LEU F 223 -8.61 51.18 0.15
N SER F 224 -9.49 50.21 0.34
CA SER F 224 -10.21 50.05 1.60
C SER F 224 -9.50 49.04 2.50
N LYS F 225 -9.91 49.03 3.77
CA LYS F 225 -9.34 48.07 4.72
C LYS F 225 -9.96 46.69 4.56
N LYS F 226 -11.00 46.57 3.75
CA LYS F 226 -11.65 45.27 3.54
C LYS F 226 -10.85 44.43 2.57
N GLN F 227 -10.96 43.12 2.73
CA GLN F 227 -10.28 42.17 1.85
C GLN F 227 -11.19 41.88 0.67
N ASN F 228 -10.59 41.81 -0.51
CA ASN F 228 -11.35 41.52 -1.71
C ASN F 228 -12.02 40.16 -1.58
N PRO F 229 -13.36 40.06 -1.64
CA PRO F 229 -14.00 38.75 -1.51
C PRO F 229 -13.73 37.83 -2.67
N TYR F 230 -13.42 38.38 -3.84
CA TYR F 230 -13.20 37.58 -5.05
C TYR F 230 -12.13 38.28 -5.87
N PRO F 231 -10.86 38.11 -5.49
CA PRO F 231 -9.80 38.94 -6.08
C PRO F 231 -9.59 38.63 -7.55
N PRO F 232 -8.80 39.44 -8.25
CA PRO F 232 -8.67 39.28 -9.72
C PRO F 232 -8.02 37.99 -10.14
N ARG F 233 -7.40 37.22 -9.24
CA ARG F 233 -6.83 35.95 -9.66
C ARG F 233 -7.90 35.04 -10.26
N PHE F 234 -9.15 35.21 -9.84
CA PHE F 234 -10.24 34.38 -10.35
C PHE F 234 -10.70 34.82 -11.74
N TYR F 235 -10.54 36.11 -12.08
CA TYR F 235 -10.77 36.53 -13.45
C TYR F 235 -9.75 35.89 -14.39
N TRP F 236 -8.49 35.88 -13.99
CA TRP F 236 -7.44 35.26 -14.79
C TRP F 236 -7.72 33.78 -15.02
N MET F 237 -8.06 33.04 -13.96
CA MET F 237 -8.28 31.61 -14.10
C MET F 237 -9.45 31.30 -15.03
N ALA F 238 -10.54 32.06 -14.89
CA ALA F 238 -11.71 31.82 -15.74
C ALA F 238 -11.38 32.04 -17.21
N MET F 239 -10.70 33.15 -17.51
CA MET F 239 -10.32 33.43 -18.89
C MET F 239 -9.42 32.32 -19.44
N ALA F 240 -8.42 31.92 -18.68
CA ALA F 240 -7.49 30.90 -19.15
C ALA F 240 -8.21 29.60 -19.48
N LYS F 241 -9.20 29.22 -18.67
CA LYS F 241 -9.92 27.98 -18.94
C LYS F 241 -10.68 28.05 -20.26
N ILE F 242 -11.19 29.23 -20.62
CA ILE F 242 -11.92 29.36 -21.87
C ILE F 242 -10.98 29.40 -23.07
N VAL F 243 -9.96 30.26 -23.01
CA VAL F 243 -9.08 30.44 -24.16
C VAL F 243 -8.24 29.19 -24.42
N ASN F 244 -7.89 28.43 -23.37
CA ASN F 244 -7.13 27.21 -23.56
C ASN F 244 -7.98 26.06 -24.08
N THR F 245 -9.26 26.30 -24.35
CA THR F 245 -10.11 25.25 -24.91
C THR F 245 -9.54 24.79 -26.25
N PRO F 246 -9.47 23.48 -26.51
CA PRO F 246 -9.01 23.02 -27.82
C PRO F 246 -9.99 23.44 -28.90
N PRO F 247 -9.49 23.81 -30.09
CA PRO F 247 -10.39 24.37 -31.11
C PRO F 247 -11.62 23.51 -31.40
N ALA F 248 -11.47 22.19 -31.41
CA ALA F 248 -12.57 21.31 -31.78
C ALA F 248 -13.74 21.44 -30.82
N GLU F 249 -13.49 21.84 -29.57
CA GLU F 249 -14.51 21.87 -28.53
C GLU F 249 -15.02 23.27 -28.24
N ILE F 250 -14.53 24.29 -28.95
CA ILE F 250 -14.99 25.64 -28.72
C ILE F 250 -16.45 25.76 -29.16
N SER F 251 -17.21 26.56 -28.44
CA SER F 251 -18.61 26.82 -28.75
C SER F 251 -18.84 28.31 -28.73
N ASN F 252 -19.93 28.75 -29.38
CA ASN F 252 -20.24 30.17 -29.39
C ASN F 252 -20.55 30.68 -27.98
N THR F 253 -21.13 29.83 -27.13
CA THR F 253 -21.38 30.21 -25.75
C THR F 253 -20.11 30.73 -25.09
N GLN F 254 -19.00 30.01 -25.28
CA GLN F 254 -17.73 30.46 -24.73
C GLN F 254 -17.34 31.82 -25.30
N CYS F 255 -17.52 32.01 -26.60
CA CYS F 255 -17.12 33.25 -27.24
C CYS F 255 -17.96 34.42 -26.75
N VAL F 256 -19.25 34.19 -26.49
CA VAL F 256 -20.11 35.27 -25.99
C VAL F 256 -19.67 35.68 -24.60
N VAL F 257 -19.44 34.70 -23.72
CA VAL F 257 -19.00 34.99 -22.37
C VAL F 257 -17.66 35.70 -22.40
N LEU F 258 -16.72 35.19 -23.21
CA LEU F 258 -15.40 35.81 -23.28
C LEU F 258 -15.49 37.26 -23.72
N LYS F 259 -16.35 37.55 -24.71
CA LYS F 259 -16.53 38.94 -25.12
C LYS F 259 -17.09 39.78 -23.99
N ALA F 260 -18.09 39.24 -23.28
CA ALA F 260 -18.69 39.98 -22.17
C ALA F 260 -17.71 40.18 -21.03
N MET F 261 -16.82 39.21 -20.81
CA MET F 261 -15.78 39.36 -19.79
C MET F 261 -14.86 40.52 -20.12
N VAL F 262 -14.54 40.70 -21.39
CA VAL F 262 -13.47 41.59 -21.81
C VAL F 262 -13.96 43.01 -22.07
N GLN F 263 -15.04 43.15 -22.83
CA GLN F 263 -15.46 44.48 -23.25
C GLN F 263 -15.73 45.37 -22.05
N ASN F 264 -15.00 46.48 -21.97
CA ASN F 264 -15.08 47.53 -20.96
C ASN F 264 -14.25 47.18 -19.72
N TYR F 265 -13.57 46.04 -19.70
CA TYR F 265 -12.75 45.65 -18.56
C TYR F 265 -11.29 45.49 -18.95
N GLU F 266 -10.89 45.90 -20.15
CA GLU F 266 -9.50 45.82 -20.55
C GLU F 266 -8.63 46.73 -19.70
N ALA F 267 -9.08 47.96 -19.46
CA ALA F 267 -8.31 48.90 -18.65
C ALA F 267 -8.04 48.32 -17.26
N LYS F 268 -9.09 47.86 -16.59
CA LYS F 268 -8.90 47.28 -15.25
C LYS F 268 -8.02 46.04 -15.32
N PHE F 269 -8.25 45.17 -16.29
CA PHE F 269 -7.43 43.97 -16.45
C PHE F 269 -5.95 44.33 -16.62
N ILE F 270 -5.66 45.40 -17.36
CA ILE F 270 -4.28 45.79 -17.57
C ILE F 270 -3.70 46.40 -16.30
N GLU F 271 -4.51 47.16 -15.55
CA GLU F 271 -4.02 47.71 -14.30
C GLU F 271 -3.54 46.61 -13.36
N PHE F 272 -4.25 45.48 -13.32
CA PHE F 272 -3.88 44.41 -12.40
C PHE F 272 -2.67 43.63 -12.89
N TYR F 273 -2.66 43.23 -14.17
CA TYR F 273 -1.65 42.31 -14.67
C TYR F 273 -0.74 42.92 -15.73
N GLY F 274 -0.89 44.20 -16.04
CA GLY F 274 0.03 44.89 -16.94
C GLY F 274 0.39 44.12 -18.19
N SER F 275 1.70 43.86 -18.37
CA SER F 275 2.15 43.19 -19.58
C SER F 275 1.55 41.79 -19.72
N ALA F 276 1.22 41.14 -18.60
CA ALA F 276 0.62 39.82 -18.68
C ALA F 276 -0.81 39.88 -19.21
N ALA F 277 -1.53 40.98 -18.91
CA ALA F 277 -2.87 41.14 -19.47
C ALA F 277 -2.81 41.31 -20.97
N ILE F 278 -1.82 42.06 -21.48
CA ILE F 278 -1.68 42.22 -22.92
C ILE F 278 -1.49 40.86 -23.57
N ALA F 279 -0.58 40.06 -23.02
CA ALA F 279 -0.36 38.71 -23.53
C ALA F 279 -1.64 37.90 -23.50
N ALA F 280 -2.44 38.06 -22.44
CA ALA F 280 -3.69 37.32 -22.32
C ALA F 280 -4.72 37.82 -23.33
N LEU F 281 -4.84 39.14 -23.49
CA LEU F 281 -5.78 39.68 -24.46
C LEU F 281 -5.43 39.27 -25.89
N ARG F 282 -4.13 39.14 -26.20
CA ARG F 282 -3.74 38.58 -27.49
C ARG F 282 -4.28 37.17 -27.65
N THR F 283 -4.20 36.35 -26.60
CA THR F 283 -4.73 34.99 -26.69
C THR F 283 -6.26 35.00 -26.85
N ALA F 284 -6.93 35.97 -26.21
CA ALA F 284 -8.39 35.99 -26.22
C ALA F 284 -8.98 36.69 -27.43
N LEU F 285 -8.30 37.74 -27.94
CA LEU F 285 -8.85 38.56 -29.00
C LEU F 285 -8.20 38.33 -30.35
N ILE F 286 -7.14 37.53 -30.43
CA ILE F 286 -6.48 37.24 -31.68
C ILE F 286 -6.43 35.73 -31.89
N ASP F 287 -5.66 35.04 -31.05
CA ASP F 287 -5.46 33.60 -31.24
C ASP F 287 -6.76 32.82 -31.08
N PHE F 288 -7.52 33.11 -30.02
CA PHE F 288 -8.72 32.32 -29.75
C PHE F 288 -9.77 32.43 -30.84
N PRO F 289 -10.21 33.62 -31.25
CA PRO F 289 -11.20 33.68 -32.34
C PRO F 289 -10.71 33.02 -33.62
N ALA F 290 -9.42 33.12 -33.92
CA ALA F 290 -8.88 32.44 -35.10
C ALA F 290 -9.03 30.93 -34.97
N ARG F 291 -8.95 30.41 -33.75
CA ARG F 291 -9.10 28.97 -33.54
C ARG F 291 -10.54 28.51 -33.67
N ALA F 292 -11.50 29.43 -33.56
CA ALA F 292 -12.90 29.03 -33.52
C ALA F 292 -13.31 28.36 -34.83
N PRO F 293 -14.13 27.30 -34.78
CA PRO F 293 -14.49 26.58 -36.02
C PRO F 293 -15.48 27.33 -36.89
N HIS F 294 -16.29 28.22 -36.33
CA HIS F 294 -17.32 28.92 -37.09
C HIS F 294 -17.36 30.38 -36.70
N LYS F 295 -17.58 31.24 -37.70
CA LYS F 295 -17.77 32.65 -37.44
C LYS F 295 -19.11 32.89 -36.78
N SER F 296 -19.20 34.02 -36.08
CA SER F 296 -20.43 34.45 -35.44
C SER F 296 -20.20 35.89 -35.00
N ALA F 297 -21.29 36.54 -34.56
CA ALA F 297 -21.16 37.90 -34.06
C ALA F 297 -20.20 37.97 -32.89
N ALA F 298 -20.16 36.92 -32.06
CA ALA F 298 -19.24 36.90 -30.93
C ALA F 298 -17.79 36.79 -31.40
N VAL F 299 -17.52 35.89 -32.33
CA VAL F 299 -16.16 35.76 -32.86
C VAL F 299 -15.75 37.06 -33.54
N ASN F 300 -16.63 37.64 -34.35
CA ASN F 300 -16.31 38.90 -35.02
C ASN F 300 -16.04 40.00 -34.01
N SER F 301 -16.91 40.12 -33.00
CA SER F 301 -16.75 41.17 -31.99
C SER F 301 -15.41 41.03 -31.28
N LEU F 302 -14.98 39.80 -31.00
CA LEU F 302 -13.68 39.59 -30.38
C LEU F 302 -12.56 40.17 -31.23
N GLU F 303 -12.58 39.87 -32.53
CA GLU F 303 -11.55 40.41 -33.43
C GLU F 303 -11.63 41.93 -33.51
N VAL F 304 -12.84 42.49 -33.47
CA VAL F 304 -12.97 43.95 -33.45
C VAL F 304 -12.37 44.52 -32.18
N LEU F 305 -12.62 43.86 -31.05
CA LEU F 305 -12.06 44.35 -29.79
C LEU F 305 -10.54 44.41 -29.86
N ALA F 306 -9.91 43.48 -30.58
CA ALA F 306 -8.47 43.55 -30.78
C ALA F 306 -8.09 44.88 -31.44
N GLN F 307 -8.87 45.32 -32.45
CA GLN F 307 -8.60 46.60 -33.08
C GLN F 307 -8.88 47.74 -32.10
N MET F 308 -9.99 47.67 -31.37
CA MET F 308 -10.31 48.72 -30.40
C MET F 308 -9.23 48.82 -29.33
N LEU F 309 -8.62 47.71 -28.95
CA LEU F 309 -7.56 47.78 -27.94
C LEU F 309 -6.35 48.51 -28.50
N LYS F 310 -6.08 48.35 -29.80
CA LYS F 310 -5.02 49.13 -30.43
C LYS F 310 -5.36 50.62 -30.42
N ARG F 311 -6.65 50.95 -30.62
CA ARG F 311 -7.07 52.35 -30.59
C ARG F 311 -6.85 52.98 -29.22
N ASP F 312 -7.32 52.33 -28.16
CA ASP F 312 -7.28 52.95 -26.85
C ASP F 312 -5.86 52.97 -26.30
N THR F 313 -5.14 51.86 -26.42
CA THR F 313 -3.81 51.75 -25.86
C THR F 313 -2.72 52.18 -26.83
N GLY F 314 -2.96 52.03 -28.14
CA GLY F 314 -1.91 52.28 -29.12
C GLY F 314 -0.81 51.25 -29.18
N LEU F 315 -1.03 50.06 -28.62
CA LEU F 315 0.07 49.11 -28.46
C LEU F 315 0.49 48.50 -29.79
N ASP F 316 -0.45 48.21 -30.67
CA ASP F 316 -0.15 47.59 -31.96
C ASP F 316 0.52 46.24 -31.75
N HIS G 3 35.97 -20.61 26.67
CA HIS G 3 36.30 -19.31 27.25
C HIS G 3 35.43 -19.01 28.47
N MET G 4 34.11 -19.09 28.28
CA MET G 4 33.09 -18.86 29.30
C MET G 4 32.95 -17.41 29.72
N ARG G 5 33.57 -16.46 29.00
CA ARG G 5 33.38 -15.06 29.35
C ARG G 5 31.92 -14.64 29.31
N TYR G 6 31.14 -15.24 28.40
CA TYR G 6 29.74 -14.86 28.26
C TYR G 6 29.01 -14.99 29.59
N VAL G 7 29.46 -15.89 30.46
CA VAL G 7 28.90 -15.99 31.80
C VAL G 7 29.36 -14.83 32.67
N GLU G 8 30.62 -14.40 32.53
CA GLU G 8 31.07 -13.23 33.27
C GLU G 8 30.20 -12.03 32.91
N ILE G 9 29.86 -11.91 31.62
CA ILE G 9 29.01 -10.81 31.16
C ILE G 9 27.60 -10.93 31.73
N HIS G 10 27.05 -12.15 31.78
CA HIS G 10 25.69 -12.33 32.26
C HIS G 10 25.54 -11.91 33.72
N ARG G 11 26.51 -12.27 34.57
CA ARG G 11 26.42 -11.88 35.97
C ARG G 11 26.65 -10.38 36.13
N ASN G 12 27.62 -9.83 35.40
CA ASN G 12 27.88 -8.40 35.47
C ASN G 12 26.69 -7.58 34.98
N LEU G 13 25.99 -8.07 33.96
CA LEU G 13 24.80 -7.36 33.50
C LEU G 13 23.70 -7.39 34.55
N LYS G 14 23.57 -8.49 35.28
CA LYS G 14 22.67 -8.52 36.42
C LYS G 14 23.13 -7.51 37.47
N GLY G 15 24.44 -7.44 37.70
CA GLY G 15 25.01 -6.44 38.59
C GLY G 15 24.87 -5.01 38.11
N LEU G 16 24.65 -4.82 36.81
CA LEU G 16 24.46 -3.45 36.30
C LEU G 16 23.13 -2.88 36.77
N ARG G 17 22.09 -3.72 36.87
CA ARG G 17 20.79 -3.25 37.36
C ARG G 17 20.89 -2.78 38.80
N LYS G 18 21.59 -3.53 39.65
CA LYS G 18 21.77 -3.09 41.03
C LYS G 18 22.44 -1.72 41.07
N TYR G 19 23.43 -1.51 40.21
CA TYR G 19 24.10 -0.22 40.17
C TYR G 19 23.16 0.89 39.74
N MET G 20 22.35 0.64 38.71
CA MET G 20 21.39 1.65 38.25
C MET G 20 20.25 1.85 39.25
N ALA G 21 19.86 0.79 39.97
CA ALA G 21 18.82 0.93 40.97
C ALA G 21 19.29 1.78 42.14
N GLU G 22 20.56 1.67 42.52
CA GLU G 22 21.10 2.51 43.58
C GLU G 22 21.18 3.97 43.15
N GLN G 23 21.71 4.22 41.94
CA GLN G 23 21.80 5.59 41.46
C GLN G 23 20.41 6.23 41.41
N ALA G 24 19.40 5.44 41.05
CA ALA G 24 18.04 5.97 40.94
C ALA G 24 17.53 6.49 42.28
N LYS G 25 18.05 5.98 43.39
CA LYS G 25 17.59 6.44 44.71
C LYS G 25 18.05 7.86 44.99
N THR G 26 19.37 8.10 44.91
CA THR G 26 19.87 9.45 45.14
C THR G 26 19.53 10.36 43.97
N ASN G 27 19.66 9.84 42.76
CA ASN G 27 19.43 10.62 41.55
C ASN G 27 17.99 10.37 41.10
N LEU G 28 17.12 11.34 41.37
CA LEU G 28 15.73 11.26 40.93
C LEU G 28 15.65 11.68 39.46
N LYS G 29 16.52 12.61 39.04
CA LYS G 29 16.62 12.96 37.64
C LYS G 29 16.84 11.72 36.81
N LEU G 30 17.53 10.74 37.38
CA LEU G 30 17.83 9.48 36.72
C LEU G 30 16.68 8.49 36.76
N LYS G 31 15.89 8.50 37.84
CA LYS G 31 14.89 7.44 38.04
C LYS G 31 13.69 7.57 37.10
N GLN G 32 13.02 8.72 37.11
CA GLN G 32 11.81 8.84 36.29
C GLN G 32 12.12 8.69 34.82
N ARG G 33 13.31 9.11 34.38
CA ARG G 33 13.61 9.03 32.95
C ARG G 33 14.17 7.66 32.60
N MET G 34 14.92 7.03 33.50
CA MET G 34 15.35 5.66 33.27
C MET G 34 14.12 4.75 33.13
N GLY G 35 13.13 4.95 34.00
CA GLY G 35 11.93 4.13 33.92
C GLY G 35 11.18 4.32 32.61
N ASP G 36 10.99 5.57 32.21
CA ASP G 36 10.34 5.83 30.93
C ASP G 36 11.22 5.37 29.78
N MET G 37 12.53 5.43 29.96
CA MET G 37 13.44 5.02 28.90
C MET G 37 13.39 3.51 28.72
N ARG G 38 13.34 2.77 29.83
CA ARG G 38 13.23 1.31 29.76
C ARG G 38 11.97 0.90 29.02
N ARG G 39 10.82 1.49 29.39
CA ARG G 39 9.55 1.09 28.82
C ARG G 39 9.42 1.52 27.36
N GLU G 40 9.94 2.70 27.02
CA GLU G 40 9.74 3.23 25.67
C GLU G 40 10.48 2.40 24.64
N ILE G 41 11.56 1.72 25.03
CA ILE G 41 12.27 0.82 24.13
C ILE G 41 11.53 -0.51 24.01
N ARG G 42 11.14 -1.10 25.14
CA ARG G 42 10.49 -2.41 25.11
C ARG G 42 9.27 -2.41 24.23
N LYS G 43 8.43 -1.38 24.30
CA LYS G 43 7.26 -1.35 23.43
C LYS G 43 7.66 -1.10 21.98
N SER G 44 8.62 -0.20 21.76
CA SER G 44 9.07 0.06 20.40
C SER G 44 9.61 -1.21 19.75
N VAL G 45 10.22 -2.09 20.55
CA VAL G 45 10.63 -3.38 20.05
C VAL G 45 9.42 -4.21 19.64
N GLY G 46 8.37 -4.19 20.47
CA GLY G 46 7.17 -4.95 20.14
C GLY G 46 6.53 -4.52 18.84
N GLN G 47 6.58 -3.23 18.53
CA GLN G 47 5.96 -2.68 17.34
C GLN G 47 6.68 -3.12 16.06
N LEU G 48 7.94 -3.52 16.20
CA LEU G 48 8.79 -3.87 15.06
C LEU G 48 8.15 -4.87 14.11
N THR G 49 7.31 -5.76 14.62
CA THR G 49 6.73 -6.81 13.77
C THR G 49 5.86 -6.25 12.65
N THR G 50 5.31 -5.05 12.80
CA THR G 50 4.46 -4.45 11.77
C THR G 50 5.25 -3.35 11.07
N GLY G 51 6.12 -3.76 10.15
CA GLY G 51 6.86 -2.81 9.35
C GLY G 51 6.05 -2.27 8.19
N GLY G 52 6.37 -1.04 7.78
CA GLY G 52 5.61 -0.37 6.74
C GLY G 52 6.41 -0.03 5.51
N MET G 53 6.25 -0.82 4.46
CA MET G 53 6.82 -0.52 3.14
C MET G 53 8.34 -0.53 3.16
N ALA G 54 8.92 -1.55 3.80
CA ALA G 54 10.38 -1.70 3.86
C ALA G 54 11.06 -0.44 4.37
N ALA G 55 10.34 0.33 5.19
CA ALA G 55 10.87 1.58 5.77
C ALA G 55 10.43 1.61 7.23
N ASN G 56 11.14 0.85 8.08
CA ASN G 56 10.80 0.79 9.50
C ASN G 56 11.45 1.91 10.30
N LYS G 57 11.40 3.16 9.83
CA LYS G 57 11.95 4.24 10.63
C LYS G 57 10.98 4.72 11.71
N ASP G 58 9.79 4.13 11.80
CA ASP G 58 8.83 4.52 12.82
C ASP G 58 9.19 4.02 14.21
N LYS G 59 10.02 2.98 14.32
CA LYS G 59 10.35 2.40 15.63
C LYS G 59 11.85 2.18 15.78
N GLN G 60 12.56 1.99 14.66
CA GLN G 60 14.01 1.86 14.73
C GLN G 60 14.68 3.17 15.11
N GLN G 61 14.21 4.28 14.55
CA GLN G 61 14.78 5.58 14.92
C GLN G 61 14.39 5.95 16.34
N LYS G 62 13.15 5.62 16.74
CA LYS G 62 12.74 5.89 18.11
C LYS G 62 13.66 5.21 19.10
N ILE G 63 14.14 3.99 18.79
CA ILE G 63 15.08 3.32 19.67
C ILE G 63 16.46 3.95 19.55
N LYS G 64 16.83 4.40 18.34
CA LYS G 64 18.11 5.07 18.16
C LYS G 64 18.15 6.40 18.92
N SER G 65 17.07 7.17 18.85
CA SER G 65 17.06 8.50 19.46
C SER G 65 17.19 8.41 20.97
N ILE G 66 16.58 7.40 21.58
CA ILE G 66 16.65 7.26 23.04
C ILE G 66 18.06 6.87 23.47
N LEU G 67 18.72 6.01 22.69
CA LEU G 67 20.07 5.59 23.04
C LEU G 67 21.07 6.72 22.87
N THR G 68 20.87 7.60 21.89
CA THR G 68 21.73 8.76 21.75
C THR G 68 21.64 9.66 22.98
N GLU G 69 20.45 9.77 23.58
CA GLU G 69 20.31 10.57 24.79
C GLU G 69 21.09 9.96 25.95
N ALA G 70 21.11 8.63 26.05
CA ALA G 70 21.85 7.98 27.12
C ALA G 70 23.34 8.15 26.94
N LEU G 71 23.80 8.33 25.70
CA LEU G 71 25.22 8.51 25.45
C LEU G 71 25.70 9.86 25.97
N SER G 72 24.87 10.89 25.81
CA SER G 72 25.20 12.21 26.35
C SER G 72 25.26 12.21 27.87
N ASN G 73 24.47 11.34 28.52
CA ASN G 73 24.51 11.16 29.96
C ASN G 73 23.99 12.41 30.70
N GLN G 74 22.91 12.99 30.16
CA GLN G 74 22.27 14.15 30.79
C GLN G 74 21.77 13.83 32.19
N VAL G 75 21.40 12.57 32.44
CA VAL G 75 20.89 12.17 33.76
C VAL G 75 22.00 11.97 34.78
N GLU G 76 23.25 12.24 34.41
CA GLU G 76 24.39 12.19 35.34
C GLU G 76 24.49 10.81 35.99
N SER G 77 24.57 9.79 35.14
CA SER G 77 24.77 8.42 35.59
C SER G 77 26.25 8.11 35.72
N ALA G 78 26.57 7.18 36.61
CA ALA G 78 27.96 6.78 36.81
C ALA G 78 28.52 6.14 35.54
N LEU G 79 29.85 6.19 35.43
CA LEU G 79 30.57 5.60 34.31
C LEU G 79 31.06 4.21 34.64
N VAL G 80 31.12 3.35 33.62
CA VAL G 80 31.51 1.96 33.78
C VAL G 80 32.54 1.60 32.73
N ASP G 81 33.29 0.51 32.99
CA ASP G 81 34.30 0.02 32.08
C ASP G 81 33.67 -0.98 31.10
N PRO G 82 33.56 -0.68 29.81
CA PRO G 82 32.93 -1.63 28.89
C PRO G 82 33.70 -2.93 28.69
N ASN G 83 34.98 -2.98 29.05
CA ASN G 83 35.75 -4.22 28.89
C ASN G 83 35.19 -5.36 29.73
N ASN G 84 34.41 -5.07 30.76
CA ASN G 84 33.75 -6.08 31.59
C ASN G 84 32.57 -6.75 30.91
N PHE G 85 32.18 -6.33 29.70
CA PHE G 85 31.01 -6.85 29.01
C PHE G 85 31.29 -7.21 27.55
N VAL G 86 32.54 -7.55 27.23
CA VAL G 86 32.91 -7.92 25.87
C VAL G 86 33.85 -9.12 25.90
N VAL G 87 33.80 -9.93 24.83
CA VAL G 87 34.63 -11.13 24.76
C VAL G 87 36.11 -10.74 24.73
N GLU G 88 36.48 -9.83 23.83
CA GLU G 88 37.86 -9.39 23.74
C GLU G 88 37.96 -7.99 24.29
N PRO G 89 38.79 -7.74 25.30
CA PRO G 89 39.06 -6.33 25.65
C PRO G 89 39.66 -5.66 24.44
N ARG G 90 39.05 -4.56 24.01
CA ARG G 90 39.47 -3.89 22.79
C ARG G 90 40.22 -2.62 23.15
N LYS G 91 41.28 -2.37 22.41
CA LYS G 91 42.12 -1.20 22.61
C LYS G 91 41.74 -0.11 21.61
N PRO G 92 42.13 1.13 21.88
CA PRO G 92 41.77 2.23 20.96
C PRO G 92 42.16 1.92 19.53
N VAL G 93 41.20 2.13 18.62
CA VAL G 93 41.36 1.84 17.20
C VAL G 93 41.54 3.16 16.46
N GLU G 94 42.43 3.17 15.48
CA GLU G 94 42.68 4.37 14.70
C GLU G 94 41.44 4.76 13.91
N GLY G 95 41.05 6.02 14.03
CA GLY G 95 39.90 6.55 13.33
C GLY G 95 38.56 6.22 13.94
N ALA G 96 38.53 5.55 15.10
CA ALA G 96 37.25 5.21 15.71
C ALA G 96 36.56 6.46 16.24
N THR G 97 35.23 6.39 16.30
CA THR G 97 34.42 7.52 16.73
C THR G 97 34.36 7.66 18.25
N ASN G 98 34.76 6.64 19.00
CA ASN G 98 34.67 6.70 20.46
C ASN G 98 35.67 5.68 21.02
N ASN G 99 36.81 6.19 21.49
CA ASN G 99 37.82 5.36 22.13
C ASN G 99 37.87 5.56 23.63
N ASP G 100 36.99 6.37 24.19
CA ASP G 100 37.02 6.65 25.62
C ASP G 100 36.92 5.34 26.41
N PRO G 101 37.68 5.21 27.50
CA PRO G 101 37.69 3.92 28.23
C PRO G 101 36.40 3.65 29.00
N LEU G 102 35.60 4.67 29.29
CA LEU G 102 34.37 4.50 30.06
C LEU G 102 33.17 5.00 29.27
N LEU G 103 32.00 4.53 29.67
CA LEU G 103 30.74 4.93 29.06
C LEU G 103 29.71 5.12 30.16
N PRO G 104 28.65 5.91 29.89
CA PRO G 104 27.59 6.08 30.89
C PRO G 104 26.90 4.76 31.21
N SER G 105 26.69 4.52 32.50
CA SER G 105 26.01 3.30 32.93
C SER G 105 24.58 3.22 32.41
N ILE G 106 23.95 4.36 32.10
CA ILE G 106 22.63 4.34 31.51
C ILE G 106 22.69 3.88 30.06
N PHE G 107 23.79 4.20 29.37
CA PHE G 107 23.93 3.79 27.97
C PHE G 107 24.12 2.29 27.88
N VAL G 108 25.10 1.76 28.62
CA VAL G 108 25.30 0.31 28.69
C VAL G 108 24.01 -0.36 29.16
N TYR G 109 23.29 0.27 30.06
CA TYR G 109 22.06 -0.32 30.60
C TYR G 109 20.96 -0.41 29.54
N LEU G 110 20.75 0.67 28.79
CA LEU G 110 19.70 0.65 27.79
C LEU G 110 20.05 -0.25 26.62
N ILE G 111 21.34 -0.42 26.33
CA ILE G 111 21.74 -1.45 25.38
C ILE G 111 21.31 -2.81 25.90
N ASN G 112 21.44 -3.04 27.20
CA ASN G 112 20.99 -4.29 27.79
C ASN G 112 19.48 -4.42 27.73
N ILE G 113 18.74 -3.30 27.81
CA ILE G 113 17.30 -3.36 27.65
C ILE G 113 16.94 -3.66 26.21
N PHE G 114 17.68 -3.08 25.27
CA PHE G 114 17.43 -3.34 23.85
C PHE G 114 17.68 -4.80 23.52
N ALA G 115 18.73 -5.40 24.08
CA ALA G 115 19.02 -6.81 23.85
C ALA G 115 18.02 -7.71 24.56
N LYS G 116 17.76 -7.43 25.84
CA LYS G 116 16.81 -8.24 26.60
C LYS G 116 15.42 -8.19 25.97
N ALA G 117 15.02 -7.02 25.47
CA ALA G 117 13.71 -6.89 24.86
C ALA G 117 13.62 -7.74 23.60
N ALA G 118 14.70 -7.81 22.83
CA ALA G 118 14.70 -8.60 21.60
C ALA G 118 14.66 -10.10 21.90
N ILE G 119 15.39 -10.54 22.92
CA ILE G 119 15.39 -11.95 23.29
C ILE G 119 13.97 -12.38 23.68
N SER G 120 13.29 -11.56 24.48
CA SER G 120 11.95 -11.92 24.93
C SER G 120 10.96 -12.00 23.78
N GLN G 121 11.12 -11.14 22.77
CA GLN G 121 10.23 -11.19 21.61
C GLN G 121 10.39 -12.52 20.87
N PHE G 122 11.63 -13.01 20.73
CA PHE G 122 11.86 -14.30 20.12
C PHE G 122 11.10 -15.40 20.84
N ILE G 123 11.13 -15.37 22.18
CA ILE G 123 10.47 -16.39 22.97
C ILE G 123 8.96 -16.26 22.87
N ASN G 124 8.43 -15.05 23.07
CA ASN G 124 7.01 -14.88 23.28
C ASN G 124 6.24 -14.84 21.96
N GLU G 125 6.81 -14.27 20.90
CA GLU G 125 6.10 -14.16 19.63
C GLU G 125 6.64 -15.10 18.56
N ALA G 126 7.96 -15.12 18.35
CA ALA G 126 8.53 -15.97 17.32
C ALA G 126 8.43 -17.45 17.64
N GLY G 127 8.17 -17.82 18.89
CA GLY G 127 7.99 -19.23 19.21
C GLY G 127 6.78 -19.82 18.54
N ALA G 128 5.71 -19.04 18.39
CA ALA G 128 4.53 -19.49 17.67
C ALA G 128 4.56 -19.10 16.19
N ARG G 129 5.30 -18.04 15.86
CA ARG G 129 5.39 -17.53 14.49
C ARG G 129 6.82 -17.12 14.18
N PRO G 130 7.65 -18.06 13.72
CA PRO G 130 9.06 -17.74 13.44
C PRO G 130 9.24 -16.62 12.43
N GLU G 131 8.21 -16.26 11.67
CA GLU G 131 8.35 -15.20 10.67
C GLU G 131 8.67 -13.86 11.33
N THR G 132 8.25 -13.67 12.57
CA THR G 132 8.42 -12.40 13.26
C THR G 132 9.84 -12.15 13.75
N ALA G 133 10.75 -13.13 13.58
CA ALA G 133 12.11 -12.96 14.08
C ALA G 133 12.96 -12.06 13.20
N ASP G 134 12.71 -12.04 11.89
CA ASP G 134 13.55 -11.25 10.99
C ASP G 134 13.47 -9.76 11.28
N PRO G 135 12.30 -9.14 11.42
CA PRO G 135 12.27 -7.69 11.70
C PRO G 135 13.06 -7.29 12.94
N VAL G 136 13.06 -8.14 13.97
CA VAL G 136 13.88 -7.84 15.15
C VAL G 136 15.36 -7.84 14.78
N GLY G 137 15.80 -8.89 14.07
CA GLY G 137 17.20 -8.95 13.66
C GLY G 137 17.61 -7.75 12.84
N ILE G 138 16.72 -7.25 11.98
CA ILE G 138 17.02 -6.05 11.21
C ILE G 138 17.31 -4.88 12.14
N CYS G 139 16.49 -4.71 13.17
CA CYS G 139 16.69 -3.60 14.09
C CYS G 139 17.97 -3.78 14.91
N VAL G 140 18.20 -5.00 15.41
CA VAL G 140 19.39 -5.27 16.20
C VAL G 140 20.65 -4.94 15.41
N ALA G 141 20.75 -5.45 14.18
CA ALA G 141 21.94 -5.23 13.39
C ALA G 141 22.06 -3.77 12.97
N ALA G 142 20.94 -3.13 12.67
CA ALA G 142 20.95 -1.74 12.25
C ALA G 142 21.41 -0.82 13.38
N ILE G 143 20.86 -1.01 14.58
CA ILE G 143 21.14 -0.09 15.68
C ILE G 143 22.57 -0.25 16.18
N LEU G 144 22.93 -1.47 16.59
CA LEU G 144 24.23 -1.69 17.21
C LEU G 144 25.38 -1.39 16.25
N SER G 145 25.11 -1.33 14.96
CA SER G 145 26.12 -1.00 13.97
C SER G 145 26.15 0.49 13.61
N GLU G 146 25.22 1.29 14.13
CA GLU G 146 25.24 2.72 13.88
C GLU G 146 26.56 3.31 14.40
N PRO G 147 27.19 4.22 13.65
CA PRO G 147 28.46 4.78 14.13
C PRO G 147 28.37 5.40 15.51
N ASP G 148 27.25 6.03 15.86
CA ASP G 148 27.12 6.68 17.15
C ASP G 148 27.35 5.72 18.31
N PHE G 149 27.07 4.43 18.12
CA PHE G 149 27.06 3.47 19.21
C PHE G 149 28.24 2.51 19.17
N LEU G 150 29.21 2.73 18.29
CA LEU G 150 30.39 1.87 18.21
C LEU G 150 31.43 2.29 19.24
N TRP G 151 31.79 1.35 20.12
CA TRP G 151 32.85 1.57 21.11
C TRP G 151 34.14 0.92 20.64
N ARG G 152 35.10 1.75 20.22
CA ARG G 152 36.43 1.30 19.82
C ARG G 152 36.39 0.43 18.57
N GLY G 153 35.58 0.83 17.59
CA GLY G 153 35.55 0.22 16.28
C GLY G 153 34.68 -1.00 16.13
N ALA G 154 34.15 -1.53 17.23
CA ALA G 154 33.30 -2.72 17.18
C ALA G 154 32.11 -2.51 18.11
N SER G 155 31.01 -3.19 17.80
CA SER G 155 29.78 -2.98 18.54
C SER G 155 29.78 -3.77 19.85
N LEU G 156 28.82 -3.44 20.71
CA LEU G 156 28.62 -4.12 21.98
C LEU G 156 27.78 -5.39 21.81
N ILE G 157 27.86 -6.03 20.64
CA ILE G 157 26.99 -7.16 20.31
C ILE G 157 27.14 -8.29 21.33
N ASP G 158 28.33 -8.45 21.92
CA ASP G 158 28.56 -9.54 22.86
C ASP G 158 27.59 -9.51 24.03
N ILE G 159 26.95 -8.36 24.29
CA ILE G 159 25.93 -8.31 25.32
C ILE G 159 24.74 -9.17 24.95
N LEU G 160 24.42 -9.26 23.66
CA LEU G 160 23.29 -10.07 23.22
C LEU G 160 23.63 -11.55 23.20
N ILE G 161 24.81 -11.91 22.69
CA ILE G 161 25.20 -13.32 22.64
C ILE G 161 25.24 -13.91 24.04
N ALA G 162 25.57 -13.11 25.05
CA ALA G 162 25.64 -13.64 26.41
C ALA G 162 24.30 -14.20 26.86
N LYS G 163 23.19 -13.65 26.35
CA LYS G 163 21.88 -14.18 26.73
C LYS G 163 21.51 -15.41 25.90
N PHE G 164 21.82 -15.40 24.60
CA PHE G 164 21.61 -16.61 23.81
C PHE G 164 22.30 -17.81 24.43
N ARG G 165 23.46 -17.59 25.05
CA ARG G 165 24.22 -18.69 25.64
C ARG G 165 23.53 -19.28 26.86
N ILE G 166 22.80 -18.46 27.62
CA ILE G 166 22.12 -18.96 28.81
C ILE G 166 20.83 -19.67 28.44
N VAL G 167 20.03 -19.08 27.56
CA VAL G 167 18.69 -19.61 27.28
C VAL G 167 18.67 -20.59 26.13
N CYS G 168 19.75 -20.69 25.36
CA CYS G 168 19.82 -21.62 24.22
C CYS G 168 21.27 -22.09 24.07
N PRO G 169 21.77 -22.84 25.05
CA PRO G 169 23.17 -23.29 24.98
C PRO G 169 23.48 -24.16 23.78
N VAL G 170 22.47 -24.78 23.16
CA VAL G 170 22.73 -25.72 22.06
C VAL G 170 23.40 -24.99 20.89
N LEU G 171 23.10 -23.70 20.71
CA LEU G 171 23.74 -22.93 19.66
C LEU G 171 25.25 -22.85 19.84
N PHE G 172 25.75 -23.14 21.05
CA PHE G 172 27.17 -22.99 21.36
C PHE G 172 27.85 -24.31 21.67
N GLY G 173 27.29 -25.43 21.19
CA GLY G 173 27.95 -26.71 21.27
C GLY G 173 27.60 -27.59 22.45
N TYR G 174 26.74 -27.12 23.36
CA TYR G 174 26.39 -27.87 24.55
C TYR G 174 25.33 -28.94 24.25
N ARG G 175 25.43 -30.05 24.96
CA ARG G 175 24.49 -31.16 24.79
C ARG G 175 23.89 -31.54 26.13
N GLY G 176 22.96 -32.48 26.08
CA GLY G 176 22.32 -32.97 27.28
C GLY G 176 21.10 -33.84 27.01
N SER G 177 20.69 -34.57 28.04
CA SER G 177 19.51 -35.43 27.98
C SER G 177 18.35 -34.76 28.68
N GLU G 178 17.18 -34.74 28.02
CA GLU G 178 15.99 -34.16 28.61
C GLU G 178 15.44 -34.99 29.77
N LYS G 179 15.97 -36.18 30.01
CA LYS G 179 15.45 -37.07 31.05
C LYS G 179 16.11 -36.85 32.40
N THR G 180 17.34 -36.38 32.43
CA THR G 180 18.07 -36.18 33.68
C THR G 180 17.97 -34.73 34.12
N GLU G 181 18.17 -34.52 35.43
CA GLU G 181 18.12 -33.17 35.97
C GLU G 181 19.35 -32.37 35.52
N GLN G 182 20.50 -33.03 35.41
CA GLN G 182 21.71 -32.37 34.94
C GLN G 182 21.61 -31.97 33.47
N GLY G 183 20.88 -32.75 32.66
CA GLY G 183 20.79 -32.47 31.23
C GLY G 183 19.85 -31.36 30.88
N ARG G 184 18.65 -31.34 31.48
CA ARG G 184 17.73 -30.23 31.24
C ARG G 184 18.36 -28.92 31.68
N GLN G 185 19.21 -28.96 32.72
CA GLN G 185 19.94 -27.79 33.15
C GLN G 185 20.88 -27.30 32.05
N ARG G 186 21.69 -28.20 31.50
CA ARG G 186 22.67 -27.83 30.49
C ARG G 186 22.03 -27.42 29.16
N LEU G 187 20.79 -27.83 28.91
CA LEU G 187 20.10 -27.51 27.66
C LEU G 187 19.36 -26.19 27.71
N GLY G 188 19.40 -25.48 28.83
CA GLY G 188 18.66 -24.25 28.96
C GLY G 188 17.19 -24.45 29.20
N TRP G 189 16.79 -25.63 29.67
CA TRP G 189 15.40 -25.87 30.03
C TRP G 189 14.99 -24.96 31.16
N TRP G 190 13.99 -24.12 30.91
CA TRP G 190 13.59 -23.08 31.83
C TRP G 190 12.78 -23.69 32.98
N LYS G 191 12.62 -22.90 34.04
CA LYS G 191 11.93 -23.34 35.25
C LYS G 191 10.89 -22.32 35.66
N GLU G 192 9.62 -22.75 35.70
CA GLU G 192 8.51 -21.95 36.18
C GLU G 192 8.68 -21.57 37.66
N SER G 193 8.51 -22.54 38.55
CA SER G 193 8.64 -22.33 39.99
C SER G 193 9.48 -23.45 40.59
N GLY G 194 10.70 -23.59 40.09
CA GLY G 194 11.66 -24.54 40.62
C GLY G 194 11.74 -25.84 39.85
N GLN G 195 10.62 -26.38 39.36
CA GLN G 195 10.66 -27.60 38.57
C GLN G 195 10.43 -27.25 37.11
N TRP G 196 10.88 -28.15 36.24
CA TRP G 196 10.95 -27.89 34.80
C TRP G 196 9.62 -27.47 34.21
N ILE G 197 9.70 -26.63 33.17
CA ILE G 197 8.54 -26.18 32.40
C ILE G 197 8.00 -27.34 31.59
N SER G 198 6.79 -27.19 31.04
CA SER G 198 6.22 -28.23 30.20
C SER G 198 7.03 -28.39 28.92
N GLU G 199 6.97 -29.59 28.35
CA GLU G 199 7.74 -29.89 27.15
C GLU G 199 7.23 -29.10 25.93
N GLN G 200 5.94 -28.78 25.90
CA GLN G 200 5.40 -28.03 24.76
C GLN G 200 5.89 -26.59 24.75
N GLN G 201 5.92 -25.95 25.91
CA GLN G 201 6.41 -24.57 25.99
C GLN G 201 7.91 -24.49 25.75
N HIS G 202 8.65 -25.52 26.15
CA HIS G 202 10.10 -25.52 25.91
C HIS G 202 10.40 -25.52 24.41
N MET G 203 9.83 -26.47 23.67
CA MET G 203 10.12 -26.56 22.24
C MET G 203 9.72 -25.28 21.51
N ASP G 204 8.67 -24.60 21.99
CA ASP G 204 8.30 -23.32 21.40
C ASP G 204 9.35 -22.27 21.70
N ARG G 205 9.85 -22.24 22.93
CA ARG G 205 10.98 -21.37 23.26
C ARG G 205 12.15 -21.64 22.34
N MET G 206 12.55 -22.91 22.20
CA MET G 206 13.67 -23.24 21.34
C MET G 206 13.42 -22.83 19.90
N THR G 207 12.17 -22.90 19.45
CA THR G 207 11.85 -22.53 18.08
C THR G 207 12.09 -21.05 17.85
N GLY G 208 11.59 -20.21 18.76
CA GLY G 208 11.76 -18.78 18.60
C GLY G 208 13.20 -18.34 18.70
N LEU G 209 13.95 -18.92 19.64
CA LEU G 209 15.36 -18.56 19.81
C LEU G 209 16.19 -19.02 18.62
N GLY G 210 15.88 -20.20 18.07
CA GLY G 210 16.57 -20.64 16.88
C GLY G 210 16.36 -19.72 15.70
N ALA G 211 15.11 -19.26 15.50
CA ALA G 211 14.83 -18.32 14.44
C ALA G 211 15.45 -16.96 14.72
N GLY G 212 15.50 -16.55 15.99
CA GLY G 212 16.14 -15.30 16.35
C GLY G 212 17.63 -15.31 16.08
N PHE G 213 18.30 -16.41 16.41
CA PHE G 213 19.73 -16.52 16.16
C PHE G 213 20.04 -16.35 14.68
N ALA G 214 19.26 -17.00 13.81
CA ALA G 214 19.45 -16.85 12.37
C ALA G 214 19.18 -15.41 11.93
N ALA G 215 18.23 -14.73 12.59
CA ALA G 215 17.90 -13.37 12.19
C ALA G 215 19.07 -12.43 12.42
N ILE G 216 19.85 -12.65 13.47
CA ILE G 216 20.98 -11.77 13.77
C ILE G 216 22.26 -12.22 13.06
N SER G 217 22.40 -13.51 12.78
CA SER G 217 23.62 -14.01 12.17
C SER G 217 23.54 -14.09 10.66
N LEU G 218 22.35 -13.90 10.08
CA LEU G 218 22.20 -13.99 8.63
C LEU G 218 21.78 -12.66 8.01
N ARG G 219 22.06 -11.55 8.68
CA ARG G 219 21.88 -10.25 8.07
C ARG G 219 23.12 -9.95 7.27
N LYS G 220 22.95 -9.33 6.11
CA LYS G 220 24.10 -9.00 5.29
C LYS G 220 24.31 -7.49 5.34
N PHE G 221 25.48 -7.10 5.82
CA PHE G 221 25.87 -5.70 5.90
C PHE G 221 26.95 -5.37 4.87
N ALA G 222 27.34 -6.36 4.06
CA ALA G 222 28.27 -6.13 2.97
C ALA G 222 27.75 -5.05 2.01
N LEU G 223 26.44 -4.80 2.02
CA LEU G 223 25.86 -3.77 1.16
C LEU G 223 26.39 -2.38 1.52
N SER G 224 26.19 -1.97 2.77
CA SER G 224 26.55 -0.64 3.24
C SER G 224 27.93 -0.66 3.93
N LYS G 225 28.40 0.54 4.26
CA LYS G 225 29.70 0.71 4.91
C LYS G 225 29.71 0.28 6.37
N LYS G 226 28.56 -0.06 6.95
CA LYS G 226 28.53 -0.54 8.32
C LYS G 226 28.95 -2.00 8.31
N GLN G 227 29.71 -2.41 9.33
CA GLN G 227 30.20 -3.78 9.43
C GLN G 227 29.22 -4.66 10.21
N ASN G 228 29.01 -5.87 9.71
CA ASN G 228 28.13 -6.80 10.38
C ASN G 228 28.70 -7.11 11.77
N PRO G 229 28.00 -6.78 12.86
CA PRO G 229 28.55 -7.06 14.19
C PRO G 229 28.60 -8.54 14.51
N TYR G 230 27.82 -9.36 13.83
CA TYR G 230 27.78 -10.81 14.06
C TYR G 230 27.64 -11.46 12.69
N PRO G 231 28.73 -11.52 11.93
CA PRO G 231 28.65 -11.95 10.54
C PRO G 231 28.29 -13.42 10.42
N PRO G 232 28.00 -13.90 9.21
CA PRO G 232 27.50 -15.27 9.06
C PRO G 232 28.49 -16.36 9.45
N ARG G 233 29.76 -16.03 9.69
CA ARG G 233 30.70 -17.07 10.13
C ARG G 233 30.24 -17.73 11.41
N PHE G 234 29.51 -16.99 12.26
CA PHE G 234 29.03 -17.54 13.52
C PHE G 234 27.83 -18.45 13.32
N TYR G 235 27.02 -18.21 12.29
CA TYR G 235 25.95 -19.14 11.95
C TYR G 235 26.52 -20.48 11.49
N TRP G 236 27.54 -20.45 10.63
CA TRP G 236 28.18 -21.69 10.21
C TRP G 236 28.70 -22.46 11.42
N MET G 237 29.40 -21.76 12.32
CA MET G 237 29.93 -22.43 13.50
C MET G 237 28.80 -22.95 14.38
N ALA G 238 27.75 -22.16 14.57
CA ALA G 238 26.65 -22.60 15.42
C ALA G 238 25.99 -23.85 14.83
N MET G 239 25.71 -23.83 13.53
CA MET G 239 25.14 -25.01 12.89
C MET G 239 26.08 -26.20 13.01
N ALA G 240 27.37 -25.97 12.72
CA ALA G 240 28.34 -27.04 12.77
C ALA G 240 28.37 -27.69 14.15
N LYS G 241 28.20 -26.88 15.19
CA LYS G 241 28.18 -27.40 16.55
C LYS G 241 26.99 -28.33 16.78
N ILE G 242 25.85 -28.03 16.16
CA ILE G 242 24.67 -28.88 16.35
C ILE G 242 24.81 -30.15 15.54
N VAL G 243 25.05 -30.02 14.22
CA VAL G 243 25.35 -31.21 13.44
C VAL G 243 26.70 -31.74 13.89
N ASN G 244 26.99 -32.97 13.50
CA ASN G 244 28.21 -33.68 13.85
C ASN G 244 28.07 -34.22 15.28
N THR G 245 26.95 -33.94 15.95
CA THR G 245 26.72 -34.49 17.27
C THR G 245 26.62 -36.01 17.15
N PRO G 246 27.27 -36.76 18.02
CA PRO G 246 27.15 -38.22 17.95
C PRO G 246 25.72 -38.65 18.25
N PRO G 247 25.21 -39.67 17.57
CA PRO G 247 23.79 -40.04 17.75
C PRO G 247 23.39 -40.24 19.21
N ALA G 248 24.28 -40.79 20.04
CA ALA G 248 23.92 -41.12 21.42
C ALA G 248 23.54 -39.89 22.23
N GLU G 249 24.08 -38.72 21.90
CA GLU G 249 23.88 -37.52 22.70
C GLU G 249 22.90 -36.54 22.08
N ILE G 250 22.33 -36.86 20.91
CA ILE G 250 21.39 -35.95 20.27
C ILE G 250 20.13 -35.84 21.13
N SER G 251 19.53 -34.64 21.11
CA SER G 251 18.32 -34.37 21.87
C SER G 251 17.29 -33.69 20.98
N ASN G 252 16.04 -33.75 21.39
CA ASN G 252 14.96 -33.12 20.64
C ASN G 252 15.10 -31.61 20.60
N THR G 253 15.60 -31.00 21.68
CA THR G 253 15.82 -29.56 21.68
C THR G 253 16.68 -29.12 20.51
N GLN G 254 17.77 -29.86 20.25
CA GLN G 254 18.66 -29.50 19.15
C GLN G 254 17.92 -29.52 17.82
N CYS G 255 17.10 -30.54 17.59
CA CYS G 255 16.39 -30.65 16.32
C CYS G 255 15.42 -29.49 16.14
N VAL G 256 14.80 -29.03 17.23
CA VAL G 256 13.87 -27.91 17.14
C VAL G 256 14.61 -26.63 16.80
N VAL G 257 15.71 -26.36 17.50
CA VAL G 257 16.50 -25.16 17.22
C VAL G 257 17.05 -25.22 15.80
N LEU G 258 17.59 -26.37 15.41
CA LEU G 258 18.14 -26.51 14.07
C LEU G 258 17.07 -26.25 13.02
N LYS G 259 15.86 -26.74 13.25
CA LYS G 259 14.78 -26.52 12.30
C LYS G 259 14.45 -25.03 12.18
N ALA G 260 14.35 -24.34 13.32
CA ALA G 260 14.06 -22.91 13.30
C ALA G 260 15.19 -22.12 12.64
N MET G 261 16.43 -22.60 12.77
CA MET G 261 17.56 -21.93 12.13
C MET G 261 17.41 -21.92 10.61
N VAL G 262 16.87 -22.99 10.04
CA VAL G 262 16.88 -23.18 8.59
C VAL G 262 15.63 -22.61 7.94
N GLN G 263 14.46 -22.94 8.48
CA GLN G 263 13.20 -22.59 7.84
C GLN G 263 13.10 -21.07 7.66
N ASN G 264 12.97 -20.65 6.40
CA ASN G 264 12.84 -19.27 5.93
C ASN G 264 14.20 -18.59 5.79
N TYR G 265 15.30 -19.27 6.12
CA TYR G 265 16.64 -18.71 6.01
C TYR G 265 17.51 -19.50 5.05
N GLU G 266 16.91 -20.42 4.30
CA GLU G 266 17.68 -21.23 3.34
C GLU G 266 18.24 -20.35 2.24
N ALA G 267 17.43 -19.44 1.70
CA ALA G 267 17.93 -18.59 0.63
C ALA G 267 19.17 -17.83 1.10
N LYS G 268 19.04 -17.07 2.19
CA LYS G 268 20.16 -16.28 2.69
C LYS G 268 21.35 -17.15 3.05
N PHE G 269 21.10 -18.28 3.70
CA PHE G 269 22.20 -19.20 4.00
C PHE G 269 22.93 -19.60 2.72
N ILE G 270 22.18 -19.81 1.64
CA ILE G 270 22.80 -20.13 0.36
C ILE G 270 23.43 -18.90 -0.27
N GLU G 271 22.82 -17.72 -0.06
CA GLU G 271 23.38 -16.49 -0.61
C GLU G 271 24.82 -16.28 -0.16
N PHE G 272 25.11 -16.59 1.10
CA PHE G 272 26.45 -16.36 1.63
C PHE G 272 27.44 -17.44 1.20
N TYR G 273 27.06 -18.70 1.37
CA TYR G 273 27.98 -19.82 1.21
C TYR G 273 27.67 -20.72 0.03
N GLY G 274 26.64 -20.42 -0.75
CA GLY G 274 26.33 -21.14 -1.96
C GLY G 274 26.42 -22.66 -1.85
N SER G 275 27.29 -23.26 -2.65
CA SER G 275 27.38 -24.72 -2.69
C SER G 275 27.76 -25.31 -1.35
N ALA G 276 28.44 -24.55 -0.50
CA ALA G 276 28.78 -25.06 0.83
C ALA G 276 27.54 -25.16 1.71
N ALA G 277 26.55 -24.30 1.48
CA ALA G 277 25.30 -24.40 2.22
C ALA G 277 24.57 -25.69 1.89
N ILE G 278 24.63 -26.12 0.62
CA ILE G 278 23.97 -27.37 0.22
C ILE G 278 24.53 -28.54 1.02
N ALA G 279 25.85 -28.64 1.10
CA ALA G 279 26.46 -29.73 1.87
C ALA G 279 26.01 -29.70 3.32
N ALA G 280 25.90 -28.51 3.90
CA ALA G 280 25.47 -28.40 5.29
C ALA G 280 23.99 -28.73 5.42
N LEU G 281 23.17 -28.20 4.52
CA LEU G 281 21.74 -28.52 4.54
C LEU G 281 21.50 -30.00 4.29
N ARG G 282 22.32 -30.62 3.43
CA ARG G 282 22.24 -32.06 3.24
C ARG G 282 22.47 -32.79 4.56
N THR G 283 23.50 -32.37 5.30
CA THR G 283 23.79 -32.97 6.60
C THR G 283 22.72 -32.65 7.62
N ALA G 284 22.14 -31.44 7.55
CA ALA G 284 21.21 -31.01 8.59
C ALA G 284 19.78 -31.51 8.36
N LEU G 285 19.36 -31.65 7.11
CA LEU G 285 17.98 -32.01 6.80
C LEU G 285 17.81 -33.44 6.32
N ILE G 286 18.90 -34.16 6.07
CA ILE G 286 18.82 -35.54 5.62
C ILE G 286 19.66 -36.42 6.55
N ASP G 287 20.97 -36.22 6.55
CA ASP G 287 21.86 -37.08 7.33
C ASP G 287 21.58 -36.96 8.82
N PHE G 288 21.45 -35.73 9.32
CA PHE G 288 21.29 -35.53 10.76
C PHE G 288 20.01 -36.16 11.30
N PRO G 289 18.83 -35.89 10.73
CA PRO G 289 17.63 -36.58 11.23
C PRO G 289 17.78 -38.09 11.17
N ALA G 290 18.43 -38.60 10.12
CA ALA G 290 18.68 -40.04 10.03
C ALA G 290 19.61 -40.51 11.13
N ARG G 291 20.56 -39.67 11.56
CA ARG G 291 21.44 -40.06 12.66
C ARG G 291 20.74 -40.04 14.01
N ALA G 292 19.59 -39.38 14.12
CA ALA G 292 18.96 -39.26 15.42
C ALA G 292 18.61 -40.64 15.98
N PRO G 293 18.82 -40.88 17.27
CA PRO G 293 18.55 -42.22 17.82
C PRO G 293 17.08 -42.53 18.00
N HIS G 294 16.23 -41.51 18.14
CA HIS G 294 14.81 -41.70 18.39
C HIS G 294 14.02 -40.72 17.53
N LYS G 295 12.93 -41.21 16.95
CA LYS G 295 12.05 -40.38 16.14
C LYS G 295 11.24 -39.44 17.04
N SER G 296 10.78 -38.34 16.43
CA SER G 296 9.94 -37.38 17.13
C SER G 296 9.39 -36.39 16.10
N ALA G 297 8.45 -35.56 16.55
CA ALA G 297 7.89 -34.53 15.68
C ALA G 297 8.97 -33.58 15.18
N ALA G 298 9.99 -33.32 16.00
CA ALA G 298 11.08 -32.45 15.58
C ALA G 298 11.91 -33.11 14.48
N VAL G 299 12.25 -34.39 14.66
CA VAL G 299 13.02 -35.11 13.66
C VAL G 299 12.28 -35.14 12.33
N ASN G 300 10.99 -35.45 12.37
CA ASN G 300 10.20 -35.50 11.14
C ASN G 300 10.19 -34.15 10.44
N SER G 301 9.99 -33.08 11.22
CA SER G 301 9.92 -31.74 10.63
C SER G 301 11.17 -31.43 9.83
N LEU G 302 12.33 -31.86 10.32
CA LEU G 302 13.57 -31.66 9.57
C LEU G 302 13.50 -32.34 8.21
N GLU G 303 13.10 -33.62 8.20
CA GLU G 303 12.98 -34.35 6.95
C GLU G 303 11.91 -33.75 6.05
N VAL G 304 10.81 -33.26 6.64
CA VAL G 304 9.76 -32.62 5.86
C VAL G 304 10.29 -31.36 5.19
N LEU G 305 11.10 -30.57 5.92
CA LEU G 305 11.63 -29.35 5.33
C LEU G 305 12.43 -29.62 4.07
N ALA G 306 13.16 -30.75 4.05
CA ALA G 306 13.91 -31.11 2.86
C ALA G 306 12.99 -31.26 1.64
N GLN G 307 11.83 -31.90 1.83
CA GLN G 307 10.93 -32.10 0.70
C GLN G 307 10.35 -30.77 0.20
N MET G 308 9.84 -29.95 1.11
CA MET G 308 9.34 -28.64 0.69
C MET G 308 10.45 -27.78 0.12
N LEU G 309 11.68 -27.94 0.64
CA LEU G 309 12.80 -27.19 0.07
C LEU G 309 13.04 -27.64 -1.36
N LYS G 310 12.79 -28.92 -1.64
CA LYS G 310 12.83 -29.43 -3.01
C LYS G 310 11.78 -28.80 -3.89
N ARG G 311 10.59 -28.54 -3.34
CA ARG G 311 9.52 -27.92 -4.13
C ARG G 311 9.89 -26.51 -4.56
N ASP G 312 10.39 -25.68 -3.64
CA ASP G 312 10.68 -24.30 -3.97
C ASP G 312 11.95 -24.16 -4.80
N THR G 313 13.04 -24.81 -4.36
CA THR G 313 14.34 -24.66 -4.99
C THR G 313 14.82 -25.88 -5.77
N GLY G 314 14.32 -27.08 -5.47
CA GLY G 314 14.90 -28.30 -5.98
C GLY G 314 16.13 -28.68 -5.17
N LEU G 315 16.16 -29.94 -4.72
CA LEU G 315 17.08 -30.36 -3.68
C LEU G 315 17.67 -31.72 -4.04
N ASP G 316 18.81 -32.03 -3.43
CA ASP G 316 19.48 -33.31 -3.63
C ASP G 316 19.86 -33.92 -2.29
N HIS H 3 28.75 -25.06 -29.49
CA HIS H 3 27.38 -24.83 -29.05
C HIS H 3 27.35 -24.33 -27.61
N MET H 4 28.18 -23.34 -27.30
CA MET H 4 28.20 -22.81 -25.95
C MET H 4 27.03 -21.87 -25.67
N ARG H 5 26.43 -21.28 -26.71
CA ARG H 5 25.29 -20.38 -26.49
C ARG H 5 24.14 -21.09 -25.81
N TYR H 6 23.88 -22.34 -26.18
CA TYR H 6 22.79 -23.08 -25.55
C TYR H 6 23.02 -23.25 -24.05
N VAL H 7 24.28 -23.28 -23.62
CA VAL H 7 24.58 -23.36 -22.19
C VAL H 7 24.34 -22.01 -21.54
N GLU H 8 24.68 -20.92 -22.22
CA GLU H 8 24.44 -19.59 -21.68
C GLU H 8 22.96 -19.35 -21.43
N ILE H 9 22.10 -19.82 -22.34
CA ILE H 9 20.67 -19.68 -22.14
C ILE H 9 20.23 -20.45 -20.91
N HIS H 10 20.79 -21.66 -20.72
CA HIS H 10 20.41 -22.46 -19.57
C HIS H 10 20.79 -21.78 -18.26
N ARG H 11 21.98 -21.17 -18.20
CA ARG H 11 22.36 -20.45 -16.99
C ARG H 11 21.55 -19.17 -16.81
N ASN H 12 21.33 -18.43 -17.89
CA ASN H 12 20.49 -17.23 -17.78
C ASN H 12 19.11 -17.60 -17.28
N LEU H 13 18.61 -18.76 -17.70
CA LEU H 13 17.33 -19.26 -17.17
C LEU H 13 17.47 -19.64 -15.70
N LYS H 14 18.63 -20.17 -15.30
CA LYS H 14 18.87 -20.37 -13.88
C LYS H 14 18.86 -19.05 -13.14
N GLY H 15 19.48 -18.02 -13.72
CA GLY H 15 19.40 -16.69 -13.15
C GLY H 15 18.02 -16.10 -13.22
N LEU H 16 17.18 -16.57 -14.15
CA LEU H 16 15.80 -16.12 -14.20
C LEU H 16 15.00 -16.72 -13.05
N ARG H 17 15.28 -17.97 -12.68
CA ARG H 17 14.55 -18.58 -11.56
C ARG H 17 14.85 -17.82 -10.27
N LYS H 18 16.13 -17.53 -10.03
CA LYS H 18 16.51 -16.74 -8.86
C LYS H 18 15.85 -15.37 -8.90
N TYR H 19 15.79 -14.75 -10.09
CA TYR H 19 15.19 -13.43 -10.19
C TYR H 19 13.70 -13.48 -9.86
N MET H 20 12.99 -14.50 -10.36
CA MET H 20 11.56 -14.61 -10.09
C MET H 20 11.30 -14.91 -8.62
N ALA H 21 12.19 -15.64 -7.96
CA ALA H 21 12.00 -15.90 -6.53
C ALA H 21 12.15 -14.63 -5.71
N GLU H 22 13.08 -13.76 -6.10
CA GLU H 22 13.24 -12.48 -5.39
C GLU H 22 12.04 -11.57 -5.65
N GLN H 23 11.60 -11.46 -6.89
CA GLN H 23 10.46 -10.62 -7.23
C GLN H 23 9.22 -11.02 -6.44
N ALA H 24 9.05 -12.32 -6.12
CA ALA H 24 7.84 -12.78 -5.45
C ALA H 24 7.63 -12.10 -4.11
N LYS H 25 8.69 -11.68 -3.43
CA LYS H 25 8.53 -10.98 -2.17
C LYS H 25 8.02 -9.56 -2.39
N THR H 26 8.61 -8.81 -3.32
CA THR H 26 8.18 -7.44 -3.54
C THR H 26 6.81 -7.39 -4.20
N ASN H 27 6.60 -8.21 -5.23
CA ASN H 27 5.35 -8.25 -5.96
C ASN H 27 4.55 -9.45 -5.45
N LEU H 28 3.46 -9.20 -4.72
CA LEU H 28 2.68 -10.31 -4.20
C LEU H 28 1.76 -10.87 -5.29
N LYS H 29 1.17 -10.00 -6.12
CA LYS H 29 0.42 -10.48 -7.29
C LYS H 29 1.27 -11.37 -8.18
N LEU H 30 2.58 -11.28 -8.07
CA LEU H 30 3.45 -12.16 -8.83
C LEU H 30 3.22 -13.61 -8.45
N LYS H 31 2.91 -13.85 -7.17
CA LYS H 31 2.64 -15.20 -6.66
C LYS H 31 1.25 -15.71 -7.04
N GLN H 32 0.26 -14.83 -7.16
CA GLN H 32 -1.15 -15.27 -7.15
C GLN H 32 -1.48 -16.22 -8.30
N ARG H 33 -1.10 -15.89 -9.53
CA ARG H 33 -1.46 -16.70 -10.69
C ARG H 33 -0.33 -17.60 -11.15
N MET H 34 0.92 -17.18 -10.94
CA MET H 34 2.07 -17.98 -11.38
C MET H 34 1.99 -19.41 -10.85
N GLY H 35 1.64 -19.56 -9.57
CA GLY H 35 1.51 -20.89 -9.01
C GLY H 35 0.40 -21.69 -9.66
N ASP H 36 -0.73 -21.04 -9.92
CA ASP H 36 -1.91 -21.74 -10.42
C ASP H 36 -1.71 -22.29 -11.83
N MET H 37 -1.01 -21.57 -12.71
CA MET H 37 -0.92 -22.00 -14.11
C MET H 37 0.01 -23.17 -14.37
N ARG H 38 1.13 -23.29 -13.65
CA ARG H 38 2.07 -24.36 -13.94
C ARG H 38 1.39 -25.71 -14.11
N ARG H 39 0.38 -25.98 -13.29
CA ARG H 39 -0.24 -27.30 -13.28
C ARG H 39 -0.93 -27.63 -14.61
N GLU H 40 -1.63 -26.66 -15.21
CA GLU H 40 -2.48 -26.98 -16.35
C GLU H 40 -1.70 -27.34 -17.61
N ILE H 41 -0.47 -26.84 -17.78
CA ILE H 41 0.32 -27.27 -18.93
C ILE H 41 0.84 -28.68 -18.70
N ARG H 42 1.40 -28.95 -17.53
CA ARG H 42 1.83 -30.30 -17.20
C ARG H 42 0.66 -31.26 -17.36
N LYS H 43 -0.54 -30.77 -17.02
CA LYS H 43 -1.76 -31.55 -17.11
C LYS H 43 -2.12 -31.86 -18.57
N SER H 44 -2.04 -30.87 -19.45
CA SER H 44 -2.42 -31.12 -20.84
C SER H 44 -1.43 -32.05 -21.53
N VAL H 45 -0.13 -31.93 -21.24
CA VAL H 45 0.82 -32.87 -21.83
C VAL H 45 0.60 -34.25 -21.25
N GLY H 46 0.36 -34.35 -19.94
CA GLY H 46 0.19 -35.64 -19.31
C GLY H 46 -0.92 -36.43 -19.95
N GLN H 47 -2.01 -35.75 -20.31
CA GLN H 47 -3.12 -36.44 -20.92
C GLN H 47 -2.89 -36.71 -22.41
N LEU H 48 -1.98 -35.97 -23.10
CA LEU H 48 -1.62 -36.33 -24.48
C LEU H 48 -1.16 -37.78 -24.55
N THR H 49 -0.53 -38.27 -23.49
CA THR H 49 -0.13 -39.66 -23.43
C THR H 49 -1.34 -40.57 -23.51
N THR H 50 -2.52 -40.03 -23.28
CA THR H 50 -3.77 -40.78 -23.32
C THR H 50 -4.85 -40.03 -24.09
N ALA H 55 -12.82 -37.44 -24.95
CA ALA H 55 -12.01 -36.24 -25.13
C ALA H 55 -11.60 -36.09 -26.60
N ASN H 56 -11.89 -34.92 -27.17
CA ASN H 56 -11.72 -34.71 -28.61
C ASN H 56 -10.55 -33.79 -28.95
N LYS H 57 -9.34 -34.18 -28.58
CA LYS H 57 -8.14 -33.44 -28.99
C LYS H 57 -8.07 -32.05 -28.39
N ASP H 58 -8.95 -31.70 -27.47
CA ASP H 58 -8.84 -30.41 -26.82
C ASP H 58 -7.55 -30.32 -26.00
N LYS H 59 -6.89 -31.46 -25.78
CA LYS H 59 -5.62 -31.48 -25.07
C LYS H 59 -4.63 -30.51 -25.68
N GLN H 60 -4.65 -30.41 -27.01
CA GLN H 60 -3.85 -29.43 -27.71
C GLN H 60 -4.48 -28.05 -27.65
N GLN H 61 -5.82 -27.99 -27.61
CA GLN H 61 -6.53 -26.72 -27.54
C GLN H 61 -6.31 -26.03 -26.19
N LYS H 62 -6.32 -26.80 -25.11
CA LYS H 62 -6.11 -26.24 -23.79
C LYS H 62 -4.75 -25.56 -23.67
N ILE H 63 -3.73 -26.13 -24.33
CA ILE H 63 -2.38 -25.60 -24.19
C ILE H 63 -2.23 -24.27 -24.91
N LYS H 64 -2.89 -24.11 -26.07
CA LYS H 64 -2.80 -22.84 -26.78
C LYS H 64 -3.44 -21.71 -25.98
N SER H 65 -4.63 -21.96 -25.43
CA SER H 65 -5.40 -20.93 -24.76
C SER H 65 -4.77 -20.45 -23.45
N ILE H 66 -4.12 -21.34 -22.70
CA ILE H 66 -3.62 -20.99 -21.37
C ILE H 66 -2.48 -19.98 -21.45
N LEU H 67 -1.57 -20.16 -22.41
CA LEU H 67 -0.42 -19.29 -22.50
C LEU H 67 -0.79 -17.87 -22.91
N THR H 68 -1.84 -17.70 -23.72
CA THR H 68 -2.28 -16.36 -24.09
C THR H 68 -2.65 -15.54 -22.85
N GLU H 69 -3.21 -16.18 -21.83
CA GLU H 69 -3.51 -15.49 -20.58
C GLU H 69 -2.24 -14.99 -19.90
N ALA H 70 -1.15 -15.76 -20.00
CA ALA H 70 0.10 -15.37 -19.38
C ALA H 70 0.71 -14.15 -20.06
N LEU H 71 0.46 -13.97 -21.35
CA LEU H 71 1.03 -12.83 -22.07
C LEU H 71 0.34 -11.52 -21.69
N SER H 72 -0.96 -11.55 -21.40
CA SER H 72 -1.64 -10.33 -21.02
C SER H 72 -1.03 -9.69 -19.78
N ASN H 73 -0.46 -10.49 -18.87
CA ASN H 73 0.32 -9.95 -17.77
C ASN H 73 -0.57 -9.19 -16.77
N GLN H 74 -1.71 -9.80 -16.41
CA GLN H 74 -2.63 -9.16 -15.47
C GLN H 74 -1.95 -8.87 -14.13
N VAL H 75 -0.99 -9.70 -13.74
CA VAL H 75 -0.29 -9.58 -12.46
C VAL H 75 0.87 -8.59 -12.50
N GLU H 76 1.07 -7.90 -13.63
CA GLU H 76 2.13 -6.88 -13.72
C GLU H 76 3.50 -7.48 -13.40
N SER H 77 3.91 -8.43 -14.24
CA SER H 77 5.21 -9.08 -14.07
C SER H 77 6.32 -8.23 -14.65
N ALA H 78 7.52 -8.41 -14.10
CA ALA H 78 8.69 -7.65 -14.52
C ALA H 78 9.02 -7.91 -15.99
N LEU H 79 9.76 -6.98 -16.57
CA LEU H 79 10.19 -7.08 -17.96
C LEU H 79 11.57 -7.72 -18.04
N VAL H 80 11.80 -8.47 -19.11
CA VAL H 80 13.05 -9.18 -19.32
C VAL H 80 13.54 -8.94 -20.75
N ASP H 81 14.84 -9.15 -20.95
CA ASP H 81 15.42 -9.05 -22.28
C ASP H 81 15.38 -10.45 -22.89
N PRO H 82 14.53 -10.70 -23.90
CA PRO H 82 14.49 -12.05 -24.47
C PRO H 82 15.76 -12.45 -25.19
N ASN H 83 16.61 -11.49 -25.58
CA ASN H 83 17.85 -11.84 -26.26
C ASN H 83 18.78 -12.65 -25.37
N ASN H 84 18.62 -12.58 -24.05
CA ASN H 84 19.42 -13.42 -23.16
C ASN H 84 18.91 -14.84 -23.11
N PHE H 85 17.82 -15.15 -23.82
CA PHE H 85 17.21 -16.48 -23.76
C PHE H 85 16.95 -17.02 -25.16
N VAL H 86 17.68 -16.53 -26.17
CA VAL H 86 17.58 -17.02 -27.54
C VAL H 86 18.99 -17.09 -28.10
N VAL H 87 19.21 -18.00 -29.04
CA VAL H 87 20.55 -18.19 -29.60
C VAL H 87 21.01 -16.95 -30.33
N GLU H 88 20.18 -16.44 -31.25
CA GLU H 88 20.52 -15.29 -32.09
C GLU H 88 19.67 -14.08 -31.73
N PRO H 89 20.29 -12.93 -31.45
CA PRO H 89 19.50 -11.70 -31.26
C PRO H 89 18.64 -11.40 -32.47
N ARG H 90 17.36 -11.11 -32.21
CA ARG H 90 16.36 -10.92 -33.25
C ARG H 90 16.08 -9.44 -33.48
N LYS H 91 15.87 -9.06 -34.77
CA LYS H 91 15.54 -7.69 -35.15
C LYS H 91 14.03 -7.54 -35.33
N PRO H 92 13.50 -6.33 -35.13
CA PRO H 92 12.08 -6.11 -35.46
C PRO H 92 11.85 -6.35 -36.93
N VAL H 93 10.83 -7.15 -37.25
CA VAL H 93 10.51 -7.48 -38.63
C VAL H 93 9.25 -6.74 -39.04
N GLU H 94 9.25 -6.20 -40.26
CA GLU H 94 8.10 -5.48 -40.75
C GLU H 94 6.91 -6.43 -40.86
N GLY H 95 5.77 -6.02 -40.30
CA GLY H 95 4.59 -6.86 -40.31
C GLY H 95 4.57 -7.94 -39.25
N ALA H 96 5.57 -7.97 -38.38
CA ALA H 96 5.65 -9.01 -37.35
C ALA H 96 4.54 -8.84 -36.32
N THR H 97 4.21 -9.96 -35.68
CA THR H 97 3.14 -10.01 -34.69
C THR H 97 3.55 -9.48 -33.33
N ASN H 98 4.85 -9.33 -33.05
CA ASN H 98 5.30 -8.84 -31.75
C ASN H 98 6.75 -8.37 -31.92
N ASN H 99 6.94 -7.06 -32.00
CA ASN H 99 8.28 -6.48 -32.10
C ASN H 99 8.73 -5.80 -30.82
N ASP H 100 7.94 -5.85 -29.76
CA ASP H 100 8.29 -5.17 -28.52
C ASP H 100 9.66 -5.63 -28.03
N PRO H 101 10.50 -4.71 -27.54
CA PRO H 101 11.85 -5.11 -27.12
C PRO H 101 11.89 -5.92 -25.84
N LEU H 102 10.85 -5.84 -25.00
CA LEU H 102 10.80 -6.56 -23.74
C LEU H 102 9.57 -7.47 -23.72
N LEU H 103 9.60 -8.43 -22.82
CA LEU H 103 8.51 -9.39 -22.66
C LEU H 103 8.23 -9.60 -21.20
N PRO H 104 7.03 -10.09 -20.86
CA PRO H 104 6.71 -10.36 -19.44
C PRO H 104 7.62 -11.42 -18.86
N SER H 105 8.13 -11.16 -17.66
CA SER H 105 8.96 -12.15 -16.99
C SER H 105 8.19 -13.44 -16.71
N ILE H 106 6.86 -13.37 -16.65
CA ILE H 106 6.07 -14.57 -16.48
C ILE H 106 6.03 -15.39 -17.75
N PHE H 107 6.06 -14.74 -18.91
CA PHE H 107 6.00 -15.47 -20.17
C PHE H 107 7.28 -16.25 -20.44
N VAL H 108 8.42 -15.57 -20.43
CA VAL H 108 9.68 -16.27 -20.60
C VAL H 108 9.82 -17.37 -19.56
N TYR H 109 9.36 -17.11 -18.34
CA TYR H 109 9.47 -18.10 -17.27
C TYR H 109 8.55 -19.28 -17.53
N LEU H 110 7.29 -19.00 -17.93
CA LEU H 110 6.32 -20.05 -18.17
C LEU H 110 6.63 -20.84 -19.44
N ILE H 111 7.22 -20.19 -20.45
CA ILE H 111 7.73 -20.94 -21.59
C ILE H 111 8.80 -21.92 -21.13
N ASN H 112 9.65 -21.49 -20.20
CA ASN H 112 10.67 -22.37 -19.66
C ASN H 112 10.04 -23.53 -18.88
N ILE H 113 8.90 -23.30 -18.24
CA ILE H 113 8.19 -24.38 -17.56
C ILE H 113 7.59 -25.33 -18.58
N PHE H 114 7.09 -24.79 -19.70
CA PHE H 114 6.54 -25.63 -20.75
C PHE H 114 7.61 -26.55 -21.33
N ALA H 115 8.85 -26.07 -21.43
CA ALA H 115 9.92 -26.91 -21.95
C ALA H 115 10.23 -28.05 -20.99
N LYS H 116 10.31 -27.77 -19.69
CA LYS H 116 10.53 -28.83 -18.71
C LYS H 116 9.42 -29.87 -18.77
N ALA H 117 8.18 -29.44 -19.01
CA ALA H 117 7.08 -30.40 -19.07
C ALA H 117 7.28 -31.36 -20.24
N ALA H 118 7.76 -30.86 -21.37
CA ALA H 118 8.01 -31.73 -22.51
C ALA H 118 9.25 -32.60 -22.29
N ILE H 119 10.30 -32.02 -21.72
CA ILE H 119 11.52 -32.79 -21.44
C ILE H 119 11.21 -33.93 -20.47
N SER H 120 10.47 -33.65 -19.41
CA SER H 120 10.19 -34.68 -18.41
C SER H 120 9.36 -35.80 -19.02
N GLN H 121 8.45 -35.47 -19.93
CA GLN H 121 7.65 -36.50 -20.58
C GLN H 121 8.53 -37.39 -21.46
N PHE H 122 9.46 -36.80 -22.20
CA PHE H 122 10.40 -37.60 -23.00
C PHE H 122 11.22 -38.53 -22.12
N ILE H 123 11.70 -38.04 -20.98
CA ILE H 123 12.57 -38.86 -20.13
C ILE H 123 11.77 -39.95 -19.43
N ASN H 124 10.72 -39.55 -18.73
CA ASN H 124 10.07 -40.43 -17.78
C ASN H 124 9.10 -41.39 -18.44
N GLU H 125 8.53 -41.04 -19.59
CA GLU H 125 7.60 -41.92 -20.27
C GLU H 125 8.12 -42.40 -21.63
N ALA H 126 8.62 -41.51 -22.48
CA ALA H 126 9.06 -41.91 -23.81
C ALA H 126 10.29 -42.81 -23.76
N GLY H 127 10.97 -42.85 -22.62
CA GLY H 127 12.08 -43.77 -22.46
C GLY H 127 11.65 -45.21 -22.50
N ALA H 128 10.46 -45.52 -22.01
CA ALA H 128 9.93 -46.88 -22.04
C ALA H 128 9.05 -47.16 -23.26
N ARG H 129 8.43 -46.13 -23.83
CA ARG H 129 7.56 -46.32 -24.99
C ARG H 129 7.83 -45.23 -26.04
N PRO H 130 8.65 -45.53 -27.04
CA PRO H 130 8.95 -44.51 -28.06
C PRO H 130 7.70 -43.94 -28.72
N GLU H 131 6.54 -44.60 -28.60
CA GLU H 131 5.32 -44.10 -29.20
C GLU H 131 4.87 -42.78 -28.57
N THR H 132 5.16 -42.57 -27.30
CA THR H 132 4.68 -41.39 -26.59
C THR H 132 5.45 -40.13 -26.96
N ALA H 133 6.52 -40.25 -27.76
CA ALA H 133 7.29 -39.08 -28.13
C ALA H 133 6.64 -38.29 -29.26
N ASP H 134 5.99 -38.97 -30.21
CA ASP H 134 5.43 -38.26 -31.35
C ASP H 134 4.28 -37.34 -30.94
N PRO H 135 3.28 -37.79 -30.19
CA PRO H 135 2.18 -36.86 -29.83
C PRO H 135 2.66 -35.63 -29.07
N VAL H 136 3.66 -35.80 -28.19
CA VAL H 136 4.20 -34.65 -27.48
C VAL H 136 4.87 -33.69 -28.47
N GLY H 137 5.70 -34.22 -29.35
CA GLY H 137 6.37 -33.38 -30.33
C GLY H 137 5.38 -32.58 -31.17
N ILE H 138 4.24 -33.19 -31.52
CA ILE H 138 3.22 -32.47 -32.27
C ILE H 138 2.75 -31.25 -31.48
N CYS H 139 2.49 -31.45 -30.18
CA CYS H 139 1.99 -30.37 -29.35
C CYS H 139 3.02 -29.28 -29.15
N VAL H 140 4.27 -29.66 -28.88
CA VAL H 140 5.31 -28.67 -28.62
C VAL H 140 5.43 -27.69 -29.80
N ALA H 141 5.46 -28.22 -31.03
CA ALA H 141 5.67 -27.37 -32.19
C ALA H 141 4.49 -26.44 -32.46
N ALA H 142 3.26 -26.93 -32.27
CA ALA H 142 2.09 -26.10 -32.53
C ALA H 142 2.08 -24.87 -31.64
N ILE H 143 2.38 -25.07 -30.36
CA ILE H 143 2.22 -24.02 -29.36
C ILE H 143 3.27 -22.93 -29.56
N LEU H 144 4.55 -23.30 -29.50
CA LEU H 144 5.61 -22.30 -29.54
C LEU H 144 5.68 -21.55 -30.86
N SER H 145 5.08 -22.08 -31.92
CA SER H 145 5.05 -21.42 -33.21
C SER H 145 3.80 -20.59 -33.44
N GLU H 146 2.85 -20.63 -32.52
CA GLU H 146 1.62 -19.87 -32.69
C GLU H 146 1.95 -18.38 -32.83
N PRO H 147 1.29 -17.66 -33.75
CA PRO H 147 1.63 -16.24 -33.96
C PRO H 147 1.60 -15.39 -32.70
N ASP H 148 0.67 -15.64 -31.78
CA ASP H 148 0.66 -14.88 -30.53
C ASP H 148 1.99 -15.02 -29.79
N PHE H 149 2.72 -16.11 -30.05
CA PHE H 149 3.93 -16.51 -29.32
C PHE H 149 5.22 -16.34 -30.10
N LEU H 150 5.18 -15.72 -31.27
CA LEU H 150 6.40 -15.41 -31.99
C LEU H 150 6.91 -14.06 -31.52
N TRP H 151 8.14 -14.02 -31.01
CA TRP H 151 8.78 -12.78 -30.61
C TRP H 151 9.66 -12.32 -31.77
N ARG H 152 9.19 -11.29 -32.47
CA ARG H 152 9.92 -10.74 -33.61
C ARG H 152 10.00 -11.77 -34.73
N GLY H 153 8.92 -12.52 -34.94
CA GLY H 153 8.85 -13.45 -36.04
C GLY H 153 9.38 -14.84 -35.78
N ALA H 154 9.87 -15.12 -34.57
CA ALA H 154 10.52 -16.40 -34.29
C ALA H 154 9.89 -17.04 -33.06
N SER H 155 10.04 -18.38 -33.00
CA SER H 155 9.27 -19.24 -32.12
C SER H 155 9.70 -19.29 -30.67
N LEU H 156 10.93 -18.90 -30.34
CA LEU H 156 11.48 -19.03 -28.98
C LEU H 156 11.67 -20.50 -28.60
N ILE H 157 11.79 -21.39 -29.59
CA ILE H 157 12.02 -22.80 -29.30
C ILE H 157 13.33 -22.99 -28.57
N ASP H 158 14.27 -22.06 -28.78
CA ASP H 158 15.62 -22.18 -28.23
C ASP H 158 15.60 -22.40 -26.73
N ILE H 159 14.50 -22.05 -26.04
CA ILE H 159 14.39 -22.36 -24.63
C ILE H 159 14.35 -23.86 -24.43
N LEU H 160 13.68 -24.57 -25.34
CA LEU H 160 13.59 -26.02 -25.28
C LEU H 160 14.88 -26.68 -25.73
N ILE H 161 15.44 -26.22 -26.86
CA ILE H 161 16.65 -26.84 -27.38
C ILE H 161 17.77 -26.72 -26.37
N ALA H 162 17.79 -25.62 -25.61
CA ALA H 162 18.83 -25.45 -24.61
C ALA H 162 18.77 -26.57 -23.58
N LYS H 163 17.60 -27.15 -23.37
CA LYS H 163 17.48 -28.26 -22.42
C LYS H 163 17.94 -29.57 -23.05
N PHE H 164 17.59 -29.81 -24.33
CA PHE H 164 18.14 -30.96 -25.03
C PHE H 164 19.65 -30.98 -24.96
N ARG H 165 20.28 -29.79 -24.96
CA ARG H 165 21.73 -29.73 -24.92
C ARG H 165 22.27 -30.25 -23.59
N ILE H 166 21.53 -30.04 -22.50
CA ILE H 166 22.00 -30.51 -21.20
C ILE H 166 21.74 -32.00 -21.04
N VAL H 167 20.55 -32.47 -21.43
CA VAL H 167 20.15 -33.85 -21.17
C VAL H 167 20.53 -34.81 -22.29
N CYS H 168 20.94 -34.31 -23.45
CA CYS H 168 21.34 -35.19 -24.54
C CYS H 168 22.40 -34.49 -25.39
N PRO H 169 23.58 -34.22 -24.84
CA PRO H 169 24.60 -33.46 -25.60
C PRO H 169 25.06 -34.16 -26.87
N VAL H 170 24.86 -35.47 -27.00
CA VAL H 170 25.35 -36.17 -28.18
C VAL H 170 24.68 -35.65 -29.44
N LEU H 171 23.44 -35.19 -29.33
CA LEU H 171 22.75 -34.62 -30.48
C LEU H 171 23.45 -33.40 -31.04
N PHE H 172 24.35 -32.77 -30.26
CA PHE H 172 25.00 -31.54 -30.64
C PHE H 172 26.50 -31.72 -30.86
N GLY H 173 26.94 -32.95 -31.10
CA GLY H 173 28.31 -33.22 -31.47
C GLY H 173 29.23 -33.61 -30.33
N TYR H 174 28.73 -33.63 -29.10
CA TYR H 174 29.58 -33.96 -27.96
C TYR H 174 29.79 -35.45 -27.87
N ARG H 175 31.00 -35.83 -27.50
CA ARG H 175 31.40 -37.23 -27.42
C ARG H 175 32.04 -37.48 -26.06
N GLY H 176 32.33 -38.75 -25.78
CA GLY H 176 32.94 -39.08 -24.52
C GLY H 176 32.97 -40.58 -24.30
N SER H 177 33.76 -40.97 -23.31
CA SER H 177 33.89 -42.37 -22.91
C SER H 177 33.03 -42.62 -21.68
N GLU H 178 32.24 -43.67 -21.74
CA GLU H 178 31.38 -44.07 -20.63
C GLU H 178 32.20 -44.63 -19.46
N LYS H 179 33.51 -44.78 -19.62
CA LYS H 179 34.37 -45.34 -18.59
C LYS H 179 34.93 -44.29 -17.66
N THR H 180 35.11 -43.06 -18.13
CA THR H 180 35.69 -42.00 -17.34
C THR H 180 34.62 -41.05 -16.80
N GLU H 181 34.97 -40.36 -15.71
CA GLU H 181 34.08 -39.36 -15.14
C GLU H 181 33.99 -38.13 -16.03
N GLN H 182 35.11 -37.78 -16.69
CA GLN H 182 35.12 -36.68 -17.64
C GLN H 182 34.24 -36.98 -18.85
N GLY H 183 34.17 -38.25 -19.26
CA GLY H 183 33.40 -38.64 -20.41
C GLY H 183 31.92 -38.80 -20.13
N ARG H 184 31.56 -39.42 -19.01
CA ARG H 184 30.15 -39.58 -18.66
C ARG H 184 29.47 -38.23 -18.49
N GLN H 185 30.21 -37.24 -17.98
CA GLN H 185 29.66 -35.90 -17.84
C GLN H 185 29.33 -35.32 -19.22
N ARG H 186 30.29 -35.39 -20.14
CA ARG H 186 30.09 -34.79 -21.46
C ARG H 186 28.98 -35.49 -22.24
N LEU H 187 28.66 -36.74 -21.90
CA LEU H 187 27.60 -37.48 -22.57
C LEU H 187 26.23 -37.25 -21.94
N GLY H 188 26.15 -36.45 -20.89
CA GLY H 188 24.89 -36.23 -20.22
C GLY H 188 24.46 -37.36 -19.32
N TRP H 189 25.39 -38.21 -18.89
CA TRP H 189 25.07 -39.26 -17.93
C TRP H 189 24.63 -38.61 -16.63
N TRP H 190 23.39 -38.89 -16.23
CA TRP H 190 22.80 -38.19 -15.09
C TRP H 190 23.29 -38.76 -13.77
N LYS H 191 23.06 -38.00 -12.70
CA LYS H 191 23.44 -38.40 -11.34
C LYS H 191 22.23 -38.25 -10.42
N GLU H 192 21.73 -39.37 -9.92
CA GLU H 192 20.70 -39.37 -8.87
C GLU H 192 21.36 -39.59 -7.52
N SER H 193 21.39 -38.54 -6.69
CA SER H 193 21.90 -38.61 -5.31
C SER H 193 23.43 -38.76 -5.27
N GLY H 194 24.13 -37.93 -6.03
CA GLY H 194 25.57 -37.82 -5.95
C GLY H 194 26.38 -38.76 -6.83
N GLN H 195 25.91 -39.98 -6.96
CA GLN H 195 26.58 -41.03 -7.73
C GLN H 195 25.86 -41.28 -9.04
N TRP H 196 26.61 -41.75 -10.03
CA TRP H 196 26.07 -41.93 -11.37
C TRP H 196 24.86 -42.85 -11.33
N ILE H 197 23.88 -42.56 -12.17
CA ILE H 197 22.70 -43.40 -12.28
C ILE H 197 23.10 -44.70 -12.96
N SER H 198 22.23 -45.71 -12.91
CA SER H 198 22.53 -46.98 -13.56
C SER H 198 22.60 -46.79 -15.07
N GLU H 199 23.33 -47.70 -15.72
CA GLU H 199 23.48 -47.62 -17.17
C GLU H 199 22.16 -47.85 -17.88
N GLN H 200 21.28 -48.67 -17.32
CA GLN H 200 19.99 -48.92 -17.97
C GLN H 200 19.10 -47.68 -17.88
N GLN H 201 19.12 -47.00 -16.74
CA GLN H 201 18.37 -45.76 -16.59
C GLN H 201 18.96 -44.66 -17.45
N HIS H 202 20.28 -44.68 -17.65
CA HIS H 202 20.92 -43.75 -18.58
C HIS H 202 20.42 -43.97 -20.01
N MET H 203 20.54 -45.21 -20.50
CA MET H 203 20.10 -45.52 -21.86
C MET H 203 18.61 -45.30 -22.03
N ASP H 204 17.83 -45.44 -20.95
CA ASP H 204 16.40 -45.14 -21.04
C ASP H 204 16.17 -43.65 -21.27
N ARG H 205 16.90 -42.80 -20.54
CA ARG H 205 16.86 -41.37 -20.81
C ARG H 205 17.22 -41.07 -22.25
N MET H 206 18.34 -41.65 -22.73
CA MET H 206 18.81 -41.38 -24.08
C MET H 206 17.79 -41.81 -25.13
N THR H 207 17.10 -42.93 -24.90
CA THR H 207 16.14 -43.40 -25.90
C THR H 207 14.95 -42.45 -26.00
N GLY H 208 14.40 -42.02 -24.88
CA GLY H 208 13.26 -41.11 -24.92
C GLY H 208 13.61 -39.76 -25.50
N LEU H 209 14.78 -39.22 -25.13
CA LEU H 209 15.20 -37.93 -25.66
C LEU H 209 15.52 -38.02 -27.14
N GLY H 210 16.13 -39.13 -27.57
CA GLY H 210 16.37 -39.31 -29.00
C GLY H 210 15.08 -39.39 -29.79
N ALA H 211 14.11 -40.15 -29.28
CA ALA H 211 12.81 -40.21 -29.93
C ALA H 211 12.08 -38.87 -29.83
N GLY H 212 12.25 -38.16 -28.71
CA GLY H 212 11.65 -36.84 -28.59
C GLY H 212 12.24 -35.85 -29.56
N PHE H 213 13.56 -35.86 -29.73
CA PHE H 213 14.20 -34.95 -30.67
C PHE H 213 13.66 -35.17 -32.08
N ALA H 214 13.52 -36.43 -32.49
CA ALA H 214 12.92 -36.72 -33.78
C ALA H 214 11.47 -36.24 -33.84
N ALA H 215 10.77 -36.27 -32.71
CA ALA H 215 9.37 -35.85 -32.68
C ALA H 215 9.22 -34.37 -33.00
N ILE H 216 10.14 -33.53 -32.52
CA ILE H 216 10.03 -32.09 -32.75
C ILE H 216 10.67 -31.66 -34.07
N SER H 217 11.68 -32.38 -34.54
CA SER H 217 12.43 -31.95 -35.72
C SER H 217 11.91 -32.53 -37.03
N LEU H 218 11.03 -33.51 -37.01
CA LEU H 218 10.51 -34.14 -38.23
C LEU H 218 9.02 -33.84 -38.40
N ARG H 219 8.66 -32.61 -38.10
CA ARG H 219 7.31 -32.11 -38.28
C ARG H 219 7.07 -31.60 -39.69
N LYS H 220 5.82 -31.75 -40.15
CA LYS H 220 5.36 -31.31 -41.45
C LYS H 220 4.49 -30.07 -41.28
N PHE H 221 4.98 -28.93 -41.78
CA PHE H 221 4.27 -27.66 -41.67
C PHE H 221 3.85 -27.09 -43.02
N ALA H 222 4.24 -27.70 -44.14
CA ALA H 222 3.80 -27.20 -45.44
C ALA H 222 2.28 -27.23 -45.55
N LEU H 223 1.64 -28.13 -44.81
CA LEU H 223 0.18 -28.21 -44.81
C LEU H 223 -0.41 -26.96 -44.19
N SER H 224 0.17 -26.50 -43.09
CA SER H 224 -0.31 -25.30 -42.39
C SER H 224 0.47 -24.08 -42.87
N LYS H 225 -0.13 -22.91 -42.65
CA LYS H 225 0.52 -21.65 -42.97
C LYS H 225 1.40 -21.13 -41.83
N LYS H 226 1.42 -21.81 -40.69
CA LYS H 226 2.29 -21.43 -39.59
C LYS H 226 3.71 -21.89 -39.89
N GLN H 227 4.69 -21.17 -39.34
CA GLN H 227 6.09 -21.47 -39.62
C GLN H 227 6.62 -22.53 -38.67
N ASN H 228 7.33 -23.50 -39.23
CA ASN H 228 7.90 -24.59 -38.44
C ASN H 228 8.91 -24.04 -37.44
N PRO H 229 8.71 -24.20 -36.13
CA PRO H 229 9.67 -23.65 -35.17
C PRO H 229 10.99 -24.39 -35.15
N TYR H 230 11.02 -25.66 -35.55
CA TYR H 230 12.25 -26.46 -35.52
C TYR H 230 12.23 -27.42 -36.71
N PRO H 231 12.54 -26.92 -37.90
CA PRO H 231 12.34 -27.72 -39.11
C PRO H 231 13.32 -28.89 -39.18
N PRO H 232 13.12 -29.81 -40.12
CA PRO H 232 13.96 -31.02 -40.18
C PRO H 232 15.42 -30.80 -40.51
N ARG H 233 15.84 -29.59 -40.87
CA ARG H 233 17.28 -29.38 -41.08
C ARG H 233 18.05 -29.73 -39.82
N PHE H 234 17.43 -29.59 -38.65
CA PHE H 234 18.09 -29.89 -37.39
C PHE H 234 18.17 -31.40 -37.14
N TYR H 235 17.22 -32.16 -37.67
CA TYR H 235 17.32 -33.61 -37.63
C TYR H 235 18.51 -34.10 -38.46
N TRP H 236 18.68 -33.54 -39.66
CA TRP H 236 19.82 -33.89 -40.49
C TRP H 236 21.14 -33.56 -39.78
N MET H 237 21.24 -32.35 -39.23
CA MET H 237 22.48 -31.92 -38.59
C MET H 237 22.81 -32.79 -37.39
N ALA H 238 21.81 -33.12 -36.57
CA ALA H 238 22.06 -33.95 -35.40
C ALA H 238 22.58 -35.33 -35.81
N MET H 239 21.96 -35.96 -36.81
CA MET H 239 22.40 -37.28 -37.26
C MET H 239 23.84 -37.24 -37.77
N ALA H 240 24.16 -36.24 -38.60
CA ALA H 240 25.49 -36.18 -39.20
C ALA H 240 26.58 -36.08 -38.13
N LYS H 241 26.33 -35.33 -37.07
CA LYS H 241 27.32 -35.18 -36.01
C LYS H 241 27.58 -36.50 -35.29
N ILE H 242 26.56 -37.34 -35.17
CA ILE H 242 26.72 -38.63 -34.49
C ILE H 242 27.45 -39.63 -35.39
N VAL H 243 26.96 -39.80 -36.63
CA VAL H 243 27.49 -40.83 -37.51
C VAL H 243 28.92 -40.52 -37.98
N ASN H 244 29.34 -39.27 -37.94
CA ASN H 244 30.70 -38.91 -38.34
C ASN H 244 31.71 -39.05 -37.20
N THR H 245 31.28 -39.55 -36.06
CA THR H 245 32.20 -39.73 -34.94
C THR H 245 33.35 -40.66 -35.33
N PRO H 246 34.60 -40.30 -35.03
CA PRO H 246 35.71 -41.22 -35.30
C PRO H 246 35.63 -42.45 -34.43
N PRO H 247 36.04 -43.62 -34.94
CA PRO H 247 35.86 -44.87 -34.18
C PRO H 247 36.39 -44.81 -32.75
N ALA H 248 37.51 -44.11 -32.52
CA ALA H 248 38.08 -44.08 -31.17
C ALA H 248 37.14 -43.45 -30.16
N GLU H 249 36.23 -42.58 -30.60
CA GLU H 249 35.37 -41.81 -29.71
C GLU H 249 33.93 -42.30 -29.66
N ILE H 250 33.58 -43.36 -30.42
CA ILE H 250 32.20 -43.83 -30.43
C ILE H 250 31.83 -44.42 -29.07
N SER H 251 30.57 -44.21 -28.67
CA SER H 251 30.05 -44.71 -27.41
C SER H 251 28.68 -45.33 -27.62
N ASN H 252 28.26 -46.16 -26.67
CA ASN H 252 26.92 -46.76 -26.75
C ASN H 252 25.84 -45.69 -26.62
N THR H 253 26.09 -44.64 -25.85
CA THR H 253 25.14 -43.54 -25.74
C THR H 253 24.74 -43.04 -27.12
N GLN H 254 25.72 -42.85 -28.00
CA GLN H 254 25.43 -42.41 -29.35
C GLN H 254 24.57 -43.43 -30.10
N CYS H 255 24.91 -44.71 -30.00
CA CYS H 255 24.18 -45.73 -30.73
C CYS H 255 22.74 -45.82 -30.26
N VAL H 256 22.50 -45.64 -28.96
CA VAL H 256 21.14 -45.70 -28.44
C VAL H 256 20.33 -44.49 -28.90
N VAL H 257 20.90 -43.28 -28.78
CA VAL H 257 20.19 -42.08 -29.21
C VAL H 257 19.89 -42.17 -30.70
N LEU H 258 20.87 -42.59 -31.48
CA LEU H 258 20.67 -42.74 -32.92
C LEU H 258 19.55 -43.72 -33.21
N LYS H 259 19.49 -44.81 -32.45
CA LYS H 259 18.43 -45.80 -32.63
C LYS H 259 17.06 -45.17 -32.43
N ALA H 260 16.91 -44.36 -31.36
CA ALA H 260 15.64 -43.69 -31.10
C ALA H 260 15.32 -42.64 -32.15
N MET H 261 16.34 -41.97 -32.70
CA MET H 261 16.10 -40.97 -33.75
C MET H 261 15.49 -41.60 -34.99
N VAL H 262 15.91 -42.82 -35.33
CA VAL H 262 15.51 -43.44 -36.60
C VAL H 262 14.26 -44.27 -36.41
N GLN H 263 14.25 -45.10 -35.38
CA GLN H 263 13.13 -46.02 -35.15
C GLN H 263 11.83 -45.25 -34.99
N ASN H 264 10.86 -45.57 -35.86
CA ASN H 264 9.50 -45.00 -35.88
C ASN H 264 9.45 -43.71 -36.70
N TYR H 265 10.57 -43.23 -37.23
CA TYR H 265 10.59 -42.00 -38.01
C TYR H 265 11.17 -42.21 -39.40
N GLU H 266 11.33 -43.45 -39.84
CA GLU H 266 11.91 -43.72 -41.16
C GLU H 266 11.03 -43.14 -42.26
N ALA H 267 9.71 -43.32 -42.15
CA ALA H 267 8.80 -42.82 -43.19
C ALA H 267 8.98 -41.32 -43.40
N LYS H 268 8.93 -40.55 -42.31
CA LYS H 268 9.05 -39.10 -42.41
C LYS H 268 10.42 -38.70 -42.96
N PHE H 269 11.49 -39.32 -42.46
CA PHE H 269 12.83 -38.98 -42.91
C PHE H 269 12.98 -39.17 -44.41
N ILE H 270 12.39 -40.22 -44.96
CA ILE H 270 12.50 -40.46 -46.40
C ILE H 270 11.61 -39.49 -47.17
N GLU H 271 10.43 -39.18 -46.62
CA GLU H 271 9.54 -38.23 -47.28
C GLU H 271 10.20 -36.87 -47.47
N PHE H 272 10.97 -36.43 -46.49
CA PHE H 272 11.59 -35.10 -46.57
C PHE H 272 12.79 -35.09 -47.51
N TYR H 273 13.71 -36.04 -47.34
CA TYR H 273 15.00 -35.98 -48.02
C TYR H 273 15.17 -37.10 -49.05
N GLY H 274 14.17 -37.96 -49.23
CA GLY H 274 14.20 -38.96 -50.28
C GLY H 274 15.52 -39.66 -50.48
N SER H 275 16.09 -39.55 -51.69
CA SER H 275 17.34 -40.25 -52.00
C SER H 275 18.46 -39.82 -51.06
N ALA H 276 18.40 -38.59 -50.54
CA ALA H 276 19.43 -38.16 -49.60
C ALA H 276 19.27 -38.83 -48.24
N ALA H 277 18.02 -39.15 -47.86
CA ALA H 277 17.80 -39.87 -46.61
C ALA H 277 18.38 -41.27 -46.67
N ILE H 278 18.24 -41.95 -47.81
CA ILE H 278 18.78 -43.30 -47.96
C ILE H 278 20.29 -43.29 -47.75
N ALA H 279 20.99 -42.36 -48.40
CA ALA H 279 22.43 -42.26 -48.23
C ALA H 279 22.79 -42.04 -46.77
N ALA H 280 21.97 -41.26 -46.05
CA ALA H 280 22.24 -41.02 -44.63
C ALA H 280 21.99 -42.27 -43.81
N LEU H 281 20.90 -43.00 -44.09
CA LEU H 281 20.61 -44.22 -43.36
C LEU H 281 21.68 -45.27 -43.59
N ARG H 282 22.25 -45.33 -44.79
CA ARG H 282 23.36 -46.24 -45.04
C ARG H 282 24.52 -45.93 -44.11
N THR H 283 24.86 -44.64 -43.97
CA THR H 283 25.95 -44.23 -43.09
C THR H 283 25.62 -44.50 -41.62
N ALA H 284 24.34 -44.36 -41.26
CA ALA H 284 23.96 -44.46 -39.85
C ALA H 284 23.76 -45.91 -39.40
N LEU H 285 23.25 -46.78 -40.28
CA LEU H 285 22.89 -48.13 -39.90
C LEU H 285 23.84 -49.20 -40.43
N ILE H 286 24.79 -48.85 -41.30
CA ILE H 286 25.74 -49.80 -41.84
C ILE H 286 27.15 -49.31 -41.57
N ASP H 287 27.51 -48.17 -42.16
CA ASP H 287 28.88 -47.69 -42.02
C ASP H 287 29.21 -47.40 -40.56
N PHE H 288 28.31 -46.71 -39.87
CA PHE H 288 28.58 -46.32 -38.48
C PHE H 288 28.75 -47.51 -37.55
N PRO H 289 27.81 -48.47 -37.48
CA PRO H 289 28.05 -49.62 -36.60
C PRO H 289 29.31 -50.41 -36.94
N ALA H 290 29.64 -50.55 -38.22
CA ALA H 290 30.84 -51.29 -38.61
C ALA H 290 32.11 -50.61 -38.13
N ARG H 291 32.13 -49.28 -38.07
CA ARG H 291 33.33 -48.59 -37.60
C ARG H 291 33.52 -48.73 -36.10
N ALA H 292 32.47 -49.13 -35.37
CA ALA H 292 32.54 -49.14 -33.92
C ALA H 292 33.65 -50.08 -33.46
N PRO H 293 34.43 -49.69 -32.44
CA PRO H 293 35.56 -50.54 -32.03
C PRO H 293 35.14 -51.79 -31.30
N HIS H 294 33.97 -51.79 -30.65
CA HIS H 294 33.51 -52.93 -29.88
C HIS H 294 32.04 -53.14 -30.18
N LYS H 295 31.66 -54.39 -30.47
CA LYS H 295 30.26 -54.70 -30.69
C LYS H 295 29.52 -54.73 -29.36
N SER H 296 28.21 -54.54 -29.43
CA SER H 296 27.37 -54.54 -28.25
C SER H 296 25.91 -54.57 -28.69
N ALA H 297 25.01 -54.72 -27.71
CA ALA H 297 23.59 -54.71 -27.99
C ALA H 297 23.18 -53.40 -28.67
N ALA H 298 23.81 -52.29 -28.31
CA ALA H 298 23.47 -51.02 -28.93
C ALA H 298 23.92 -51.00 -30.38
N VAL H 299 25.17 -51.38 -30.65
CA VAL H 299 25.65 -51.48 -32.02
C VAL H 299 24.84 -52.52 -32.79
N ASN H 300 24.55 -53.65 -32.14
CA ASN H 300 23.77 -54.70 -32.80
C ASN H 300 22.40 -54.16 -33.21
N SER H 301 21.75 -53.40 -32.34
CA SER H 301 20.41 -52.90 -32.64
C SER H 301 20.39 -52.10 -33.94
N LEU H 302 21.42 -51.28 -34.16
CA LEU H 302 21.51 -50.53 -35.41
C LEU H 302 21.60 -51.46 -36.61
N GLU H 303 22.47 -52.47 -36.53
CA GLU H 303 22.62 -53.41 -37.64
C GLU H 303 21.32 -54.13 -37.93
N VAL H 304 20.51 -54.40 -36.90
CA VAL H 304 19.23 -55.06 -37.11
C VAL H 304 18.32 -54.16 -37.95
N LEU H 305 18.30 -52.86 -37.67
CA LEU H 305 17.45 -51.94 -38.42
C LEU H 305 17.84 -51.91 -39.89
N ALA H 306 19.14 -52.00 -40.21
CA ALA H 306 19.56 -52.04 -41.60
C ALA H 306 18.91 -53.21 -42.34
N GLN H 307 18.83 -54.36 -41.68
CA GLN H 307 18.21 -55.53 -42.29
C GLN H 307 16.71 -55.32 -42.48
N MET H 308 16.04 -54.72 -41.49
CA MET H 308 14.60 -54.53 -41.59
C MET H 308 14.24 -53.69 -42.80
N LEU H 309 15.03 -52.64 -43.07
CA LEU H 309 14.74 -51.73 -44.16
C LEU H 309 15.00 -52.34 -45.54
N LYS H 310 15.95 -53.27 -45.66
CA LYS H 310 16.13 -53.93 -46.96
C LYS H 310 14.85 -54.62 -47.37
N ARG H 311 14.09 -55.12 -46.40
CA ARG H 311 12.77 -55.65 -46.72
C ARG H 311 11.94 -54.55 -47.38
N ASP H 312 12.01 -53.35 -46.82
CA ASP H 312 11.28 -52.19 -47.33
C ASP H 312 11.95 -51.61 -48.57
N THR H 313 13.28 -51.47 -48.55
CA THR H 313 14.00 -50.82 -49.63
C THR H 313 13.95 -51.62 -50.92
N GLY H 314 13.85 -52.95 -50.83
CA GLY H 314 13.90 -53.79 -52.01
C GLY H 314 15.26 -53.89 -52.66
O1 MES I . -6.16 3.62 29.64
C2 MES I . -7.03 4.32 28.78
C3 MES I . -8.48 4.08 29.12
N4 MES I . -8.58 3.22 30.35
C5 MES I . -7.83 1.95 30.15
C6 MES I . -6.45 2.24 29.60
C7 MES I . -8.19 3.92 31.63
C8 MES I . -8.98 5.18 31.91
S MES I . -10.31 4.90 33.06
O1S MES I . -9.79 5.24 34.38
O2S MES I . -11.38 5.79 32.65
O3S MES I . -10.67 3.50 32.94
H21 MES I . -6.80 4.10 27.73
H22 MES I . -6.76 5.36 28.93
H31 MES I . -9.02 5.02 29.20
H32 MES I . -8.97 3.57 28.30
HN4 MES I . -9.56 2.97 30.45
H51 MES I . -8.39 1.28 29.49
H52 MES I . -7.75 1.40 31.09
H61 MES I . -5.67 1.64 30.07
H62 MES I . -6.40 2.00 28.53
H71 MES I . -8.33 3.20 32.44
H72 MES I . -7.12 4.14 31.63
H81 MES I . -8.33 5.92 32.36
H82 MES I . -9.39 5.70 31.04
O1 MES J . -40.88 25.12 16.47
C2 MES J . -39.67 25.13 15.72
C3 MES J . -39.67 24.04 14.68
N4 MES J . -39.87 22.71 15.33
C5 MES J . -41.09 22.73 16.20
C6 MES J . -41.02 23.89 17.16
C7 MES J . -39.93 21.62 14.29
C8 MES J . -39.99 20.22 14.87
S MES J . -40.53 19.03 13.68
O1S MES J . -40.13 19.55 12.38
O2S MES J . -41.98 18.92 13.81
O3S MES J . -39.85 17.78 14.01
H21 MES J . -38.80 25.08 16.38
H22 MES J . -39.66 26.11 15.25
H31 MES J . -40.45 24.21 13.94
H32 MES J . -38.74 24.03 14.12
HN4 MES J . -39.06 22.52 15.92
H51 MES J . -41.20 21.79 16.75
H52 MES J . -41.99 22.79 15.59
H61 MES J . -41.85 23.90 17.86
H62 MES J . -40.12 23.84 17.77
H71 MES J . -40.81 21.80 13.68
H72 MES J . -39.07 21.70 13.62
H81 MES J . -39.03 19.90 15.25
H82 MES J . -40.65 20.12 15.74
O1 MES K . -15.46 48.55 -0.81
C2 MES K . -16.45 49.14 -1.65
C3 MES K . -16.21 48.80 -3.10
N4 MES K . -14.86 49.26 -3.51
C5 MES K . -13.83 48.69 -2.59
C6 MES K . -14.18 49.03 -1.16
C7 MES K . -14.57 48.91 -4.95
C8 MES K . -13.61 49.89 -5.60
S MES K . -13.60 49.74 -7.37
O1S MES K . -12.58 50.66 -7.85
O2S MES K . -14.93 50.11 -7.82
O3S MES K . -13.27 48.36 -7.66
H21 MES K . -16.51 50.22 -1.48
H22 MES K . -17.38 48.72 -1.28
H31 MES K . -16.99 49.26 -3.72
H32 MES K . -16.32 47.73 -3.26
HN4 MES K . -14.83 50.27 -3.43
H51 MES K . -12.84 49.06 -2.86
H52 MES K . -13.76 47.61 -2.72
H61 MES K . -13.42 48.68 -0.46
H62 MES K . -14.26 50.11 -1.02
H71 MES K . -14.15 47.90 -4.98
H72 MES K . -15.50 48.87 -5.52
H81 MES K . -13.85 50.92 -5.35
H82 MES K . -12.58 49.77 -5.25
O1 MES L . 21.37 -2.12 7.55
C2 MES L . 22.01 -2.96 6.59
C3 MES L . 21.01 -3.55 5.62
N4 MES L . 19.99 -4.34 6.37
C5 MES L . 19.36 -3.48 7.41
C6 MES L . 20.43 -2.88 8.30
C7 MES L . 18.92 -4.92 5.48
C8 MES L . 19.47 -5.93 4.46
S MES L . 19.56 -7.56 5.10
O1S MES L . 19.16 -8.45 4.02
O2S MES L . 18.63 -7.62 6.23
O3S MES L . 20.94 -7.77 5.52
H21 MES L . 22.63 -3.72 7.05
H22 MES L . 22.69 -2.28 6.07
H31 MES L . 21.54 -4.16 4.88
H32 MES L . 20.52 -2.77 5.05
HN4 MES L . 20.46 -5.11 6.84
H51 MES L . 18.76 -2.70 6.95
H52 MES L . 18.66 -4.05 8.01
H61 MES L . 20.90 -3.64 8.93
H62 MES L . 20.00 -2.15 8.98
H71 MES L . 18.46 -4.10 4.94
H72 MES L . 18.13 -5.36 6.07
H81 MES L . 20.45 -5.66 4.07
H82 MES L . 18.87 -5.97 3.56
O1 MES M . 0.94 -27.49 -35.05
C2 MES M . 0.69 -27.19 -36.43
C3 MES M . 0.45 -28.45 -37.23
N4 MES M . 1.64 -29.35 -37.11
C5 MES M . 1.90 -29.62 -35.66
C6 MES M . 2.09 -28.32 -34.93
C7 MES M . 1.48 -30.63 -37.89
C8 MES M . 2.74 -31.48 -37.90
S MES M . 2.38 -33.18 -37.51
O1S MES M . 1.67 -33.17 -36.24
O2S MES M . 1.56 -33.68 -38.60
O3S MES M . 3.67 -33.86 -37.42
H21 MES M . 1.46 -26.57 -36.85
H22 MES M . -0.22 -26.59 -36.39
H31 MES M . 0.26 -28.21 -38.27
H32 MES M . -0.44 -28.98 -36.88
HN4 MES M . 2.45 -28.87 -37.49
H51 MES M . 1.08 -30.19 -35.23
H52 MES M . 2.78 -30.25 -35.51
H61 MES M . 3.00 -27.80 -35.24
H62 MES M . 2.21 -28.52 -33.87
H71 MES M . 1.21 -30.36 -38.91
H72 MES M . 0.64 -31.20 -37.49
H81 MES M . 3.22 -31.47 -38.87
H82 MES M . 3.52 -31.12 -37.24
#